data_8R2P
#
_entry.id   8R2P
#
_cell.length_a   73.260
_cell.length_b   196.760
_cell.length_c   208.053
_cell.angle_alpha   90.00
_cell.angle_beta   90.00
_cell.angle_gamma   90.00
#
_symmetry.space_group_name_H-M   'P 21 21 21'
#
loop_
_entity.id
_entity.type
_entity.pdbx_description
1 polymer 'Putrescine aminotransferase,Immunoglobulin G-binding protein A'
2 non-polymer "PYRIDOXAL-5'-PHOSPHATE"
3 water water
#
_entity_poly.entity_id   1
_entity_poly.type   'polypeptide(L)'
_entity_poly.pdbx_seq_one_letter_code
;GSSHHHHHHYYLESASALACSAHALNLIEKRTLDHEEMKALNREVIEYFKEHVNPGFLEYRKSVTAGGDYGAVEWQAGSL
NTLVDTQGQEFIDCLGGFGIFNVGHRNPVVVSAVQNQLAKQPLHSQELLDPLRAMLAKTLAALTPGKLKYSFFCNSGTES
VEAALKLAKAYQSPRGKFTFIATSGAFHGKSLGALSATAKSTFRKPFMPLLPGFRHVPFGNIEAMRTALNECKKTGDDVA
AVILEPIQGEGGVILPPPGYLTAVRKLCDEFGALMILDEVQTGMGRTGKMFACEHENVQPDILCLAKALGGGVMPIGATI
ATEEVFSVLFDNPFLHTTTFGGNPLACAAALATINVLLEQNLPAQAEQKGDMLLDGFRQLAREYPDLVQEARGKGMLMAI
EFVDNEIGYNFASEMFRQRVLVAGTLNNAKTIRIEPPLTLTIEQCELVIKAARKALAAMRVSVEEALEVSAKEQQNAFYE
ILHLPNLNEEQRNAFIQSLKDDPSQSANLLAEAKKLNDAQAPK
;
_entity_poly.pdbx_strand_id   A,B,C,D
#
loop_
_chem_comp.id
_chem_comp.type
_chem_comp.name
_chem_comp.formula
PLP non-polymer PYRIDOXAL-5'-PHOSPHATE 'C8 H10 N O6 P'
#
# COMPACT_ATOMS: atom_id res chain seq x y z
N ALA A 15 44.16 -10.99 13.15
CA ALA A 15 45.20 -10.35 12.28
C ALA A 15 44.65 -9.05 11.69
N SER A 16 45.53 -8.25 11.09
CA SER A 16 45.15 -7.09 10.25
C SER A 16 44.45 -7.61 8.99
N ALA A 17 43.66 -6.77 8.34
CA ALA A 17 43.07 -7.05 7.01
C ALA A 17 44.20 -7.31 6.00
N LEU A 18 45.28 -6.55 6.04
CA LEU A 18 46.40 -6.69 5.08
C LEU A 18 46.95 -8.13 5.14
N ALA A 19 47.14 -8.63 6.35
CA ALA A 19 47.65 -9.99 6.67
C ALA A 19 46.71 -11.06 6.10
N CYS A 20 45.40 -10.91 6.29
CA CYS A 20 44.37 -11.86 5.79
C CYS A 20 44.27 -11.74 4.26
N SER A 21 44.33 -10.53 3.68
CA SER A 21 44.26 -10.34 2.20
C SER A 21 45.49 -10.99 1.55
N ALA A 22 46.63 -10.97 2.25
CA ALA A 22 47.91 -11.58 1.81
C ALA A 22 47.79 -13.10 1.85
N HIS A 23 47.39 -13.67 2.99
CA HIS A 23 47.25 -15.13 3.22
C HIS A 23 46.34 -15.72 2.13
N ALA A 24 45.35 -14.95 1.73
CA ALA A 24 44.28 -15.38 0.80
C ALA A 24 44.80 -15.29 -0.63
N LEU A 25 45.54 -14.24 -0.99
CA LEU A 25 46.13 -14.16 -2.34
C LEU A 25 47.12 -15.32 -2.55
N ASN A 26 47.86 -15.69 -1.48
N ASN A 26 47.86 -15.69 -1.48
CA ASN A 26 48.79 -16.85 -1.43
CA ASN A 26 48.79 -16.85 -1.43
C ASN A 26 47.99 -18.12 -1.77
C ASN A 26 47.99 -18.12 -1.77
N LEU A 27 46.82 -18.28 -1.14
CA LEU A 27 45.93 -19.46 -1.34
C LEU A 27 45.37 -19.49 -2.78
N ILE A 28 45.05 -18.33 -3.36
CA ILE A 28 44.52 -18.22 -4.77
C ILE A 28 45.57 -18.74 -5.77
N GLU A 29 46.85 -18.49 -5.52
CA GLU A 29 47.96 -18.89 -6.43
C GLU A 29 48.19 -20.40 -6.38
N LYS A 30 48.14 -21.00 -5.18
CA LYS A 30 48.33 -22.46 -4.93
C LYS A 30 47.34 -23.24 -5.81
N ARG A 31 47.82 -24.31 -6.47
N ARG A 31 47.81 -24.30 -6.47
CA ARG A 31 46.98 -25.23 -7.29
CA ARG A 31 46.97 -25.23 -7.28
C ARG A 31 46.74 -26.54 -6.52
C ARG A 31 46.74 -26.54 -6.52
N THR A 32 47.60 -26.81 -5.54
CA THR A 32 47.64 -28.09 -4.80
C THR A 32 47.81 -27.78 -3.31
N LEU A 33 47.39 -28.74 -2.49
CA LEU A 33 47.43 -28.67 -1.02
C LEU A 33 47.95 -30.02 -0.54
N ASP A 34 49.05 -30.06 0.23
CA ASP A 34 49.45 -31.33 0.90
C ASP A 34 48.45 -31.55 2.06
N HIS A 35 48.50 -32.71 2.70
CA HIS A 35 47.61 -33.08 3.82
C HIS A 35 47.54 -31.93 4.85
N GLU A 36 48.68 -31.30 5.15
CA GLU A 36 48.78 -30.28 6.23
C GLU A 36 48.13 -28.95 5.78
N GLU A 37 48.34 -28.54 4.53
CA GLU A 37 47.77 -27.28 3.99
C GLU A 37 46.25 -27.43 3.91
N MET A 38 45.79 -28.60 3.44
CA MET A 38 44.36 -28.97 3.33
C MET A 38 43.72 -28.93 4.72
N LYS A 39 44.33 -29.59 5.72
CA LYS A 39 43.75 -29.71 7.08
C LYS A 39 43.62 -28.31 7.67
N ALA A 40 44.61 -27.45 7.45
CA ALA A 40 44.67 -26.07 7.98
C ALA A 40 43.60 -25.21 7.30
N LEU A 41 43.40 -25.37 5.99
CA LEU A 41 42.45 -24.53 5.20
C LEU A 41 41.01 -24.97 5.52
N ASN A 42 40.75 -26.26 5.55
CA ASN A 42 39.42 -26.79 5.93
C ASN A 42 39.04 -26.21 7.30
N ARG A 43 39.95 -26.32 8.27
CA ARG A 43 39.74 -25.86 9.67
C ARG A 43 39.45 -24.35 9.67
N GLU A 44 40.16 -23.57 8.85
CA GLU A 44 39.96 -22.10 8.70
C GLU A 44 38.57 -21.82 8.13
N VAL A 45 38.22 -22.46 7.01
CA VAL A 45 36.97 -22.15 6.25
C VAL A 45 35.77 -22.42 7.18
N ILE A 46 35.81 -23.49 7.98
CA ILE A 46 34.69 -23.85 8.91
C ILE A 46 34.60 -22.78 10.01
N GLU A 47 35.73 -22.43 10.63
CA GLU A 47 35.80 -21.37 11.66
C GLU A 47 35.24 -20.06 11.07
N TYR A 48 35.66 -19.67 9.86
CA TYR A 48 35.27 -18.39 9.23
C TYR A 48 33.81 -18.41 8.76
N PHE A 49 33.27 -19.54 8.30
CA PHE A 49 31.83 -19.64 7.94
C PHE A 49 31.01 -19.36 9.20
N LYS A 50 31.43 -19.97 10.30
CA LYS A 50 30.83 -19.89 11.66
C LYS A 50 30.90 -18.45 12.19
N GLU A 51 32.02 -17.75 11.99
CA GLU A 51 32.27 -16.46 12.66
C GLU A 51 31.93 -15.27 11.76
N HIS A 52 31.76 -15.44 10.44
CA HIS A 52 31.70 -14.28 9.51
C HIS A 52 30.73 -14.44 8.33
N VAL A 53 30.18 -15.63 8.08
CA VAL A 53 29.30 -15.88 6.90
C VAL A 53 27.92 -16.30 7.39
N ASN A 54 27.81 -17.47 8.01
CA ASN A 54 26.53 -18.01 8.52
C ASN A 54 26.76 -19.36 9.18
N PRO A 55 26.73 -19.50 10.53
CA PRO A 55 26.85 -20.81 11.16
C PRO A 55 25.67 -21.74 10.80
N GLY A 56 24.58 -21.15 10.31
CA GLY A 56 23.40 -21.87 9.79
C GLY A 56 23.73 -22.74 8.59
N PHE A 57 24.58 -22.28 7.66
CA PHE A 57 24.98 -23.04 6.45
C PHE A 57 25.68 -24.33 6.92
N LEU A 58 26.43 -24.31 8.02
CA LEU A 58 27.15 -25.50 8.55
C LEU A 58 26.15 -26.51 9.13
N GLU A 59 25.06 -26.03 9.73
CA GLU A 59 24.00 -26.91 10.29
C GLU A 59 23.24 -27.60 9.15
N TYR A 60 22.90 -26.86 8.09
CA TYR A 60 22.14 -27.38 6.91
C TYR A 60 22.92 -28.49 6.23
N ARG A 61 24.18 -28.23 5.89
CA ARG A 61 25.08 -29.16 5.16
C ARG A 61 25.27 -30.46 5.96
N LYS A 62 25.15 -30.42 7.30
CA LYS A 62 25.19 -31.60 8.22
C LYS A 62 23.95 -32.50 8.03
N SER A 63 22.76 -31.88 7.95
CA SER A 63 21.42 -32.52 7.74
C SER A 63 21.41 -33.28 6.41
N VAL A 64 22.25 -32.86 5.46
CA VAL A 64 22.32 -33.44 4.10
C VAL A 64 23.69 -34.16 3.91
N THR A 65 24.27 -34.71 4.98
CA THR A 65 25.55 -35.48 4.95
C THR A 65 25.70 -36.41 6.16
N ALA A 66 26.59 -37.40 6.03
CA ALA A 66 27.15 -38.22 7.14
C ALA A 66 28.37 -37.48 7.69
N GLY A 67 28.23 -36.86 8.88
CA GLY A 67 29.24 -36.01 9.56
C GLY A 67 30.66 -36.22 9.05
N GLY A 68 31.47 -35.15 9.01
CA GLY A 68 32.80 -35.18 8.38
C GLY A 68 32.71 -34.82 6.91
N ASP A 69 31.62 -35.28 6.25
CA ASP A 69 31.30 -34.96 4.83
C ASP A 69 30.75 -33.53 4.69
N TYR A 70 30.07 -32.99 5.72
CA TYR A 70 29.51 -31.61 5.68
C TYR A 70 30.64 -30.60 5.47
N GLY A 71 31.82 -30.91 6.01
CA GLY A 71 33.06 -30.09 6.00
C GLY A 71 33.91 -30.34 4.76
N ALA A 72 33.25 -30.55 3.62
CA ALA A 72 33.85 -30.57 2.26
C ALA A 72 33.95 -29.13 1.75
N VAL A 73 35.14 -28.75 1.28
CA VAL A 73 35.47 -27.40 0.77
C VAL A 73 35.78 -27.50 -0.72
N GLU A 74 35.02 -26.79 -1.55
CA GLU A 74 35.26 -26.67 -3.02
C GLU A 74 36.68 -26.21 -3.26
N TRP A 75 37.34 -26.72 -4.32
CA TRP A 75 38.73 -26.33 -4.66
C TRP A 75 38.85 -25.98 -6.16
N GLN A 76 38.46 -26.87 -7.07
CA GLN A 76 38.57 -26.59 -8.52
C GLN A 76 37.61 -27.49 -9.30
N ALA A 77 37.35 -27.12 -10.55
CA ALA A 77 36.73 -27.96 -11.61
C ALA A 77 37.65 -29.15 -11.88
N GLY A 78 37.09 -30.36 -12.02
CA GLY A 78 37.81 -31.57 -12.44
C GLY A 78 37.86 -31.67 -13.95
N SER A 79 36.78 -32.15 -14.55
CA SER A 79 36.52 -32.14 -16.01
C SER A 79 35.31 -31.24 -16.24
N LEU A 80 34.73 -31.24 -17.45
CA LEU A 80 33.51 -30.45 -17.75
C LEU A 80 32.43 -30.69 -16.70
N ASN A 81 32.29 -31.92 -16.19
CA ASN A 81 31.07 -32.32 -15.44
C ASN A 81 31.42 -32.74 -14.01
N THR A 82 32.63 -32.45 -13.54
CA THR A 82 33.04 -32.84 -12.16
C THR A 82 33.63 -31.65 -11.38
N LEU A 83 33.53 -31.76 -10.05
CA LEU A 83 34.10 -30.83 -9.05
C LEU A 83 35.06 -31.59 -8.14
N VAL A 84 36.12 -30.91 -7.72
CA VAL A 84 37.16 -31.51 -6.84
C VAL A 84 37.22 -30.68 -5.55
N ASP A 85 37.12 -31.34 -4.40
CA ASP A 85 37.28 -30.70 -3.06
C ASP A 85 38.77 -30.61 -2.72
N THR A 86 39.07 -30.02 -1.56
CA THR A 86 40.43 -29.76 -1.04
C THR A 86 41.16 -31.08 -0.75
N GLN A 87 40.45 -32.20 -0.61
CA GLN A 87 41.04 -33.54 -0.30
C GLN A 87 41.24 -34.34 -1.59
N GLY A 88 40.94 -33.74 -2.74
CA GLY A 88 41.13 -34.37 -4.07
C GLY A 88 39.98 -35.27 -4.48
N GLN A 89 38.88 -35.29 -3.71
CA GLN A 89 37.70 -36.13 -4.04
C GLN A 89 36.93 -35.44 -5.18
N GLU A 90 36.71 -36.18 -6.27
CA GLU A 90 36.06 -35.72 -7.52
C GLU A 90 34.57 -36.09 -7.44
N PHE A 91 33.68 -35.15 -7.71
CA PHE A 91 32.21 -35.33 -7.65
C PHE A 91 31.68 -35.21 -9.06
N ILE A 92 30.77 -36.09 -9.45
CA ILE A 92 29.92 -35.86 -10.65
C ILE A 92 28.89 -34.82 -10.23
N ASP A 93 28.70 -33.79 -11.06
CA ASP A 93 27.86 -32.62 -10.71
C ASP A 93 26.46 -32.79 -11.31
N CYS A 94 25.50 -33.19 -10.49
CA CYS A 94 24.05 -33.25 -10.82
C CYS A 94 23.27 -32.12 -10.14
N LEU A 95 23.96 -31.21 -9.47
CA LEU A 95 23.39 -29.97 -8.93
C LEU A 95 23.45 -28.88 -10.01
N GLY A 96 24.55 -28.85 -10.78
CA GLY A 96 24.81 -27.85 -11.83
C GLY A 96 24.77 -26.41 -11.31
N GLY A 97 25.18 -26.20 -10.05
CA GLY A 97 25.03 -24.89 -9.39
C GLY A 97 23.61 -24.36 -9.55
N PHE A 98 22.60 -25.23 -9.47
CA PHE A 98 21.18 -24.84 -9.53
C PHE A 98 20.85 -24.29 -10.93
N GLY A 99 21.52 -24.79 -11.97
CA GLY A 99 21.20 -24.51 -13.38
C GLY A 99 22.13 -23.48 -14.01
N ILE A 100 23.33 -23.32 -13.47
CA ILE A 100 24.36 -22.38 -13.98
C ILE A 100 25.23 -23.07 -15.03
N PHE A 101 25.66 -24.30 -14.74
CA PHE A 101 26.78 -24.99 -15.42
C PHE A 101 26.24 -25.79 -16.61
N ASN A 102 25.46 -25.15 -17.49
CA ASN A 102 24.79 -25.78 -18.66
C ASN A 102 25.84 -26.30 -19.64
N VAL A 103 26.93 -25.55 -19.80
CA VAL A 103 28.02 -25.91 -20.75
C VAL A 103 29.23 -26.42 -19.97
N GLY A 104 29.01 -26.90 -18.74
CA GLY A 104 30.03 -27.55 -17.92
C GLY A 104 30.87 -26.56 -17.13
N HIS A 105 31.84 -27.10 -16.39
CA HIS A 105 32.81 -26.39 -15.53
C HIS A 105 34.01 -25.98 -16.38
N ARG A 106 34.35 -24.68 -16.36
CA ARG A 106 35.49 -24.12 -17.12
C ARG A 106 35.38 -24.61 -18.57
N ASN A 107 34.25 -24.34 -19.21
CA ASN A 107 34.10 -24.62 -20.65
C ASN A 107 35.20 -23.85 -21.34
N PRO A 108 36.11 -24.54 -22.07
CA PRO A 108 37.32 -23.88 -22.57
C PRO A 108 36.98 -22.69 -23.48
N VAL A 109 35.86 -22.76 -24.21
CA VAL A 109 35.43 -21.68 -25.14
C VAL A 109 35.05 -20.46 -24.31
N VAL A 110 34.35 -20.67 -23.19
CA VAL A 110 33.89 -19.57 -22.31
C VAL A 110 35.12 -19.02 -21.59
N VAL A 111 35.92 -19.90 -20.98
CA VAL A 111 37.13 -19.49 -20.23
C VAL A 111 37.96 -18.63 -21.17
N SER A 112 38.11 -19.07 -22.41
CA SER A 112 38.93 -18.38 -23.44
C SER A 112 38.41 -16.97 -23.68
N ALA A 113 37.11 -16.81 -23.88
CA ALA A 113 36.49 -15.52 -24.22
C ALA A 113 36.72 -14.54 -23.06
N VAL A 114 36.56 -15.04 -21.83
CA VAL A 114 36.73 -14.22 -20.60
C VAL A 114 38.20 -13.78 -20.50
N GLN A 115 39.13 -14.75 -20.55
N GLN A 115 39.13 -14.75 -20.55
CA GLN A 115 40.59 -14.50 -20.54
CA GLN A 115 40.59 -14.51 -20.54
C GLN A 115 40.94 -13.42 -21.57
C GLN A 115 40.94 -13.42 -21.57
N ASN A 116 40.40 -13.53 -22.79
CA ASN A 116 40.70 -12.62 -23.93
C ASN A 116 40.22 -11.20 -23.59
N GLN A 117 39.01 -11.07 -23.06
CA GLN A 117 38.42 -9.73 -22.74
C GLN A 117 39.13 -9.16 -21.52
N LEU A 118 39.46 -9.99 -20.53
CA LEU A 118 40.23 -9.56 -19.34
C LEU A 118 41.53 -8.88 -19.77
N ALA A 119 42.15 -9.33 -20.86
CA ALA A 119 43.41 -8.77 -21.39
C ALA A 119 43.19 -7.36 -21.98
N LYS A 120 41.95 -6.99 -22.35
CA LYS A 120 41.65 -5.67 -22.97
C LYS A 120 40.95 -4.72 -21.99
N GLN A 121 39.76 -5.11 -21.52
CA GLN A 121 38.86 -4.25 -20.67
C GLN A 121 37.83 -5.12 -19.98
N PRO A 122 38.00 -5.49 -18.67
CA PRO A 122 37.06 -6.35 -17.97
C PRO A 122 35.76 -5.61 -17.57
N LEU A 123 35.87 -4.39 -17.03
CA LEU A 123 34.71 -3.52 -16.74
C LEU A 123 34.77 -2.24 -17.57
N HIS A 124 33.61 -1.71 -17.93
CA HIS A 124 33.41 -0.58 -18.87
C HIS A 124 33.25 0.74 -18.08
N SER A 125 33.28 1.86 -18.80
CA SER A 125 33.23 3.24 -18.26
C SER A 125 31.78 3.62 -17.93
N GLN A 126 30.86 3.08 -18.71
CA GLN A 126 29.41 3.44 -18.74
C GLN A 126 29.20 4.80 -19.43
N GLU A 127 30.18 5.30 -20.18
CA GLU A 127 29.97 6.54 -20.98
C GLU A 127 30.23 6.22 -22.46
N LEU A 128 31.38 5.62 -22.79
CA LEU A 128 31.66 5.20 -24.19
C LEU A 128 30.79 3.99 -24.52
N LEU A 129 30.37 3.88 -25.78
CA LEU A 129 29.55 2.73 -26.24
C LEU A 129 30.41 1.48 -26.03
N ASP A 130 29.96 0.50 -25.24
CA ASP A 130 30.72 -0.76 -25.03
C ASP A 130 30.24 -1.78 -26.06
N PRO A 131 31.15 -2.30 -26.89
CA PRO A 131 30.76 -3.04 -28.10
C PRO A 131 30.21 -4.44 -27.86
N LEU A 132 30.63 -5.13 -26.81
CA LEU A 132 30.10 -6.49 -26.50
C LEU A 132 28.64 -6.40 -26.08
N ARG A 133 28.22 -5.32 -25.40
CA ARG A 133 26.79 -5.06 -25.04
C ARG A 133 25.97 -5.11 -26.32
N ALA A 134 26.33 -4.28 -27.30
CA ALA A 134 25.69 -4.19 -28.63
C ALA A 134 25.67 -5.57 -29.31
N MET A 135 26.80 -6.28 -29.29
CA MET A 135 26.94 -7.61 -29.94
C MET A 135 26.05 -8.64 -29.22
N LEU A 136 26.04 -8.68 -27.89
CA LEU A 136 25.26 -9.70 -27.15
C LEU A 136 23.78 -9.38 -27.31
N ALA A 137 23.41 -8.10 -27.37
CA ALA A 137 22.01 -7.65 -27.54
C ALA A 137 21.54 -8.09 -28.92
N LYS A 138 22.35 -7.89 -29.96
CA LYS A 138 22.05 -8.30 -31.34
C LYS A 138 21.86 -9.81 -31.36
N THR A 139 22.79 -10.52 -30.74
CA THR A 139 22.79 -12.00 -30.63
C THR A 139 21.51 -12.44 -29.95
N LEU A 140 21.20 -11.89 -28.79
CA LEU A 140 20.01 -12.31 -28.00
C LEU A 140 18.73 -11.99 -28.80
N ALA A 141 18.70 -10.91 -29.58
CA ALA A 141 17.54 -10.56 -30.44
C ALA A 141 17.33 -11.66 -31.50
N ALA A 142 18.39 -12.08 -32.18
CA ALA A 142 18.37 -13.16 -33.19
C ALA A 142 18.01 -14.50 -32.54
N LEU A 143 18.47 -14.75 -31.32
CA LEU A 143 18.26 -16.04 -30.61
C LEU A 143 16.83 -16.14 -30.10
N THR A 144 16.20 -15.01 -29.76
CA THR A 144 14.88 -14.99 -29.10
C THR A 144 13.76 -14.99 -30.13
N PRO A 145 12.58 -15.52 -29.72
CA PRO A 145 11.42 -15.59 -30.60
C PRO A 145 10.78 -14.23 -30.89
N GLY A 146 10.29 -14.09 -32.12
CA GLY A 146 9.34 -13.06 -32.55
C GLY A 146 9.88 -11.66 -32.33
N LYS A 147 9.11 -10.86 -31.61
CA LYS A 147 9.26 -9.39 -31.54
C LYS A 147 10.09 -9.03 -30.30
N LEU A 148 10.61 -10.01 -29.55
CA LEU A 148 11.64 -9.77 -28.51
C LEU A 148 12.90 -9.21 -29.18
N LYS A 149 13.27 -7.98 -28.85
CA LYS A 149 14.23 -7.17 -29.65
C LYS A 149 15.22 -6.39 -28.77
N TYR A 150 14.81 -5.88 -27.61
CA TYR A 150 15.68 -5.01 -26.78
C TYR A 150 16.06 -5.77 -25.53
N SER A 151 17.32 -5.59 -25.15
CA SER A 151 17.97 -6.28 -24.01
C SER A 151 18.51 -5.24 -23.04
N PHE A 152 18.25 -5.48 -21.76
CA PHE A 152 18.84 -4.78 -20.61
C PHE A 152 19.61 -5.81 -19.80
N PHE A 153 20.89 -5.56 -19.54
CA PHE A 153 21.81 -6.49 -18.85
C PHE A 153 22.01 -6.06 -17.41
N CYS A 154 21.97 -7.05 -16.53
CA CYS A 154 22.15 -6.90 -15.08
C CYS A 154 23.08 -8.03 -14.63
N ASN A 155 23.10 -8.32 -13.33
CA ASN A 155 24.13 -9.21 -12.72
C ASN A 155 23.49 -10.45 -12.08
N SER A 156 22.16 -10.61 -12.09
CA SER A 156 21.52 -11.77 -11.42
C SER A 156 20.10 -12.03 -11.94
N GLY A 157 19.54 -13.19 -11.59
CA GLY A 157 18.14 -13.52 -11.91
C GLY A 157 17.22 -12.50 -11.28
N THR A 158 17.41 -12.23 -9.99
CA THR A 158 16.53 -11.32 -9.22
C THR A 158 16.58 -9.92 -9.86
N GLU A 159 17.75 -9.48 -10.35
CA GLU A 159 17.86 -8.15 -11.01
C GLU A 159 17.10 -8.20 -12.34
N SER A 160 17.17 -9.30 -13.08
N SER A 160 17.17 -9.30 -13.08
CA SER A 160 16.48 -9.45 -14.39
CA SER A 160 16.48 -9.46 -14.38
C SER A 160 14.97 -9.39 -14.17
C SER A 160 14.97 -9.39 -14.17
N VAL A 161 14.48 -9.95 -13.07
CA VAL A 161 13.03 -9.92 -12.69
C VAL A 161 12.67 -8.47 -12.29
N GLU A 162 13.51 -7.81 -11.50
CA GLU A 162 13.26 -6.39 -11.08
C GLU A 162 13.08 -5.55 -12.34
N ALA A 163 13.96 -5.74 -13.33
CA ALA A 163 13.93 -4.99 -14.60
C ALA A 163 12.61 -5.26 -15.33
N ALA A 164 12.15 -6.51 -15.32
CA ALA A 164 10.91 -6.92 -16.00
C ALA A 164 9.72 -6.21 -15.32
N LEU A 165 9.61 -6.38 -14.00
CA LEU A 165 8.57 -5.73 -13.18
C LEU A 165 8.57 -4.24 -13.51
N LYS A 166 9.75 -3.64 -13.61
CA LYS A 166 9.89 -2.19 -13.84
C LYS A 166 9.43 -1.84 -15.26
N LEU A 167 9.82 -2.61 -16.27
CA LEU A 167 9.35 -2.38 -17.66
C LEU A 167 7.83 -2.39 -17.66
N ALA A 168 7.23 -3.38 -17.00
CA ALA A 168 5.76 -3.53 -16.95
C ALA A 168 5.14 -2.30 -16.27
N LYS A 169 5.70 -1.90 -15.13
CA LYS A 169 5.19 -0.76 -14.33
C LYS A 169 5.20 0.48 -15.21
N ALA A 170 6.28 0.74 -15.94
CA ALA A 170 6.47 1.96 -16.75
C ALA A 170 5.51 1.92 -17.93
N TYR A 171 5.27 0.75 -18.49
CA TYR A 171 4.35 0.60 -19.64
C TYR A 171 2.90 0.82 -19.19
N GLN A 172 2.54 0.28 -18.03
CA GLN A 172 1.13 0.03 -17.64
C GLN A 172 0.56 1.12 -16.70
N SER A 173 1.39 1.82 -15.92
CA SER A 173 0.91 2.86 -14.97
C SER A 173 0.26 4.01 -15.73
N PRO A 174 0.81 4.48 -16.88
CA PRO A 174 0.15 5.48 -17.71
C PRO A 174 -1.14 4.92 -18.34
N ARG A 175 -1.29 3.60 -18.37
CA ARG A 175 -2.53 2.93 -18.84
C ARG A 175 -3.45 2.63 -17.64
N GLY A 176 -3.07 3.03 -16.43
CA GLY A 176 -3.91 2.88 -15.23
C GLY A 176 -3.94 1.46 -14.66
N LYS A 177 -2.93 0.63 -14.93
CA LYS A 177 -2.88 -0.76 -14.42
C LYS A 177 -1.66 -0.96 -13.53
N PHE A 178 -1.87 -1.56 -12.36
CA PHE A 178 -0.87 -1.61 -11.27
C PHE A 178 -0.79 -3.00 -10.62
N THR A 179 -1.77 -3.85 -10.81
CA THR A 179 -1.80 -5.18 -10.15
C THR A 179 -0.90 -6.16 -10.94
N PHE A 180 -0.21 -7.06 -10.24
CA PHE A 180 0.63 -8.13 -10.81
C PHE A 180 0.13 -9.47 -10.28
N ILE A 181 0.05 -10.47 -11.16
N ILE A 181 0.05 -10.47 -11.16
CA ILE A 181 -0.32 -11.87 -10.81
CA ILE A 181 -0.32 -11.87 -10.81
C ILE A 181 0.93 -12.75 -10.96
C ILE A 181 0.93 -12.75 -10.96
N ALA A 182 1.23 -13.53 -9.92
CA ALA A 182 2.24 -14.60 -9.93
C ALA A 182 1.52 -15.87 -9.52
N THR A 183 2.26 -16.97 -9.41
CA THR A 183 1.70 -18.30 -9.10
C THR A 183 2.30 -18.78 -7.78
N SER A 184 1.57 -19.54 -6.98
CA SER A 184 2.10 -20.23 -5.78
C SER A 184 3.13 -21.26 -6.24
N GLY A 185 4.11 -21.54 -5.39
CA GLY A 185 5.31 -22.34 -5.70
C GLY A 185 6.34 -21.56 -6.52
N ALA A 186 6.00 -20.35 -7.01
CA ALA A 186 6.84 -19.56 -7.95
C ALA A 186 8.06 -18.99 -7.21
N PHE A 187 9.20 -18.97 -7.88
CA PHE A 187 10.46 -18.41 -7.34
C PHE A 187 11.03 -17.47 -8.39
N HIS A 188 11.09 -16.18 -8.08
CA HIS A 188 11.52 -15.12 -9.03
C HIS A 188 12.70 -14.31 -8.46
N GLY A 189 13.27 -14.75 -7.33
CA GLY A 189 14.36 -14.04 -6.64
C GLY A 189 13.96 -13.47 -5.29
N LYS A 190 14.92 -12.79 -4.65
CA LYS A 190 14.90 -12.45 -3.21
C LYS A 190 15.15 -10.95 -2.99
N SER A 191 15.48 -10.18 -4.02
CA SER A 191 15.41 -8.70 -3.96
C SER A 191 13.94 -8.34 -3.76
N LEU A 192 13.65 -7.23 -3.09
CA LEU A 192 12.29 -7.00 -2.53
C LEU A 192 11.24 -6.82 -3.64
N GLY A 193 11.62 -6.36 -4.83
CA GLY A 193 10.68 -6.31 -5.97
C GLY A 193 10.35 -7.71 -6.46
N ALA A 194 11.41 -8.48 -6.69
CA ALA A 194 11.32 -9.89 -7.12
C ALA A 194 10.57 -10.71 -6.06
N LEU A 195 10.84 -10.49 -4.76
CA LEU A 195 10.32 -11.35 -3.67
C LEU A 195 8.80 -11.13 -3.53
N SER A 196 8.29 -9.98 -4.01
CA SER A 196 6.84 -9.70 -4.10
C SER A 196 6.14 -10.70 -5.03
N ALA A 197 6.84 -11.22 -6.02
CA ALA A 197 6.35 -12.26 -6.97
C ALA A 197 6.68 -13.67 -6.45
N THR A 198 7.87 -13.88 -5.88
CA THR A 198 8.23 -15.15 -5.20
C THR A 198 7.08 -15.52 -4.26
N ALA A 199 6.76 -16.79 -4.11
CA ALA A 199 5.47 -17.21 -3.51
C ALA A 199 5.68 -17.96 -2.20
N LYS A 200 6.87 -18.36 -1.83
CA LYS A 200 6.99 -19.21 -0.62
C LYS A 200 6.87 -18.29 0.60
N SER A 201 5.98 -18.66 1.54
CA SER A 201 5.67 -17.93 2.79
C SER A 201 6.95 -17.60 3.57
N THR A 202 7.75 -18.63 3.87
CA THR A 202 8.92 -18.51 4.79
C THR A 202 9.95 -17.53 4.21
N PHE A 203 9.93 -17.28 2.90
CA PHE A 203 10.84 -16.32 2.23
C PHE A 203 10.29 -14.89 2.27
N ARG A 204 9.00 -14.73 2.52
CA ARG A 204 8.29 -13.42 2.34
C ARG A 204 7.90 -12.79 3.68
N LYS A 205 7.39 -13.59 4.63
CA LYS A 205 6.71 -13.12 5.86
C LYS A 205 7.60 -12.15 6.63
N PRO A 206 8.89 -12.47 6.90
CA PRO A 206 9.74 -11.57 7.67
C PRO A 206 9.86 -10.15 7.07
N PHE A 207 9.66 -10.04 5.76
CA PHE A 207 10.03 -8.85 4.94
C PHE A 207 8.78 -8.07 4.51
N MET A 208 7.60 -8.55 4.89
CA MET A 208 6.36 -7.81 4.61
C MET A 208 6.33 -6.57 5.50
N PRO A 209 5.68 -5.47 5.06
CA PRO A 209 4.98 -5.43 3.76
C PRO A 209 5.87 -5.31 2.52
N LEU A 210 5.57 -6.11 1.52
CA LEU A 210 6.27 -6.13 0.21
C LEU A 210 5.55 -5.18 -0.74
N LEU A 211 5.89 -5.18 -2.02
CA LEU A 211 5.23 -4.28 -2.99
C LEU A 211 3.74 -4.54 -2.91
N PRO A 212 2.90 -3.50 -2.89
CA PRO A 212 1.47 -3.69 -2.93
C PRO A 212 1.02 -4.16 -4.33
N GLY A 213 -0.14 -4.84 -4.38
CA GLY A 213 -0.85 -5.16 -5.63
C GLY A 213 -0.33 -6.42 -6.31
N PHE A 214 0.30 -7.29 -5.51
CA PHE A 214 0.81 -8.62 -5.96
C PHE A 214 -0.11 -9.71 -5.40
N ARG A 215 -0.66 -10.52 -6.31
N ARG A 215 -0.66 -10.52 -6.31
CA ARG A 215 -1.67 -11.58 -6.02
CA ARG A 215 -1.66 -11.58 -6.01
C ARG A 215 -1.21 -12.88 -6.68
C ARG A 215 -1.21 -12.88 -6.68
N HIS A 216 -1.48 -14.00 -6.03
CA HIS A 216 -1.00 -15.34 -6.44
C HIS A 216 -2.20 -16.25 -6.75
N VAL A 217 -2.11 -16.94 -7.88
CA VAL A 217 -3.06 -17.99 -8.32
C VAL A 217 -2.28 -19.31 -8.36
N PRO A 218 -2.97 -20.49 -8.35
CA PRO A 218 -2.31 -21.77 -8.55
C PRO A 218 -1.66 -21.85 -9.93
N PHE A 219 -0.47 -22.46 -10.00
CA PHE A 219 0.29 -22.71 -11.23
C PHE A 219 -0.43 -23.81 -12.02
N GLY A 220 -0.60 -23.61 -13.33
CA GLY A 220 -1.10 -24.63 -14.27
C GLY A 220 -2.62 -24.70 -14.25
N ASN A 221 -3.28 -23.66 -13.70
CA ASN A 221 -4.75 -23.55 -13.53
C ASN A 221 -5.23 -22.29 -14.24
N ILE A 222 -5.53 -22.38 -15.53
CA ILE A 222 -5.89 -21.21 -16.38
C ILE A 222 -7.19 -20.60 -15.86
N GLU A 223 -8.09 -21.40 -15.31
CA GLU A 223 -9.40 -20.87 -14.90
C GLU A 223 -9.22 -19.97 -13.66
N ALA A 224 -8.40 -20.38 -12.69
CA ALA A 224 -8.06 -19.60 -11.47
C ALA A 224 -7.47 -18.25 -11.86
N MET A 225 -6.64 -18.25 -12.88
CA MET A 225 -5.96 -17.04 -13.39
C MET A 225 -7.00 -16.14 -14.07
N ARG A 226 -7.87 -16.68 -14.92
CA ARG A 226 -8.96 -15.92 -15.58
C ARG A 226 -9.77 -15.19 -14.50
N THR A 227 -10.18 -15.94 -13.49
CA THR A 227 -10.98 -15.44 -12.34
C THR A 227 -10.26 -14.21 -11.76
N ALA A 228 -8.98 -14.34 -11.47
CA ALA A 228 -8.19 -13.31 -10.76
C ALA A 228 -8.16 -12.04 -11.62
N LEU A 229 -7.97 -12.18 -12.93
CA LEU A 229 -7.88 -11.04 -13.88
C LEU A 229 -9.24 -10.37 -13.97
N ASN A 230 -10.28 -11.19 -14.02
CA ASN A 230 -11.67 -10.72 -14.16
C ASN A 230 -12.09 -9.93 -12.91
N GLU A 231 -11.84 -10.49 -11.72
CA GLU A 231 -12.20 -9.90 -10.40
C GLU A 231 -11.44 -8.59 -10.22
N CYS A 232 -10.17 -8.56 -10.62
CA CYS A 232 -9.32 -7.33 -10.58
C CYS A 232 -9.92 -6.26 -11.50
N LYS A 233 -10.44 -6.64 -12.66
CA LYS A 233 -11.08 -5.71 -13.63
C LYS A 233 -12.37 -5.15 -13.03
N LYS A 234 -13.19 -6.03 -12.44
CA LYS A 234 -14.47 -5.64 -11.79
C LYS A 234 -14.25 -4.57 -10.72
N THR A 235 -13.19 -4.69 -9.90
CA THR A 235 -12.98 -3.88 -8.68
C THR A 235 -12.12 -2.65 -9.01
N GLY A 236 -11.73 -2.47 -10.27
CA GLY A 236 -10.89 -1.34 -10.70
C GLY A 236 -9.42 -1.50 -10.34
N ASP A 237 -8.95 -2.72 -10.04
CA ASP A 237 -7.54 -3.07 -9.68
C ASP A 237 -6.93 -3.88 -10.83
N ASP A 238 -7.07 -3.38 -12.06
CA ASP A 238 -6.73 -4.09 -13.32
C ASP A 238 -5.27 -4.56 -13.32
N VAL A 239 -5.02 -5.69 -13.96
CA VAL A 239 -3.71 -6.40 -13.90
C VAL A 239 -2.79 -5.81 -14.95
N ALA A 240 -1.61 -5.36 -14.52
CA ALA A 240 -0.54 -4.82 -15.39
C ALA A 240 0.17 -5.99 -16.08
N ALA A 241 0.47 -7.05 -15.34
CA ALA A 241 1.28 -8.17 -15.89
C ALA A 241 1.00 -9.46 -15.12
N VAL A 242 1.15 -10.55 -15.83
CA VAL A 242 1.30 -11.90 -15.26
C VAL A 242 2.78 -12.29 -15.40
N ILE A 243 3.37 -12.78 -14.32
CA ILE A 243 4.74 -13.33 -14.31
C ILE A 243 4.66 -14.79 -13.88
N LEU A 244 5.34 -15.67 -14.59
CA LEU A 244 5.42 -17.13 -14.24
C LEU A 244 6.68 -17.74 -14.85
N GLU A 245 7.16 -18.79 -14.21
CA GLU A 245 8.17 -19.71 -14.78
C GLU A 245 7.44 -20.66 -15.71
N PRO A 246 7.96 -21.00 -16.90
CA PRO A 246 7.31 -21.98 -17.77
C PRO A 246 7.21 -23.35 -17.11
N ILE A 247 8.19 -23.66 -16.25
CA ILE A 247 8.28 -24.86 -15.38
C ILE A 247 8.87 -24.35 -14.08
N GLN A 248 8.24 -24.67 -12.95
CA GLN A 248 8.70 -24.14 -11.65
C GLN A 248 9.87 -25.00 -11.21
N GLY A 249 11.02 -24.36 -11.05
CA GLY A 249 12.25 -25.01 -10.55
C GLY A 249 12.16 -25.24 -9.06
N GLU A 250 12.20 -24.16 -8.28
CA GLU A 250 12.29 -24.26 -6.80
C GLU A 250 11.00 -24.89 -6.27
N GLY A 251 9.91 -24.77 -7.05
CA GLY A 251 8.60 -25.41 -6.82
C GLY A 251 8.69 -26.93 -6.81
N GLY A 252 9.76 -27.50 -7.38
CA GLY A 252 10.07 -28.95 -7.41
C GLY A 252 9.91 -29.57 -8.80
N VAL A 253 10.23 -28.81 -9.86
CA VAL A 253 10.06 -29.21 -11.30
C VAL A 253 8.59 -29.50 -11.56
N ILE A 254 7.80 -28.44 -11.55
CA ILE A 254 6.33 -28.50 -11.72
C ILE A 254 6.06 -28.17 -13.17
N LEU A 255 5.61 -29.16 -13.92
CA LEU A 255 5.27 -29.02 -15.35
C LEU A 255 3.80 -28.61 -15.43
N PRO A 256 3.52 -27.53 -16.21
CA PRO A 256 2.15 -27.12 -16.43
C PRO A 256 1.43 -28.09 -17.35
N PRO A 257 0.09 -28.09 -17.38
CA PRO A 257 -0.64 -28.93 -18.32
C PRO A 257 -0.32 -28.41 -19.70
N PRO A 258 -0.36 -29.29 -20.73
CA PRO A 258 -0.04 -28.87 -22.10
C PRO A 258 -1.00 -27.75 -22.57
N GLY A 259 -0.46 -26.77 -23.31
CA GLY A 259 -1.23 -25.62 -23.84
C GLY A 259 -1.41 -24.48 -22.84
N TYR A 260 -1.10 -24.70 -21.55
CA TYR A 260 -1.24 -23.72 -20.43
C TYR A 260 -0.57 -22.38 -20.79
N LEU A 261 0.69 -22.44 -21.15
CA LEU A 261 1.47 -21.22 -21.49
C LEU A 261 0.78 -20.46 -22.63
N THR A 262 0.32 -21.18 -23.64
CA THR A 262 -0.33 -20.59 -24.84
C THR A 262 -1.60 -19.89 -24.40
N ALA A 263 -2.33 -20.50 -23.47
CA ALA A 263 -3.61 -20.00 -22.91
C ALA A 263 -3.34 -18.73 -22.08
N VAL A 264 -2.29 -18.75 -21.26
CA VAL A 264 -1.87 -17.58 -20.45
C VAL A 264 -1.60 -16.40 -21.39
N ARG A 265 -0.96 -16.66 -22.53
CA ARG A 265 -0.64 -15.63 -23.55
C ARG A 265 -1.94 -15.03 -24.10
N LYS A 266 -2.90 -15.87 -24.52
CA LYS A 266 -4.20 -15.39 -25.05
C LYS A 266 -4.94 -14.62 -23.95
N LEU A 267 -4.90 -15.12 -22.71
CA LEU A 267 -5.58 -14.54 -21.53
C LEU A 267 -5.00 -13.14 -21.27
N CYS A 268 -3.66 -13.02 -21.23
CA CYS A 268 -2.95 -11.71 -21.15
C CYS A 268 -3.38 -10.81 -22.31
N ASP A 269 -3.41 -11.32 -23.53
CA ASP A 269 -3.80 -10.52 -24.72
C ASP A 269 -5.21 -9.96 -24.54
N GLU A 270 -6.12 -10.77 -24.00
CA GLU A 270 -7.56 -10.43 -23.88
C GLU A 270 -7.76 -9.29 -22.86
N PHE A 271 -7.10 -9.36 -21.70
CA PHE A 271 -7.24 -8.40 -20.57
C PHE A 271 -6.28 -7.21 -20.70
N GLY A 272 -5.45 -7.17 -21.73
CA GLY A 272 -4.42 -6.14 -21.97
C GLY A 272 -3.32 -6.11 -20.90
N ALA A 273 -2.97 -7.28 -20.33
CA ALA A 273 -1.86 -7.47 -19.36
C ALA A 273 -0.60 -7.91 -20.11
N LEU A 274 0.58 -7.53 -19.61
CA LEU A 274 1.87 -7.99 -20.17
C LEU A 274 2.19 -9.38 -19.63
N MET A 275 2.74 -10.23 -20.49
CA MET A 275 3.20 -11.58 -20.12
C MET A 275 4.71 -11.54 -19.85
N ILE A 276 5.08 -11.83 -18.62
CA ILE A 276 6.51 -11.97 -18.20
C ILE A 276 6.81 -13.45 -18.00
N LEU A 277 7.76 -13.97 -18.75
CA LEU A 277 8.31 -15.33 -18.56
C LEU A 277 9.68 -15.25 -17.88
N ASP A 278 9.76 -15.86 -16.70
CA ASP A 278 10.99 -16.04 -15.89
C ASP A 278 11.70 -17.33 -16.34
N GLU A 279 12.58 -17.23 -17.33
CA GLU A 279 13.39 -18.39 -17.82
C GLU A 279 14.80 -18.35 -17.24
N VAL A 280 14.95 -17.70 -16.09
CA VAL A 280 16.24 -17.68 -15.34
C VAL A 280 16.74 -19.12 -15.22
N GLN A 281 15.88 -20.06 -14.89
CA GLN A 281 16.34 -21.43 -14.59
C GLN A 281 16.02 -22.41 -15.72
N THR A 282 15.06 -22.13 -16.59
CA THR A 282 14.70 -23.01 -17.74
C THR A 282 15.38 -22.58 -19.04
N GLY A 283 16.17 -21.50 -19.03
CA GLY A 283 16.78 -20.95 -20.24
C GLY A 283 18.13 -21.60 -20.57
N MET A 284 18.66 -21.23 -21.73
CA MET A 284 19.98 -21.68 -22.23
C MET A 284 20.00 -23.22 -22.36
N GLY A 285 18.95 -23.80 -22.95
CA GLY A 285 18.93 -25.17 -23.47
C GLY A 285 18.53 -26.22 -22.45
N ARG A 286 18.35 -25.85 -21.17
CA ARG A 286 18.23 -26.87 -20.07
C ARG A 286 17.01 -27.82 -20.27
N THR A 287 15.91 -27.39 -20.88
CA THR A 287 14.68 -28.22 -20.99
C THR A 287 14.62 -28.96 -22.31
N GLY A 288 15.64 -28.81 -23.16
CA GLY A 288 15.67 -29.47 -24.47
C GLY A 288 15.47 -28.48 -25.59
N LYS A 289 15.14 -27.23 -25.26
CA LYS A 289 15.20 -26.12 -26.24
C LYS A 289 15.97 -24.98 -25.60
N MET A 290 16.38 -24.00 -26.40
CA MET A 290 17.16 -22.84 -25.92
C MET A 290 16.34 -22.15 -24.81
N PHE A 291 15.04 -22.01 -25.00
CA PHE A 291 14.08 -21.50 -23.97
C PHE A 291 12.86 -22.44 -23.91
N ALA A 292 12.34 -22.68 -22.71
CA ALA A 292 11.17 -23.55 -22.51
C ALA A 292 9.95 -22.97 -23.23
N CYS A 293 9.90 -21.66 -23.53
CA CYS A 293 8.75 -21.03 -24.24
C CYS A 293 8.74 -21.50 -25.70
N GLU A 294 9.80 -22.13 -26.19
CA GLU A 294 9.88 -22.64 -27.59
C GLU A 294 9.10 -23.94 -27.74
N HIS A 295 8.92 -24.72 -26.67
CA HIS A 295 8.08 -25.97 -26.69
C HIS A 295 6.70 -25.68 -27.26
N GLU A 296 6.08 -24.57 -26.87
CA GLU A 296 4.71 -24.21 -27.33
C GLU A 296 4.75 -23.04 -28.33
N ASN A 297 5.94 -22.56 -28.70
N ASN A 297 5.94 -22.55 -28.69
CA ASN A 297 6.12 -21.35 -29.55
CA ASN A 297 6.12 -21.35 -29.55
C ASN A 297 5.33 -20.19 -28.94
C ASN A 297 5.33 -20.20 -28.94
N VAL A 298 5.53 -19.96 -27.64
CA VAL A 298 4.92 -18.84 -26.85
C VAL A 298 5.90 -17.66 -26.84
N GLN A 299 5.42 -16.49 -27.27
CA GLN A 299 6.18 -15.23 -27.22
C GLN A 299 5.65 -14.39 -26.06
N PRO A 300 6.40 -14.28 -24.92
CA PRO A 300 6.04 -13.34 -23.86
C PRO A 300 6.40 -11.93 -24.31
N ASP A 301 5.90 -10.93 -23.58
CA ASP A 301 6.23 -9.50 -23.79
C ASP A 301 7.65 -9.26 -23.30
N ILE A 302 8.00 -9.93 -22.20
CA ILE A 302 9.28 -9.74 -21.46
C ILE A 302 9.78 -11.12 -21.04
N LEU A 303 11.05 -11.38 -21.31
CA LEU A 303 11.77 -12.63 -20.99
C LEU A 303 12.93 -12.32 -20.04
N CYS A 304 13.04 -13.10 -18.97
CA CYS A 304 14.11 -12.99 -17.95
C CYS A 304 15.08 -14.17 -18.06
N LEU A 305 16.37 -13.87 -18.08
CA LEU A 305 17.46 -14.86 -18.17
C LEU A 305 18.55 -14.51 -17.17
N ALA A 306 19.18 -15.54 -16.62
CA ALA A 306 20.44 -15.47 -15.83
C ALA A 306 21.02 -16.88 -15.76
N LYS A 307 21.59 -17.28 -14.62
CA LYS A 307 22.28 -18.57 -14.36
C LYS A 307 23.17 -18.93 -15.56
N ALA A 308 22.72 -19.87 -16.41
CA ALA A 308 23.56 -20.49 -17.46
C ALA A 308 23.99 -19.45 -18.50
N LEU A 309 23.30 -18.31 -18.62
CA LEU A 309 23.68 -17.29 -19.62
C LEU A 309 25.15 -16.85 -19.44
N GLY A 310 25.72 -16.95 -18.23
CA GLY A 310 27.12 -16.54 -17.96
C GLY A 310 28.13 -17.65 -18.20
N GLY A 311 27.66 -18.85 -18.54
CA GLY A 311 28.52 -19.97 -18.94
C GLY A 311 29.15 -20.68 -17.75
N GLY A 312 28.70 -20.41 -16.53
CA GLY A 312 29.32 -20.99 -15.31
C GLY A 312 30.66 -20.34 -15.04
N VAL A 313 30.87 -19.16 -15.60
CA VAL A 313 32.13 -18.39 -15.40
C VAL A 313 31.80 -17.00 -14.83
N MET A 314 30.86 -16.28 -15.45
CA MET A 314 30.46 -14.89 -15.04
C MET A 314 29.03 -14.84 -14.52
N PRO A 315 28.76 -14.01 -13.49
CA PRO A 315 27.40 -13.63 -13.13
C PRO A 315 26.90 -12.64 -14.19
N ILE A 316 25.73 -12.93 -14.76
CA ILE A 316 25.00 -12.01 -15.68
C ILE A 316 23.51 -12.30 -15.57
N GLY A 317 22.68 -11.27 -15.79
CA GLY A 317 21.25 -11.41 -16.08
C GLY A 317 20.90 -10.65 -17.34
N ALA A 318 19.83 -11.02 -18.01
CA ALA A 318 19.30 -10.27 -19.17
C ALA A 318 17.78 -10.21 -19.08
N THR A 319 17.24 -9.03 -19.37
CA THR A 319 15.80 -8.81 -19.55
C THR A 319 15.59 -8.38 -20.99
N ILE A 320 14.87 -9.17 -21.76
CA ILE A 320 14.60 -8.88 -23.19
C ILE A 320 13.10 -8.67 -23.34
N ALA A 321 12.70 -7.74 -24.20
CA ALA A 321 11.30 -7.28 -24.34
C ALA A 321 11.07 -6.76 -25.75
N THR A 322 9.81 -6.63 -26.12
CA THR A 322 9.34 -6.00 -27.39
C THR A 322 9.79 -4.54 -27.43
N GLU A 323 9.91 -3.97 -28.63
CA GLU A 323 10.16 -2.53 -28.82
C GLU A 323 9.02 -1.75 -28.17
N GLU A 324 7.79 -2.28 -28.28
CA GLU A 324 6.52 -1.65 -27.77
C GLU A 324 6.70 -1.36 -26.27
N VAL A 325 7.17 -2.34 -25.49
CA VAL A 325 7.34 -2.26 -24.02
C VAL A 325 8.64 -1.54 -23.66
N PHE A 326 9.77 -1.93 -24.27
CA PHE A 326 11.10 -1.44 -23.87
C PHE A 326 11.21 0.05 -24.19
N SER A 327 10.48 0.54 -25.21
CA SER A 327 10.54 1.95 -25.69
C SER A 327 10.23 2.93 -24.54
N VAL A 328 9.76 2.42 -23.40
CA VAL A 328 9.54 3.24 -22.18
C VAL A 328 10.87 3.81 -21.68
N LEU A 329 12.01 3.22 -22.07
CA LEU A 329 13.36 3.61 -21.59
C LEU A 329 14.06 4.52 -22.61
N PHE A 330 13.44 4.84 -23.74
CA PHE A 330 14.09 5.54 -24.88
C PHE A 330 14.23 7.05 -24.65
N ASP A 331 13.25 7.72 -24.02
CA ASP A 331 13.26 9.19 -23.82
C ASP A 331 14.26 9.56 -22.73
N ASN A 332 14.31 8.74 -21.67
CA ASN A 332 15.28 8.86 -20.56
C ASN A 332 15.95 7.51 -20.36
N PRO A 333 17.11 7.28 -21.00
CA PRO A 333 17.81 6.00 -20.89
C PRO A 333 18.44 5.74 -19.52
N PHE A 334 18.32 6.68 -18.58
CA PHE A 334 18.85 6.51 -17.20
C PHE A 334 17.70 6.12 -16.27
N LEU A 335 16.51 5.93 -16.81
CA LEU A 335 15.33 5.60 -15.98
C LEU A 335 15.61 4.31 -15.20
N HIS A 336 16.22 3.32 -15.88
CA HIS A 336 16.71 2.07 -15.26
C HIS A 336 18.15 1.85 -15.72
N THR A 337 19.04 1.69 -14.76
CA THR A 337 20.49 1.48 -14.94
C THR A 337 21.00 0.56 -13.83
N THR A 338 22.19 0.02 -14.06
CA THR A 338 23.03 -0.66 -13.04
C THR A 338 24.47 -0.32 -13.45
N THR A 339 25.39 -0.37 -12.50
N THR A 339 25.39 -0.37 -12.50
CA THR A 339 26.80 0.04 -12.72
CA THR A 339 26.82 0.03 -12.70
C THR A 339 27.53 -1.07 -13.49
C THR A 339 27.53 -1.07 -13.49
N PHE A 340 27.41 -2.33 -13.05
CA PHE A 340 28.16 -3.47 -13.61
C PHE A 340 27.45 -4.16 -14.78
N GLY A 341 26.18 -3.87 -15.04
CA GLY A 341 25.34 -4.66 -15.97
C GLY A 341 25.80 -4.50 -17.41
N GLY A 342 25.92 -5.60 -18.13
CA GLY A 342 26.38 -5.60 -19.54
C GLY A 342 27.87 -5.31 -19.63
N ASN A 343 28.63 -5.57 -18.55
CA ASN A 343 30.11 -5.43 -18.55
C ASN A 343 30.69 -6.40 -19.58
N PRO A 344 31.84 -6.01 -20.18
CA PRO A 344 32.51 -6.83 -21.18
C PRO A 344 32.87 -8.28 -20.80
N LEU A 345 33.36 -8.56 -19.58
CA LEU A 345 33.61 -9.97 -19.14
C LEU A 345 32.30 -10.77 -19.24
N ALA A 346 31.24 -10.25 -18.62
CA ALA A 346 29.96 -10.95 -18.59
C ALA A 346 29.48 -11.17 -20.03
N CYS A 347 29.55 -10.15 -20.90
CA CYS A 347 29.06 -10.22 -22.31
C CYS A 347 29.89 -11.27 -23.08
N ALA A 348 31.20 -11.20 -22.94
CA ALA A 348 32.13 -12.20 -23.50
C ALA A 348 31.67 -13.60 -23.07
N ALA A 349 31.37 -13.81 -21.78
CA ALA A 349 31.03 -15.13 -21.20
C ALA A 349 29.71 -15.61 -21.83
N ALA A 350 28.75 -14.71 -21.96
CA ALA A 350 27.42 -15.03 -22.53
C ALA A 350 27.57 -15.33 -24.02
N LEU A 351 28.37 -14.54 -24.74
CA LEU A 351 28.50 -14.68 -26.20
C LEU A 351 29.13 -16.04 -26.49
N ALA A 352 30.12 -16.40 -25.67
CA ALA A 352 30.78 -17.73 -25.73
C ALA A 352 29.74 -18.83 -25.47
N THR A 353 28.93 -18.66 -24.42
CA THR A 353 27.95 -19.68 -23.97
C THR A 353 26.97 -19.95 -25.11
N ILE A 354 26.41 -18.91 -25.71
CA ILE A 354 25.49 -19.04 -26.88
C ILE A 354 26.21 -19.75 -28.02
N ASN A 355 27.43 -19.33 -28.32
CA ASN A 355 28.22 -19.99 -29.39
C ASN A 355 28.34 -21.50 -29.13
N VAL A 356 28.65 -21.88 -27.89
CA VAL A 356 28.86 -23.30 -27.47
C VAL A 356 27.54 -24.06 -27.62
N LEU A 357 26.44 -23.54 -27.06
CA LEU A 357 25.13 -24.24 -27.05
C LEU A 357 24.68 -24.52 -28.48
N LEU A 358 24.86 -23.55 -29.39
CA LEU A 358 24.41 -23.66 -30.80
C LEU A 358 25.34 -24.60 -31.58
N GLU A 359 26.66 -24.36 -31.52
CA GLU A 359 27.71 -25.17 -32.22
C GLU A 359 27.53 -26.66 -31.93
N GLN A 360 27.33 -27.01 -30.66
CA GLN A 360 27.32 -28.43 -30.18
C GLN A 360 25.91 -28.98 -30.01
N ASN A 361 24.87 -28.21 -30.38
N ASN A 361 24.87 -28.21 -30.38
CA ASN A 361 23.44 -28.61 -30.26
CA ASN A 361 23.45 -28.64 -30.29
C ASN A 361 23.17 -29.23 -28.88
C ASN A 361 23.17 -29.22 -28.89
N LEU A 362 23.64 -28.57 -27.82
CA LEU A 362 23.44 -29.05 -26.43
C LEU A 362 21.96 -29.05 -26.02
N PRO A 363 21.08 -28.19 -26.56
CA PRO A 363 19.64 -28.34 -26.34
C PRO A 363 19.17 -29.76 -26.72
N ALA A 364 19.50 -30.20 -27.92
CA ALA A 364 19.16 -31.56 -28.37
C ALA A 364 19.76 -32.59 -27.40
N GLN A 365 20.98 -32.39 -26.90
CA GLN A 365 21.62 -33.37 -25.99
C GLN A 365 20.84 -33.44 -24.68
N ALA A 366 20.39 -32.29 -24.19
CA ALA A 366 19.66 -32.20 -22.91
C ALA A 366 18.37 -33.04 -23.03
N GLU A 367 17.68 -32.93 -24.16
CA GLU A 367 16.46 -33.71 -24.48
C GLU A 367 16.78 -35.21 -24.35
N GLN A 368 17.82 -35.68 -25.06
CA GLN A 368 18.14 -37.12 -25.15
C GLN A 368 18.54 -37.62 -23.76
N LYS A 369 19.42 -36.88 -23.09
CA LYS A 369 20.03 -37.32 -21.81
C LYS A 369 18.99 -37.23 -20.70
N GLY A 370 18.13 -36.20 -20.73
CA GLY A 370 17.02 -36.04 -19.79
C GLY A 370 16.02 -37.17 -19.92
N ASP A 371 15.64 -37.51 -21.16
CA ASP A 371 14.75 -38.66 -21.43
C ASP A 371 15.36 -39.93 -20.80
N MET A 372 16.67 -40.12 -21.03
N MET A 372 16.67 -40.12 -21.03
CA MET A 372 17.43 -41.30 -20.55
CA MET A 372 17.42 -41.30 -20.55
C MET A 372 17.41 -41.31 -19.01
C MET A 372 17.41 -41.31 -19.01
N LEU A 373 17.80 -40.19 -18.40
CA LEU A 373 17.90 -40.06 -16.92
C LEU A 373 16.53 -40.20 -16.26
N LEU A 374 15.51 -39.53 -16.81
CA LEU A 374 14.14 -39.54 -16.24
C LEU A 374 13.61 -40.98 -16.26
N ASP A 375 13.82 -41.70 -17.38
CA ASP A 375 13.42 -43.12 -17.51
C ASP A 375 14.07 -43.91 -16.39
N GLY A 376 15.37 -43.72 -16.21
CA GLY A 376 16.12 -44.36 -15.13
C GLY A 376 15.47 -44.10 -13.77
N PHE A 377 15.13 -42.85 -13.49
CA PHE A 377 14.60 -42.43 -12.17
C PHE A 377 13.19 -42.98 -11.97
N ARG A 378 12.34 -42.85 -12.99
CA ARG A 378 10.97 -43.40 -12.96
C ARG A 378 11.01 -44.91 -12.64
N GLN A 379 12.02 -45.63 -13.18
CA GLN A 379 12.20 -47.09 -12.91
C GLN A 379 12.54 -47.31 -11.44
N LEU A 380 13.48 -46.52 -10.90
CA LEU A 380 13.86 -46.59 -9.47
C LEU A 380 12.66 -46.23 -8.59
N ALA A 381 11.77 -45.36 -9.08
CA ALA A 381 10.54 -44.94 -8.37
C ALA A 381 9.62 -46.15 -8.26
N ARG A 382 9.42 -46.87 -9.38
CA ARG A 382 8.63 -48.12 -9.43
C ARG A 382 9.19 -49.11 -8.41
N GLU A 383 10.51 -49.18 -8.29
CA GLU A 383 11.19 -50.19 -7.45
C GLU A 383 11.18 -49.77 -5.98
N TYR A 384 11.14 -48.47 -5.69
CA TYR A 384 11.27 -47.93 -4.31
C TYR A 384 10.13 -46.97 -4.02
N PRO A 385 8.88 -47.44 -4.04
CA PRO A 385 7.72 -46.61 -3.69
C PRO A 385 7.62 -46.33 -2.18
N ASP A 386 8.33 -47.12 -1.37
CA ASP A 386 8.49 -46.93 0.10
C ASP A 386 9.29 -45.65 0.39
N LEU A 387 10.12 -45.22 -0.57
CA LEU A 387 11.06 -44.08 -0.43
C LEU A 387 10.68 -42.95 -1.38
N VAL A 388 10.32 -43.29 -2.61
CA VAL A 388 10.11 -42.30 -3.70
C VAL A 388 8.64 -42.18 -4.03
N GLN A 389 8.12 -40.95 -4.02
N GLN A 389 8.12 -40.95 -4.02
CA GLN A 389 6.72 -40.65 -4.45
CA GLN A 389 6.73 -40.68 -4.46
C GLN A 389 6.72 -40.69 -5.99
C GLN A 389 6.73 -40.69 -5.99
N GLU A 390 7.54 -39.86 -6.62
CA GLU A 390 7.54 -39.72 -8.10
C GLU A 390 8.85 -39.08 -8.59
N ALA A 391 9.18 -39.30 -9.86
CA ALA A 391 10.23 -38.53 -10.59
C ALA A 391 9.58 -37.78 -11.75
N ARG A 392 9.95 -36.51 -11.93
CA ARG A 392 9.45 -35.63 -13.01
C ARG A 392 10.64 -34.99 -13.71
N GLY A 393 10.39 -34.42 -14.88
CA GLY A 393 11.40 -33.59 -15.57
C GLY A 393 10.99 -33.20 -16.97
N LYS A 394 11.80 -32.35 -17.57
CA LYS A 394 11.76 -31.96 -18.99
C LYS A 394 13.19 -31.59 -19.36
N GLY A 395 13.77 -32.28 -20.34
CA GLY A 395 15.21 -32.15 -20.60
C GLY A 395 15.99 -32.45 -19.34
N MET A 396 16.98 -31.61 -19.02
CA MET A 396 17.92 -31.84 -17.91
C MET A 396 17.47 -31.09 -16.67
N LEU A 397 16.20 -30.69 -16.64
CA LEU A 397 15.54 -30.15 -15.43
C LEU A 397 14.67 -31.26 -14.85
N MET A 398 15.14 -31.87 -13.76
CA MET A 398 14.51 -33.07 -13.18
C MET A 398 14.47 -32.96 -11.67
N ALA A 399 13.54 -33.70 -11.08
CA ALA A 399 13.34 -33.83 -9.63
C ALA A 399 12.91 -35.27 -9.30
N ILE A 400 13.36 -35.73 -8.15
CA ILE A 400 12.80 -36.91 -7.43
C ILE A 400 12.11 -36.39 -6.16
N GLU A 401 10.80 -36.58 -6.08
CA GLU A 401 10.02 -36.32 -4.85
C GLU A 401 10.03 -37.59 -3.98
N PHE A 402 10.54 -37.50 -2.76
CA PHE A 402 10.54 -38.61 -1.78
C PHE A 402 9.25 -38.53 -0.94
N VAL A 403 9.02 -39.58 -0.15
CA VAL A 403 7.76 -39.76 0.62
C VAL A 403 7.68 -38.66 1.68
N ASP A 404 8.80 -38.34 2.34
CA ASP A 404 8.90 -37.32 3.40
C ASP A 404 10.28 -36.63 3.32
N ASN A 405 10.43 -35.52 4.04
CA ASN A 405 11.60 -34.61 3.92
C ASN A 405 12.87 -35.34 4.32
N GLU A 406 12.84 -36.09 5.44
CA GLU A 406 14.03 -36.72 6.05
C GLU A 406 14.63 -37.77 5.09
N ILE A 407 13.78 -38.45 4.31
CA ILE A 407 14.19 -39.44 3.28
C ILE A 407 14.95 -38.71 2.15
N GLY A 408 14.43 -37.57 1.66
CA GLY A 408 15.09 -36.71 0.66
C GLY A 408 16.50 -36.33 1.10
N TYR A 409 16.68 -36.00 2.38
CA TYR A 409 17.99 -35.60 2.97
C TYR A 409 18.91 -36.82 3.01
N ASN A 410 18.37 -38.00 3.32
CA ASN A 410 19.18 -39.25 3.41
C ASN A 410 19.72 -39.60 2.02
N PHE A 411 18.95 -39.31 0.97
CA PHE A 411 19.31 -39.55 -0.44
C PHE A 411 20.44 -38.62 -0.85
N ALA A 412 20.29 -37.31 -0.63
CA ALA A 412 21.33 -36.30 -0.89
C ALA A 412 22.65 -36.76 -0.27
N SER A 413 22.63 -37.26 0.98
CA SER A 413 23.82 -37.71 1.75
C SER A 413 24.42 -38.95 1.11
N GLU A 414 23.59 -39.95 0.84
CA GLU A 414 24.01 -41.23 0.23
C GLU A 414 24.69 -40.94 -1.12
N MET A 415 24.08 -40.07 -1.94
CA MET A 415 24.66 -39.65 -3.25
C MET A 415 26.01 -38.96 -3.04
N PHE A 416 26.11 -38.07 -2.07
CA PHE A 416 27.36 -37.34 -1.73
C PHE A 416 28.42 -38.35 -1.27
N ARG A 417 28.03 -39.36 -0.50
CA ARG A 417 28.94 -40.42 -0.02
C ARG A 417 29.57 -41.09 -1.24
N GLN A 418 28.81 -41.17 -2.34
CA GLN A 418 29.23 -41.85 -3.59
C GLN A 418 29.76 -40.82 -4.60
N ARG A 419 30.04 -39.61 -4.15
CA ARG A 419 30.71 -38.53 -4.95
C ARG A 419 29.83 -38.18 -6.15
N VAL A 420 28.52 -38.09 -5.91
CA VAL A 420 27.55 -37.49 -6.86
C VAL A 420 26.84 -36.35 -6.14
N LEU A 421 26.86 -35.18 -6.74
CA LEU A 421 26.41 -33.91 -6.13
C LEU A 421 24.98 -33.63 -6.59
N VAL A 422 24.04 -33.69 -5.66
CA VAL A 422 22.63 -33.25 -5.82
C VAL A 422 22.30 -32.38 -4.61
N ALA A 423 21.16 -31.68 -4.62
CA ALA A 423 20.71 -30.94 -3.42
C ALA A 423 19.22 -30.71 -3.53
N GLY A 424 18.62 -30.18 -2.47
CA GLY A 424 17.18 -29.86 -2.40
C GLY A 424 16.80 -28.65 -3.25
N THR A 425 15.49 -28.52 -3.49
CA THR A 425 14.80 -27.35 -4.10
C THR A 425 14.39 -26.37 -2.98
N LEU A 426 14.18 -25.10 -3.34
CA LEU A 426 13.83 -24.01 -2.38
C LEU A 426 12.34 -24.10 -2.03
N ASN A 427 11.41 -23.86 -2.97
CA ASN A 427 9.95 -23.78 -2.68
C ASN A 427 9.32 -25.16 -2.66
N ASN A 428 10.04 -26.18 -2.15
CA ASN A 428 9.59 -27.61 -2.12
C ASN A 428 10.59 -28.44 -1.32
N ALA A 429 10.21 -28.88 -0.11
CA ALA A 429 10.99 -29.80 0.75
C ALA A 429 10.90 -31.22 0.17
N LYS A 430 11.74 -32.16 0.63
CA LYS A 430 11.61 -33.63 0.32
C LYS A 430 11.78 -33.90 -1.18
N THR A 431 12.16 -32.90 -1.97
CA THR A 431 12.32 -32.95 -3.45
C THR A 431 13.78 -32.64 -3.76
N ILE A 432 14.44 -33.54 -4.48
CA ILE A 432 15.87 -33.40 -4.89
C ILE A 432 15.91 -33.06 -6.37
N ARG A 433 16.53 -31.94 -6.71
CA ARG A 433 16.76 -31.49 -8.11
C ARG A 433 17.90 -32.31 -8.71
N ILE A 434 17.73 -32.75 -9.95
CA ILE A 434 18.83 -33.30 -10.77
C ILE A 434 18.96 -32.34 -11.95
N GLU A 435 20.02 -31.54 -11.93
CA GLU A 435 20.27 -30.44 -12.88
C GLU A 435 21.73 -30.52 -13.34
N PRO A 436 22.15 -31.60 -14.01
CA PRO A 436 23.54 -31.75 -14.42
C PRO A 436 23.87 -30.82 -15.57
N PRO A 437 25.16 -30.55 -15.83
CA PRO A 437 25.58 -29.91 -17.07
C PRO A 437 24.98 -30.61 -18.28
N LEU A 438 24.58 -29.88 -19.31
CA LEU A 438 24.04 -30.48 -20.57
C LEU A 438 25.14 -31.36 -21.19
N THR A 439 26.39 -31.12 -20.79
CA THR A 439 27.61 -31.81 -21.29
C THR A 439 27.84 -33.13 -20.54
N LEU A 440 27.01 -33.48 -19.57
CA LEU A 440 27.12 -34.79 -18.85
C LEU A 440 27.22 -35.91 -19.89
N THR A 441 28.21 -36.78 -19.79
CA THR A 441 28.45 -37.85 -20.79
C THR A 441 27.45 -38.98 -20.56
N ILE A 442 27.21 -39.77 -21.60
CA ILE A 442 26.26 -40.91 -21.51
C ILE A 442 26.74 -41.84 -20.41
N GLU A 443 28.04 -42.08 -20.34
CA GLU A 443 28.63 -42.94 -19.27
C GLU A 443 28.28 -42.34 -17.91
N GLN A 444 28.48 -41.02 -17.71
CA GLN A 444 28.17 -40.38 -16.41
C GLN A 444 26.67 -40.57 -16.13
N CYS A 445 25.81 -40.29 -17.11
CA CYS A 445 24.34 -40.50 -16.98
C CYS A 445 24.08 -41.88 -16.33
N GLU A 446 24.67 -42.94 -16.89
CA GLU A 446 24.50 -44.33 -16.41
C GLU A 446 25.04 -44.45 -14.98
N LEU A 447 26.20 -43.85 -14.69
CA LEU A 447 26.83 -43.91 -13.34
C LEU A 447 25.90 -43.25 -12.33
N VAL A 448 25.22 -42.16 -12.74
CA VAL A 448 24.29 -41.39 -11.88
C VAL A 448 23.15 -42.32 -11.45
N ILE A 449 22.55 -43.01 -12.41
CA ILE A 449 21.43 -43.95 -12.17
C ILE A 449 21.89 -45.07 -11.23
N LYS A 450 23.11 -45.58 -11.40
CA LYS A 450 23.64 -46.69 -10.57
C LYS A 450 23.86 -46.16 -9.15
N ALA A 451 24.40 -44.95 -9.02
CA ALA A 451 24.60 -44.27 -7.71
C ALA A 451 23.23 -44.10 -7.01
N ALA A 452 22.21 -43.65 -7.75
CA ALA A 452 20.86 -43.47 -7.21
C ALA A 452 20.37 -44.82 -6.67
N ARG A 453 20.53 -45.89 -7.45
CA ARG A 453 20.10 -47.26 -7.06
C ARG A 453 20.78 -47.64 -5.74
N LYS A 454 22.10 -47.53 -5.70
CA LYS A 454 22.89 -47.90 -4.51
C LYS A 454 22.40 -47.10 -3.31
N ALA A 455 22.08 -45.81 -3.51
CA ALA A 455 21.63 -44.89 -2.45
C ALA A 455 20.29 -45.37 -1.87
N LEU A 456 19.32 -45.66 -2.72
CA LEU A 456 17.95 -46.10 -2.33
C LEU A 456 18.02 -47.42 -1.57
N ALA A 457 18.83 -48.37 -2.04
CA ALA A 457 19.01 -49.69 -1.41
C ALA A 457 19.57 -49.51 0.02
N ALA A 458 20.56 -48.63 0.20
CA ALA A 458 21.18 -48.33 1.51
C ALA A 458 20.15 -47.67 2.44
N MET A 459 19.36 -46.74 1.90
CA MET A 459 18.27 -46.05 2.64
C MET A 459 17.22 -47.07 3.12
N ARG A 460 16.86 -48.03 2.27
CA ARG A 460 15.85 -49.09 2.61
C ARG A 460 16.37 -49.87 3.82
N VAL A 461 17.64 -50.28 3.79
CA VAL A 461 18.33 -51.03 4.90
C VAL A 461 18.22 -50.21 6.19
N SER A 462 18.62 -48.93 6.17
CA SER A 462 18.53 -47.99 7.33
C SER A 462 17.13 -48.11 7.95
N VAL A 463 16.09 -47.90 7.15
CA VAL A 463 14.66 -47.97 7.60
C VAL A 463 14.42 -49.37 8.20
N GLU A 464 14.49 -50.43 7.37
CA GLU A 464 14.24 -51.84 7.78
C GLU A 464 14.94 -52.11 9.11
N GLU A 465 16.23 -51.75 9.23
CA GLU A 465 17.00 -51.68 10.52
C GLU A 465 16.09 -50.94 11.51
N ALA A 466 16.33 -49.67 11.85
CA ALA A 466 15.49 -48.88 12.78
C ALA A 466 14.51 -49.78 13.57
N LEU A 467 13.57 -50.46 12.90
CA LEU A 467 12.66 -51.50 13.47
C LEU A 467 13.47 -52.67 14.06
N ALA B 15 21.46 -12.11 -39.58
CA ALA B 15 22.22 -13.40 -39.51
C ALA B 15 21.61 -14.30 -38.42
N SER B 16 22.05 -15.56 -38.38
CA SER B 16 21.80 -16.48 -37.24
C SER B 16 22.53 -15.93 -36.00
N ALA B 17 22.07 -16.34 -34.82
CA ALA B 17 22.74 -16.10 -33.53
C ALA B 17 24.15 -16.70 -33.57
N LEU B 18 24.30 -17.90 -34.13
CA LEU B 18 25.61 -18.61 -34.17
C LEU B 18 26.64 -17.72 -34.87
N ALA B 19 26.23 -17.15 -36.02
CA ALA B 19 27.05 -16.26 -36.88
C ALA B 19 27.50 -15.02 -36.10
N CYS B 20 26.58 -14.38 -35.37
CA CYS B 20 26.87 -13.16 -34.56
C CYS B 20 27.73 -13.54 -33.35
N SER B 21 27.47 -14.66 -32.68
CA SER B 21 28.27 -15.11 -31.50
C SER B 21 29.72 -15.40 -31.94
N ALA B 22 29.89 -15.89 -33.18
CA ALA B 22 31.19 -16.20 -33.80
C ALA B 22 31.92 -14.88 -34.12
N HIS B 23 31.27 -13.98 -34.84
CA HIS B 23 31.85 -12.67 -35.27
C HIS B 23 32.35 -11.92 -34.04
N ALA B 24 31.65 -12.09 -32.92
CA ALA B 24 31.92 -11.38 -31.65
C ALA B 24 33.08 -12.03 -30.93
N LEU B 25 33.15 -13.36 -30.88
CA LEU B 25 34.32 -14.04 -30.28
C LEU B 25 35.61 -13.69 -31.05
N ASN B 26 35.50 -13.57 -32.38
N ASN B 26 35.50 -13.57 -32.38
CA ASN B 26 36.59 -13.10 -33.28
CA ASN B 26 36.59 -13.09 -33.28
C ASN B 26 37.05 -11.71 -32.82
C ASN B 26 37.04 -11.70 -32.82
N LEU B 27 36.10 -10.83 -32.55
N LEU B 27 36.09 -10.81 -32.55
CA LEU B 27 36.38 -9.43 -32.10
CA LEU B 27 36.35 -9.41 -32.10
C LEU B 27 37.02 -9.42 -30.72
C LEU B 27 37.02 -9.42 -30.72
N ILE B 28 36.61 -10.32 -29.82
CA ILE B 28 37.18 -10.42 -28.44
C ILE B 28 38.67 -10.78 -28.50
N GLU B 29 39.08 -11.60 -29.45
CA GLU B 29 40.50 -12.04 -29.61
C GLU B 29 41.37 -10.90 -30.16
N LYS B 30 40.87 -10.13 -31.12
CA LYS B 30 41.57 -9.00 -31.78
C LYS B 30 42.03 -8.01 -30.70
N ARG B 31 43.26 -7.53 -30.78
CA ARG B 31 43.82 -6.46 -29.91
C ARG B 31 43.99 -5.20 -30.73
N THR B 32 43.91 -5.27 -32.06
CA THR B 32 44.15 -4.13 -32.97
C THR B 32 43.06 -4.08 -34.04
N LEU B 33 42.84 -2.88 -34.57
CA LEU B 33 41.85 -2.60 -35.63
C LEU B 33 42.52 -1.69 -36.63
N ASP B 34 42.59 -2.05 -37.90
CA ASP B 34 43.01 -1.08 -38.95
C ASP B 34 41.83 -0.13 -39.16
N HIS B 35 42.01 0.94 -39.92
CA HIS B 35 40.96 1.93 -40.25
C HIS B 35 39.67 1.23 -40.69
N GLU B 36 39.76 0.17 -41.49
CA GLU B 36 38.58 -0.52 -42.09
C GLU B 36 37.86 -1.35 -41.03
N GLU B 37 38.59 -2.07 -40.17
CA GLU B 37 38.00 -2.92 -39.12
C GLU B 37 37.28 -2.01 -38.12
N MET B 38 37.93 -0.91 -37.75
CA MET B 38 37.41 0.14 -36.84
C MET B 38 36.13 0.72 -37.42
N LYS B 39 36.14 1.15 -38.69
CA LYS B 39 34.98 1.84 -39.33
C LYS B 39 33.80 0.88 -39.33
N ALA B 40 34.04 -0.39 -39.60
CA ALA B 40 33.01 -1.44 -39.70
C ALA B 40 32.44 -1.73 -38.32
N LEU B 41 33.28 -1.78 -37.28
CA LEU B 41 32.85 -2.11 -35.90
C LEU B 41 32.08 -0.93 -35.29
N ASN B 42 32.59 0.28 -35.45
CA ASN B 42 31.90 1.50 -34.98
C ASN B 42 30.49 1.51 -35.60
N ARG B 43 30.39 1.32 -36.91
CA ARG B 43 29.12 1.36 -37.69
C ARG B 43 28.18 0.30 -37.12
N GLU B 44 28.68 -0.89 -36.79
CA GLU B 44 27.88 -2.00 -36.22
C GLU B 44 27.37 -1.62 -34.84
N VAL B 45 28.26 -1.17 -33.96
CA VAL B 45 27.94 -0.91 -32.53
C VAL B 45 26.83 0.16 -32.46
N ILE B 46 26.88 1.18 -33.32
CA ILE B 46 25.88 2.29 -33.33
C ILE B 46 24.54 1.73 -33.82
N GLU B 47 24.54 0.99 -34.92
CA GLU B 47 23.32 0.33 -35.46
C GLU B 47 22.72 -0.56 -34.37
N TYR B 48 23.54 -1.38 -33.69
CA TYR B 48 23.04 -2.36 -32.68
C TYR B 48 22.58 -1.65 -31.39
N PHE B 49 23.22 -0.55 -30.96
CA PHE B 49 22.74 0.24 -29.78
C PHE B 49 21.33 0.73 -30.08
N LYS B 50 21.16 1.27 -31.29
CA LYS B 50 19.91 1.83 -31.85
C LYS B 50 18.84 0.75 -31.93
N GLU B 51 19.17 -0.46 -32.38
CA GLU B 51 18.16 -1.49 -32.73
C GLU B 51 17.94 -2.48 -31.59
N HIS B 52 18.82 -2.57 -30.58
CA HIS B 52 18.77 -3.71 -29.61
C HIS B 52 19.14 -3.35 -28.16
N VAL B 53 19.64 -2.13 -27.89
CA VAL B 53 20.07 -1.71 -26.53
C VAL B 53 19.21 -0.52 -26.07
N ASN B 54 19.39 0.64 -26.71
CA ASN B 54 18.65 1.87 -26.37
C ASN B 54 19.08 3.01 -27.30
N PRO B 55 18.25 3.46 -28.27
CA PRO B 55 18.60 4.59 -29.12
C PRO B 55 18.74 5.89 -28.31
N GLY B 56 18.18 5.90 -27.09
CA GLY B 56 18.31 6.99 -26.11
C GLY B 56 19.75 7.24 -25.69
N PHE B 57 20.57 6.20 -25.49
CA PHE B 57 22.00 6.35 -25.12
C PHE B 57 22.72 7.15 -26.19
N LEU B 58 22.38 6.95 -27.47
CA LEU B 58 23.03 7.68 -28.61
C LEU B 58 22.62 9.16 -28.58
N GLU B 59 21.37 9.47 -28.18
CA GLU B 59 20.89 10.89 -28.09
C GLU B 59 21.60 11.59 -26.94
N TYR B 60 21.75 10.95 -25.78
CA TYR B 60 22.36 11.53 -24.54
C TYR B 60 23.82 11.89 -24.81
N ARG B 61 24.59 10.91 -25.31
CA ARG B 61 26.05 11.04 -25.57
C ARG B 61 26.31 12.15 -26.59
N LYS B 62 25.34 12.46 -27.48
CA LYS B 62 25.38 13.59 -28.46
C LYS B 62 25.30 14.96 -27.74
N SER B 63 24.38 15.08 -26.77
CA SER B 63 24.12 16.29 -25.93
C SER B 63 25.39 16.65 -25.13
N VAL B 64 26.24 15.65 -24.87
CA VAL B 64 27.51 15.81 -24.10
C VAL B 64 28.74 15.59 -25.01
N THR B 65 28.65 15.94 -26.30
CA THR B 65 29.77 15.86 -27.31
C THR B 65 29.50 16.80 -28.50
N ALA B 66 30.56 17.09 -29.29
CA ALA B 66 30.45 17.60 -30.68
C ALA B 66 30.38 16.37 -31.61
N GLY B 67 29.18 16.08 -32.15
CA GLY B 67 28.87 14.98 -33.07
C GLY B 67 30.10 14.37 -33.73
N GLY B 68 30.08 13.07 -34.01
CA GLY B 68 31.26 12.28 -34.41
C GLY B 68 32.00 11.77 -33.19
N ASP B 69 32.08 12.58 -32.14
CA ASP B 69 32.66 12.23 -30.81
C ASP B 69 31.68 11.36 -30.00
N TYR B 70 30.37 11.51 -30.16
CA TYR B 70 29.36 10.69 -29.41
C TYR B 70 29.57 9.21 -29.73
N GLY B 71 29.99 8.94 -30.99
CA GLY B 71 30.23 7.60 -31.56
C GLY B 71 31.65 7.11 -31.33
N ALA B 72 32.19 7.39 -30.14
CA ALA B 72 33.43 6.81 -29.61
C ALA B 72 33.08 5.48 -28.94
N VAL B 73 33.81 4.41 -29.31
CA VAL B 73 33.56 3.02 -28.86
C VAL B 73 34.74 2.55 -28.02
N GLU B 74 34.50 2.17 -26.76
CA GLU B 74 35.49 1.58 -25.83
C GLU B 74 36.20 0.41 -26.51
N TRP B 75 37.50 0.24 -26.28
CA TRP B 75 38.27 -0.87 -26.88
C TRP B 75 39.12 -1.60 -25.81
N GLN B 76 39.98 -0.88 -25.08
CA GLN B 76 40.77 -1.49 -23.99
C GLN B 76 41.32 -0.41 -23.08
N ALA B 77 41.74 -0.83 -21.88
CA ALA B 77 42.56 -0.08 -20.91
C ALA B 77 43.89 0.31 -21.56
N GLY B 78 44.33 1.57 -21.40
CA GLY B 78 45.64 2.07 -21.85
C GLY B 78 46.70 1.80 -20.81
N SER B 79 46.76 2.64 -19.79
CA SER B 79 47.57 2.45 -18.56
C SER B 79 46.60 2.30 -17.39
N LEU B 80 47.07 2.34 -16.15
CA LEU B 80 46.20 2.27 -14.94
C LEU B 80 45.06 3.27 -15.07
N ASN B 81 45.30 4.47 -15.62
CA ASN B 81 44.37 5.61 -15.47
C ASN B 81 43.85 6.08 -16.82
N THR B 82 44.03 5.31 -17.90
CA THR B 82 43.56 5.72 -19.25
C THR B 82 42.74 4.62 -19.93
N LEU B 83 41.87 5.06 -20.85
CA LEU B 83 41.02 4.22 -21.73
C LEU B 83 41.36 4.56 -23.18
N VAL B 84 41.32 3.55 -24.04
CA VAL B 84 41.62 3.69 -25.48
C VAL B 84 40.38 3.25 -26.26
N ASP B 85 39.91 4.11 -27.17
CA ASP B 85 38.78 3.81 -28.08
C ASP B 85 39.30 3.02 -29.29
N THR B 86 38.37 2.65 -30.17
CA THR B 86 38.59 1.85 -31.38
C THR B 86 39.47 2.60 -32.38
N GLN B 87 39.60 3.94 -32.26
CA GLN B 87 40.42 4.77 -33.18
C GLN B 87 41.81 5.02 -32.58
N GLY B 88 42.11 4.42 -31.42
CA GLY B 88 43.41 4.53 -30.73
C GLY B 88 43.55 5.80 -29.89
N GLN B 89 42.48 6.56 -29.72
CA GLN B 89 42.51 7.80 -28.91
C GLN B 89 42.49 7.40 -27.43
N GLU B 90 43.48 7.87 -26.66
CA GLU B 90 43.68 7.54 -25.22
C GLU B 90 43.02 8.66 -24.40
N PHE B 91 42.23 8.30 -23.40
CA PHE B 91 41.48 9.24 -22.52
C PHE B 91 42.03 9.09 -21.12
N ILE B 92 42.29 10.20 -20.44
CA ILE B 92 42.50 10.17 -18.97
C ILE B 92 41.12 9.99 -18.35
N ASP B 93 40.98 9.06 -17.41
CA ASP B 93 39.70 8.67 -16.81
C ASP B 93 39.45 9.42 -15.50
N CYS B 94 38.62 10.46 -15.56
CA CYS B 94 38.10 11.22 -14.39
C CYS B 94 36.63 10.87 -14.09
N LEU B 95 36.07 9.93 -14.83
CA LEU B 95 34.73 9.36 -14.56
C LEU B 95 34.89 8.20 -13.55
N GLY B 96 35.94 7.40 -13.71
CA GLY B 96 36.27 6.23 -12.86
C GLY B 96 35.13 5.21 -12.86
N GLY B 97 34.40 5.09 -13.97
CA GLY B 97 33.19 4.25 -14.02
C GLY B 97 32.26 4.56 -12.86
N PHE B 98 32.14 5.82 -12.46
CA PHE B 98 31.22 6.27 -11.39
C PHE B 98 31.67 5.68 -10.04
N GLY B 99 32.98 5.50 -9.86
CA GLY B 99 33.60 5.12 -8.58
C GLY B 99 33.97 3.65 -8.49
N ILE B 100 34.16 3.00 -9.63
CA ILE B 100 34.54 1.56 -9.72
C ILE B 100 36.05 1.41 -9.71
N PHE B 101 36.75 2.24 -10.49
CA PHE B 101 38.17 2.04 -10.88
C PHE B 101 39.09 2.72 -9.87
N ASN B 102 38.91 2.41 -8.57
CA ASN B 102 39.68 2.99 -7.44
C ASN B 102 41.15 2.65 -7.59
N VAL B 103 41.44 1.42 -8.00
CA VAL B 103 42.83 0.89 -8.11
C VAL B 103 43.22 0.83 -9.60
N GLY B 104 42.53 1.62 -10.44
CA GLY B 104 42.88 1.78 -11.86
C GLY B 104 42.31 0.67 -12.73
N HIS B 105 42.62 0.76 -14.04
CA HIS B 105 42.18 -0.15 -15.12
C HIS B 105 43.17 -1.32 -15.19
N ARG B 106 42.66 -2.56 -15.13
CA ARG B 106 43.45 -3.81 -15.17
C ARG B 106 44.62 -3.66 -14.17
N ASN B 107 44.29 -3.39 -12.91
CA ASN B 107 45.32 -3.39 -11.85
C ASN B 107 45.96 -4.78 -11.88
N PRO B 108 47.27 -4.87 -12.11
CA PRO B 108 47.90 -6.16 -12.36
C PRO B 108 47.69 -7.13 -11.20
N VAL B 109 47.62 -6.62 -9.97
CA VAL B 109 47.43 -7.48 -8.75
C VAL B 109 46.02 -8.07 -8.78
N VAL B 110 45.03 -7.28 -9.18
CA VAL B 110 43.62 -7.73 -9.25
C VAL B 110 43.51 -8.70 -10.44
N VAL B 111 44.00 -8.28 -11.60
CA VAL B 111 43.90 -9.10 -12.83
C VAL B 111 44.53 -10.45 -12.49
N SER B 112 45.66 -10.44 -11.81
CA SER B 112 46.41 -11.68 -11.43
C SER B 112 45.53 -12.61 -10.59
N ALA B 113 44.89 -12.08 -9.56
CA ALA B 113 44.10 -12.90 -8.62
C ALA B 113 42.95 -13.55 -9.37
N VAL B 114 42.30 -12.79 -10.24
CA VAL B 114 41.13 -13.26 -11.04
C VAL B 114 41.62 -14.35 -12.01
N GLN B 115 42.65 -14.07 -12.81
N GLN B 115 42.65 -14.07 -12.81
CA GLN B 115 43.30 -15.03 -13.74
CA GLN B 115 43.29 -15.03 -13.74
C GLN B 115 43.58 -16.34 -13.01
C GLN B 115 43.58 -16.34 -13.01
N ASN B 116 44.16 -16.24 -11.80
CA ASN B 116 44.58 -17.42 -11.00
C ASN B 116 43.36 -18.25 -10.58
N GLN B 117 42.30 -17.58 -10.12
CA GLN B 117 41.07 -18.28 -9.66
C GLN B 117 40.31 -18.84 -10.88
N LEU B 118 40.28 -18.11 -11.99
CA LEU B 118 39.68 -18.58 -13.26
C LEU B 118 40.30 -19.93 -13.65
N ALA B 119 41.58 -20.15 -13.37
CA ALA B 119 42.29 -21.41 -13.72
C ALA B 119 41.82 -22.56 -12.81
N LYS B 120 41.22 -22.29 -11.65
CA LYS B 120 40.76 -23.34 -10.70
C LYS B 120 39.24 -23.53 -10.73
N GLN B 121 38.48 -22.47 -10.40
CA GLN B 121 37.00 -22.50 -10.22
C GLN B 121 36.46 -21.06 -10.25
N PRO B 122 35.90 -20.58 -11.38
CA PRO B 122 35.39 -19.22 -11.47
C PRO B 122 34.04 -19.02 -10.77
N LEU B 123 33.09 -19.94 -10.96
CA LEU B 123 31.80 -19.95 -10.23
C LEU B 123 31.69 -21.22 -9.39
N HIS B 124 31.02 -21.09 -8.26
CA HIS B 124 30.90 -22.13 -7.19
C HIS B 124 29.59 -22.92 -7.38
N SER B 125 29.49 -24.04 -6.65
CA SER B 125 28.36 -25.01 -6.69
C SER B 125 27.19 -24.46 -5.89
N GLN B 126 27.49 -23.71 -4.83
CA GLN B 126 26.55 -23.22 -3.79
C GLN B 126 26.13 -24.37 -2.86
N GLU B 127 26.84 -25.49 -2.84
CA GLU B 127 26.57 -26.58 -1.87
C GLU B 127 27.82 -26.85 -1.04
N LEU B 128 28.98 -27.03 -1.67
CA LEU B 128 30.26 -27.14 -0.93
C LEU B 128 30.61 -25.77 -0.36
N LEU B 129 31.27 -25.73 0.80
CA LEU B 129 31.85 -24.51 1.39
C LEU B 129 32.82 -23.92 0.36
N ASP B 130 32.60 -22.69 -0.09
CA ASP B 130 33.57 -22.00 -1.00
C ASP B 130 34.51 -21.18 -0.13
N PRO B 131 35.82 -21.45 -0.21
CA PRO B 131 36.79 -20.90 0.74
C PRO B 131 37.08 -19.41 0.60
N LEU B 132 36.99 -18.83 -0.61
CA LEU B 132 37.24 -17.38 -0.81
C LEU B 132 36.13 -16.56 -0.13
N ARG B 133 34.89 -17.07 -0.08
CA ARG B 133 33.77 -16.42 0.64
C ARG B 133 34.20 -16.21 2.09
N ALA B 134 34.58 -17.31 2.75
CA ALA B 134 35.07 -17.34 4.15
C ALA B 134 36.23 -16.37 4.35
N MET B 135 37.20 -16.37 3.42
CA MET B 135 38.42 -15.52 3.51
C MET B 135 38.04 -14.05 3.34
N LEU B 136 37.18 -13.71 2.37
CA LEU B 136 36.83 -12.29 2.13
C LEU B 136 35.99 -11.78 3.30
N ALA B 137 35.13 -12.64 3.86
CA ALA B 137 34.28 -12.29 5.00
C ALA B 137 35.16 -11.99 6.22
N LYS B 138 36.17 -12.84 6.46
CA LYS B 138 37.12 -12.66 7.58
C LYS B 138 37.85 -11.34 7.37
N THR B 139 38.34 -11.13 6.15
CA THR B 139 39.07 -9.91 5.73
C THR B 139 38.18 -8.68 5.98
N LEU B 140 36.96 -8.69 5.47
CA LEU B 140 36.05 -7.52 5.60
C LEU B 140 35.72 -7.26 7.07
N ALA B 141 35.62 -8.30 7.90
CA ALA B 141 35.39 -8.16 9.37
C ALA B 141 36.56 -7.39 10.01
N ALA B 142 37.79 -7.78 9.70
CA ALA B 142 39.02 -7.12 10.20
C ALA B 142 39.12 -5.68 9.67
N LEU B 143 38.72 -5.46 8.41
CA LEU B 143 38.84 -4.14 7.74
C LEU B 143 37.80 -3.17 8.29
N THR B 144 36.64 -3.66 8.71
CA THR B 144 35.50 -2.81 9.11
C THR B 144 35.59 -2.44 10.58
N PRO B 145 34.99 -1.27 10.94
CA PRO B 145 34.98 -0.80 12.32
C PRO B 145 34.11 -1.63 13.26
N GLY B 146 34.57 -1.75 14.50
CA GLY B 146 33.83 -2.22 15.69
C GLY B 146 33.21 -3.59 15.49
N LYS B 147 31.90 -3.64 15.66
CA LYS B 147 31.13 -4.88 15.86
C LYS B 147 30.58 -5.37 14.51
N LEU B 148 30.89 -4.68 13.40
CA LEU B 148 30.63 -5.20 12.03
C LEU B 148 31.45 -6.49 11.82
N LYS B 149 30.75 -7.62 11.61
CA LYS B 149 31.33 -8.98 11.76
C LYS B 149 30.86 -9.92 10.65
N TYR B 150 29.61 -9.84 10.19
CA TYR B 150 29.07 -10.82 9.23
C TYR B 150 28.88 -10.12 7.89
N SER B 151 29.21 -10.84 6.83
CA SER B 151 29.15 -10.37 5.42
C SER B 151 28.23 -11.29 4.60
N PHE B 152 27.38 -10.68 3.79
CA PHE B 152 26.56 -11.30 2.74
C PHE B 152 26.98 -10.69 1.41
N PHE B 153 27.35 -11.53 0.43
CA PHE B 153 27.89 -11.10 -0.87
C PHE B 153 26.84 -11.22 -1.96
N CYS B 154 26.76 -10.20 -2.79
CA CYS B 154 25.82 -10.08 -3.92
C CYS B 154 26.62 -9.52 -5.10
N ASN B 155 25.93 -8.99 -6.11
CA ASN B 155 26.55 -8.69 -7.41
C ASN B 155 26.47 -7.19 -7.75
N SER B 156 25.84 -6.35 -6.91
CA SER B 156 25.69 -4.90 -7.24
C SER B 156 25.41 -4.05 -5.99
N GLY B 157 25.53 -2.73 -6.12
CA GLY B 157 25.13 -1.80 -5.05
C GLY B 157 23.66 -2.01 -4.69
N THR B 158 22.79 -2.04 -5.69
CA THR B 158 21.32 -2.14 -5.45
C THR B 158 21.02 -3.44 -4.71
N GLU B 159 21.71 -4.53 -5.02
CA GLU B 159 21.51 -5.83 -4.31
C GLU B 159 22.01 -5.69 -2.86
N SER B 160 23.11 -4.99 -2.64
N SER B 160 23.11 -4.99 -2.64
CA SER B 160 23.69 -4.80 -1.28
CA SER B 160 23.69 -4.80 -1.28
C SER B 160 22.72 -4.01 -0.42
C SER B 160 22.72 -4.01 -0.42
N VAL B 161 22.02 -3.03 -1.03
CA VAL B 161 21.01 -2.20 -0.32
C VAL B 161 19.78 -3.08 -0.03
N GLU B 162 19.35 -3.90 -0.99
CA GLU B 162 18.20 -4.82 -0.79
C GLU B 162 18.48 -5.70 0.42
N ALA B 163 19.69 -6.25 0.49
CA ALA B 163 20.13 -7.12 1.60
C ALA B 163 20.05 -6.37 2.93
N ALA B 164 20.47 -5.11 2.93
CA ALA B 164 20.46 -4.25 4.14
C ALA B 164 19.01 -4.04 4.60
N LEU B 165 18.17 -3.55 3.69
CA LEU B 165 16.72 -3.34 3.94
C LEU B 165 16.16 -4.63 4.51
N LYS B 166 16.56 -5.77 3.96
CA LYS B 166 16.00 -7.09 4.37
C LYS B 166 16.49 -7.44 5.78
N LEU B 167 17.77 -7.25 6.07
CA LEU B 167 18.31 -7.49 7.44
C LEU B 167 17.49 -6.64 8.42
N ALA B 168 17.27 -5.37 8.09
CA ALA B 168 16.54 -4.42 8.98
C ALA B 168 15.11 -4.93 9.18
N LYS B 169 14.45 -5.31 8.10
CA LYS B 169 13.04 -5.75 8.14
C LYS B 169 12.96 -6.96 9.07
N ALA B 170 13.86 -7.91 8.94
CA ALA B 170 13.82 -9.19 9.69
C ALA B 170 14.12 -8.90 11.16
N TYR B 171 15.00 -7.95 11.44
CA TYR B 171 15.39 -7.59 12.82
C TYR B 171 14.22 -6.89 13.50
N GLN B 172 13.56 -5.99 12.77
CA GLN B 172 12.70 -4.93 13.37
C GLN B 172 11.20 -5.28 13.34
N SER B 173 10.73 -6.11 12.40
CA SER B 173 9.28 -6.45 12.29
C SER B 173 8.83 -7.20 13.55
N PRO B 174 9.61 -8.16 14.10
CA PRO B 174 9.26 -8.80 15.36
C PRO B 174 9.34 -7.81 16.53
N ARG B 175 10.02 -6.69 16.36
CA ARG B 175 10.07 -5.58 17.34
C ARG B 175 8.99 -4.54 17.03
N GLY B 176 8.14 -4.78 16.03
CA GLY B 176 6.98 -3.93 15.70
C GLY B 176 7.35 -2.66 14.96
N LYS B 177 8.49 -2.61 14.28
CA LYS B 177 8.95 -1.40 13.54
C LYS B 177 9.07 -1.71 12.05
N PHE B 178 8.50 -0.85 11.21
CA PHE B 178 8.32 -1.11 9.75
C PHE B 178 8.66 0.13 8.92
N THR B 179 8.76 1.31 9.53
CA THR B 179 9.03 2.56 8.78
C THR B 179 10.54 2.66 8.51
N PHE B 180 10.91 3.19 7.35
CA PHE B 180 12.31 3.48 6.95
C PHE B 180 12.41 4.96 6.59
N ILE B 181 13.49 5.60 7.03
CA ILE B 181 13.79 7.02 6.68
C ILE B 181 15.01 7.04 5.77
N ALA B 182 14.89 7.74 4.64
CA ALA B 182 15.99 8.08 3.73
C ALA B 182 16.06 9.59 3.63
N THR B 183 16.95 10.12 2.79
CA THR B 183 17.14 11.58 2.63
C THR B 183 16.82 11.95 1.18
N SER B 184 16.30 13.13 0.94
CA SER B 184 16.13 13.70 -0.44
C SER B 184 17.51 13.89 -1.05
N GLY B 185 17.58 13.76 -2.38
CA GLY B 185 18.85 13.71 -3.15
C GLY B 185 19.54 12.36 -3.07
N ALA B 186 19.07 11.45 -2.21
CA ALA B 186 19.70 10.14 -1.92
C ALA B 186 19.57 9.21 -3.14
N PHE B 187 20.59 8.41 -3.39
CA PHE B 187 20.62 7.39 -4.45
C PHE B 187 21.12 6.08 -3.84
N HIS B 188 20.26 5.05 -3.80
CA HIS B 188 20.58 3.75 -3.16
C HIS B 188 20.40 2.58 -4.14
N GLY B 189 20.19 2.89 -5.42
CA GLY B 189 19.94 1.89 -6.45
C GLY B 189 18.55 1.96 -7.05
N LYS B 190 18.28 1.05 -7.98
CA LYS B 190 17.13 1.12 -8.91
C LYS B 190 16.31 -0.18 -8.87
N SER B 191 16.75 -1.22 -8.16
CA SER B 191 15.88 -2.37 -7.83
C SER B 191 14.79 -1.85 -6.91
N LEU B 192 13.59 -2.44 -6.96
CA LEU B 192 12.38 -1.78 -6.41
C LEU B 192 12.48 -1.61 -4.89
N GLY B 193 13.21 -2.47 -4.17
CA GLY B 193 13.43 -2.26 -2.73
C GLY B 193 14.33 -1.06 -2.49
N ALA B 194 15.45 -1.04 -3.20
CA ALA B 194 16.44 0.05 -3.16
C ALA B 194 15.78 1.35 -3.62
N LEU B 195 14.96 1.31 -4.67
CA LEU B 195 14.40 2.54 -5.30
C LEU B 195 13.40 3.18 -4.35
N SER B 196 12.85 2.43 -3.41
CA SER B 196 11.95 2.95 -2.32
C SER B 196 12.73 3.93 -1.43
N ALA B 197 14.05 3.76 -1.31
CA ALA B 197 14.95 4.67 -0.54
C ALA B 197 15.53 5.75 -1.47
N THR B 198 15.90 5.41 -2.70
CA THR B 198 16.31 6.40 -3.73
C THR B 198 15.27 7.52 -3.73
N ALA B 199 15.66 8.76 -3.93
CA ALA B 199 14.81 9.93 -3.62
C ALA B 199 14.46 10.71 -4.88
N LYS B 200 15.07 10.47 -6.04
CA LYS B 200 14.77 11.36 -7.20
C LYS B 200 13.42 10.94 -7.76
N SER B 201 12.56 11.94 -7.98
CA SER B 201 11.16 11.81 -8.45
C SER B 201 11.11 11.03 -9.77
N THR B 202 11.87 11.49 -10.75
CA THR B 202 11.89 10.98 -12.14
C THR B 202 12.28 9.48 -12.15
N PHE B 203 13.00 9.01 -11.14
CA PHE B 203 13.41 7.59 -11.04
C PHE B 203 12.34 6.74 -10.35
N ARG B 204 11.38 7.35 -9.66
CA ARG B 204 10.42 6.64 -8.75
C ARG B 204 9.01 6.62 -9.32
N LYS B 205 8.54 7.74 -9.89
CA LYS B 205 7.10 7.99 -10.20
C LYS B 205 6.57 6.88 -11.11
N PRO B 206 7.25 6.51 -12.22
CA PRO B 206 6.73 5.48 -13.12
C PRO B 206 6.47 4.12 -12.45
N PHE B 207 7.16 3.85 -11.34
CA PHE B 207 7.30 2.51 -10.72
C PHE B 207 6.53 2.46 -9.39
N MET B 208 5.90 3.55 -9.00
CA MET B 208 5.01 3.54 -7.83
C MET B 208 3.76 2.75 -8.17
N PRO B 209 3.10 2.13 -7.17
CA PRO B 209 3.54 2.17 -5.77
C PRO B 209 4.75 1.30 -5.42
N LEU B 210 5.68 1.89 -4.68
CA LEU B 210 6.93 1.25 -4.20
C LEU B 210 6.67 0.61 -2.84
N LEU B 211 7.71 0.22 -2.12
CA LEU B 211 7.52 -0.37 -0.77
C LEU B 211 6.80 0.68 0.05
N PRO B 212 5.78 0.28 0.83
CA PRO B 212 5.18 1.20 1.79
C PRO B 212 6.14 1.45 2.97
N GLY B 213 5.94 2.55 3.66
CA GLY B 213 6.62 2.83 4.94
C GLY B 213 7.93 3.56 4.75
N PHE B 214 8.17 4.15 3.58
CA PHE B 214 9.43 4.88 3.25
C PHE B 214 9.13 6.39 3.25
N ARG B 215 9.89 7.14 4.06
N ARG B 215 9.89 7.14 4.06
CA ARG B 215 9.75 8.60 4.25
CA ARG B 215 9.74 8.61 4.26
C ARG B 215 11.13 9.25 4.08
C ARG B 215 11.12 9.26 4.08
N HIS B 216 11.15 10.48 3.56
CA HIS B 216 12.40 11.22 3.24
C HIS B 216 12.48 12.52 4.06
N VAL B 217 13.65 12.78 4.63
CA VAL B 217 14.01 14.05 5.32
C VAL B 217 15.13 14.70 4.51
N PRO B 218 15.39 16.03 4.67
CA PRO B 218 16.54 16.68 4.06
C PRO B 218 17.84 16.07 4.59
N PHE B 219 18.81 15.92 3.70
CA PHE B 219 20.17 15.44 4.02
C PHE B 219 20.90 16.54 4.78
N GLY B 220 21.58 16.18 5.87
CA GLY B 220 22.47 17.08 6.64
C GLY B 220 21.68 17.95 7.59
N ASN B 221 20.43 17.59 7.91
CA ASN B 221 19.49 18.31 8.80
C ASN B 221 19.06 17.37 9.92
N ILE B 222 19.82 17.32 11.02
CA ILE B 222 19.58 16.40 12.17
C ILE B 222 18.22 16.72 12.81
N GLU B 223 17.80 17.98 12.81
CA GLU B 223 16.54 18.34 13.51
C GLU B 223 15.35 17.78 12.74
N ALA B 224 15.36 17.89 11.39
CA ALA B 224 14.31 17.35 10.50
C ALA B 224 14.18 15.84 10.71
N MET B 225 15.30 15.16 10.88
CA MET B 225 15.34 13.69 11.09
C MET B 225 14.79 13.37 12.47
N ARG B 226 15.21 14.09 13.52
CA ARG B 226 14.67 13.89 14.90
C ARG B 226 13.15 13.97 14.86
N THR B 227 12.64 15.03 14.23
CA THR B 227 11.20 15.30 14.05
C THR B 227 10.54 14.04 13.47
N ALA B 228 11.10 13.52 12.38
CA ALA B 228 10.50 12.42 11.61
C ALA B 228 10.43 11.18 12.50
N LEU B 229 11.49 10.91 13.26
CA LEU B 229 11.57 9.72 14.15
C LEU B 229 10.54 9.87 15.27
N ASN B 230 10.47 11.08 15.81
CA ASN B 230 9.60 11.39 16.96
C ASN B 230 8.13 11.28 16.54
N GLU B 231 7.76 11.87 15.40
CA GLU B 231 6.38 11.90 14.85
C GLU B 231 5.97 10.47 14.50
N CYS B 232 6.88 9.67 13.93
CA CYS B 232 6.62 8.24 13.61
C CYS B 232 6.36 7.46 14.90
N LYS B 233 7.08 7.78 15.98
CA LYS B 233 6.90 7.14 17.32
C LYS B 233 5.51 7.49 17.88
N LYS B 234 5.16 8.77 17.81
CA LYS B 234 3.86 9.29 18.32
C LYS B 234 2.69 8.56 17.63
N THR B 235 2.76 8.33 16.31
CA THR B 235 1.63 7.84 15.48
C THR B 235 1.63 6.32 15.41
N GLY B 236 2.57 5.66 16.09
CA GLY B 236 2.67 4.18 16.12
C GLY B 236 3.30 3.60 14.87
N ASP B 237 4.00 4.41 14.05
CA ASP B 237 4.67 4.00 12.78
C ASP B 237 6.18 4.09 12.99
N ASP B 238 6.64 3.45 14.06
CA ASP B 238 8.04 3.55 14.57
C ASP B 238 9.04 3.18 13.47
N VAL B 239 10.20 3.82 13.49
CA VAL B 239 11.21 3.73 12.41
C VAL B 239 12.07 2.49 12.67
N ALA B 240 12.15 1.59 11.70
CA ALA B 240 12.98 0.37 11.72
C ALA B 240 14.44 0.78 11.50
N ALA B 241 14.68 1.64 10.51
CA ALA B 241 16.05 2.00 10.09
C ALA B 241 16.07 3.36 9.44
N VAL B 242 17.22 4.02 9.62
CA VAL B 242 17.65 5.16 8.77
C VAL B 242 18.71 4.64 7.80
N ILE B 243 18.55 4.97 6.52
CA ILE B 243 19.58 4.69 5.49
C ILE B 243 20.02 6.02 4.91
N LEU B 244 21.34 6.20 4.75
CA LEU B 244 21.91 7.42 4.11
C LEU B 244 23.29 7.11 3.55
N GLU B 245 23.66 7.85 2.52
CA GLU B 245 25.08 7.93 2.06
C GLU B 245 25.79 8.90 2.99
N PRO B 246 27.03 8.63 3.43
CA PRO B 246 27.78 9.60 4.23
C PRO B 246 28.00 10.92 3.49
N ILE B 247 28.11 10.84 2.16
CA ILE B 247 28.21 11.96 1.19
C ILE B 247 27.38 11.54 0.00
N GLN B 248 26.48 12.39 -0.48
CA GLN B 248 25.61 12.02 -1.61
C GLN B 248 26.41 12.18 -2.89
N GLY B 249 26.61 11.08 -3.60
CA GLY B 249 27.25 11.06 -4.92
C GLY B 249 26.32 11.62 -5.98
N GLU B 250 25.23 10.91 -6.28
CA GLU B 250 24.35 11.26 -7.43
C GLU B 250 23.66 12.60 -7.13
N GLY B 251 23.53 12.91 -5.83
CA GLY B 251 23.03 14.21 -5.32
C GLY B 251 23.90 15.38 -5.77
N GLY B 252 25.15 15.12 -6.18
CA GLY B 252 26.10 16.12 -6.72
C GLY B 252 27.27 16.39 -5.77
N VAL B 253 27.73 15.38 -5.03
CA VAL B 253 28.80 15.48 -3.98
C VAL B 253 28.35 16.47 -2.92
N ILE B 254 27.36 16.04 -2.15
CA ILE B 254 26.74 16.85 -1.08
C ILE B 254 27.36 16.38 0.21
N LEU B 255 28.16 17.24 0.80
CA LEU B 255 28.84 16.96 2.09
C LEU B 255 27.91 17.42 3.22
N PRO B 256 27.66 16.54 4.20
CA PRO B 256 26.85 16.91 5.36
C PRO B 256 27.63 17.86 6.26
N PRO B 257 26.98 18.59 7.19
CA PRO B 257 27.72 19.39 8.16
C PRO B 257 28.55 18.42 9.00
N PRO B 258 29.72 18.86 9.49
CA PRO B 258 30.54 18.02 10.36
C PRO B 258 29.75 17.59 11.61
N GLY B 259 29.97 16.35 12.06
CA GLY B 259 29.29 15.75 13.23
C GLY B 259 27.91 15.17 12.91
N TYR B 260 27.34 15.44 11.72
CA TYR B 260 25.99 14.97 11.28
C TYR B 260 25.84 13.45 11.43
N LEU B 261 26.78 12.72 10.86
CA LEU B 261 26.79 11.26 10.88
C LEU B 261 26.79 10.75 12.33
N THR B 262 27.61 11.36 13.18
CA THR B 262 27.76 11.00 14.61
C THR B 262 26.42 11.18 15.29
N ALA B 263 25.73 12.29 14.96
CA ALA B 263 24.44 12.69 15.56
C ALA B 263 23.36 11.71 15.11
N VAL B 264 23.35 11.34 13.82
CA VAL B 264 22.39 10.35 13.25
C VAL B 264 22.54 9.04 14.01
N ARG B 265 23.78 8.64 14.32
CA ARG B 265 24.08 7.39 15.06
C ARG B 265 23.49 7.47 16.48
N LYS B 266 23.72 8.57 17.20
CA LYS B 266 23.15 8.72 18.56
C LYS B 266 21.61 8.76 18.48
N LEU B 267 21.08 9.44 17.47
CA LEU B 267 19.62 9.58 17.23
C LEU B 267 19.00 8.19 16.97
N CYS B 268 19.60 7.40 16.08
CA CYS B 268 19.21 5.99 15.84
C CYS B 268 19.31 5.19 17.15
N ASP B 269 20.40 5.33 17.91
CA ASP B 269 20.58 4.62 19.19
C ASP B 269 19.43 4.96 20.16
N GLU B 270 19.00 6.22 20.18
CA GLU B 270 17.99 6.74 21.14
C GLU B 270 16.63 6.12 20.83
N PHE B 271 16.23 6.08 19.55
CA PHE B 271 14.89 5.63 19.08
C PHE B 271 14.86 4.11 18.85
N GLY B 272 15.99 3.42 18.98
CA GLY B 272 16.12 1.97 18.70
C GLY B 272 15.95 1.64 17.21
N ALA B 273 16.33 2.55 16.31
CA ALA B 273 16.34 2.35 14.84
C ALA B 273 17.74 1.86 14.41
N LEU B 274 17.80 1.01 13.38
CA LEU B 274 19.10 0.54 12.82
C LEU B 274 19.64 1.60 11.87
N MET B 275 20.95 1.79 11.93
CA MET B 275 21.67 2.73 11.04
C MET B 275 22.26 1.95 9.87
N ILE B 276 21.80 2.27 8.66
CA ILE B 276 22.32 1.71 7.40
C ILE B 276 23.14 2.80 6.72
N LEU B 277 24.43 2.53 6.51
CA LEU B 277 25.32 3.41 5.71
C LEU B 277 25.55 2.78 4.34
N ASP B 278 25.15 3.51 3.30
CA ASP B 278 25.35 3.16 1.87
C ASP B 278 26.70 3.72 1.42
N GLU B 279 27.78 2.93 1.57
CA GLU B 279 29.16 3.32 1.16
C GLU B 279 29.49 2.66 -0.17
N VAL B 280 28.48 2.30 -0.95
CA VAL B 280 28.65 1.79 -2.32
C VAL B 280 29.59 2.73 -3.07
N GLN B 281 29.39 4.04 -2.95
CA GLN B 281 30.16 5.01 -3.78
C GLN B 281 31.27 5.71 -3.01
N THR B 282 31.20 5.77 -1.69
CA THR B 282 32.23 6.43 -0.83
C THR B 282 33.22 5.42 -0.27
N GLY B 283 33.07 4.14 -0.55
CA GLY B 283 33.89 3.08 0.07
C GLY B 283 35.15 2.76 -0.73
N MET B 284 35.98 1.89 -0.15
CA MET B 284 37.26 1.45 -0.75
C MET B 284 38.16 2.66 -1.02
N GLY B 285 38.29 3.57 -0.04
CA GLY B 285 39.37 4.57 0.00
C GLY B 285 39.03 5.88 -0.71
N ARG B 286 37.89 5.97 -1.41
CA ARG B 286 37.65 7.11 -2.36
C ARG B 286 37.67 8.50 -1.67
N THR B 287 37.26 8.61 -0.40
CA THR B 287 37.13 9.93 0.28
C THR B 287 38.37 10.27 1.09
N GLY B 288 39.38 9.41 1.07
CA GLY B 288 40.62 9.62 1.83
C GLY B 288 40.73 8.67 3.00
N LYS B 289 39.68 7.90 3.29
CA LYS B 289 39.75 6.74 4.21
C LYS B 289 39.14 5.54 3.51
N MET B 290 39.35 4.34 4.05
CA MET B 290 38.82 3.08 3.48
C MET B 290 37.29 3.21 3.38
N PHE B 291 36.65 3.77 4.41
CA PHE B 291 35.21 4.11 4.42
C PHE B 291 35.02 5.54 4.94
N ALA B 292 34.10 6.28 4.36
CA ALA B 292 33.78 7.66 4.78
C ALA B 292 33.29 7.69 6.25
N CYS B 293 32.77 6.58 6.80
CA CYS B 293 32.31 6.51 8.21
C CYS B 293 33.50 6.59 9.17
N GLU B 294 34.73 6.41 8.66
CA GLU B 294 35.96 6.46 9.50
C GLU B 294 36.37 7.91 9.80
N HIS B 295 35.99 8.89 8.96
CA HIS B 295 36.26 10.33 9.21
C HIS B 295 35.77 10.73 10.60
N GLU B 296 34.57 10.27 11.00
CA GLU B 296 33.96 10.62 12.30
C GLU B 296 33.99 9.43 13.26
N ASN B 297 34.59 8.31 12.88
CA ASN B 297 34.58 7.05 13.68
C ASN B 297 33.13 6.68 14.02
N VAL B 298 32.26 6.64 13.01
CA VAL B 298 30.84 6.21 13.12
C VAL B 298 30.75 4.73 12.74
N GLN B 299 30.19 3.90 13.61
CA GLN B 299 29.88 2.48 13.33
C GLN B 299 28.40 2.33 13.03
N PRO B 300 27.97 2.10 11.77
CA PRO B 300 26.58 1.79 11.45
C PRO B 300 26.29 0.35 11.88
N ASP B 301 25.01 -0.02 11.92
CA ASP B 301 24.57 -1.41 12.21
C ASP B 301 24.82 -2.26 10.98
N ILE B 302 24.63 -1.65 9.81
CA ILE B 302 24.71 -2.32 8.49
C ILE B 302 25.44 -1.37 7.53
N LEU B 303 26.44 -1.92 6.83
CA LEU B 303 27.29 -1.20 5.86
C LEU B 303 27.13 -1.86 4.47
N CYS B 304 26.91 -1.03 3.45
CA CYS B 304 26.73 -1.47 2.05
C CYS B 304 27.95 -1.07 1.22
N LEU B 305 28.47 -2.03 0.46
CA LEU B 305 29.64 -1.85 -0.43
C LEU B 305 29.35 -2.45 -1.79
N ALA B 306 29.87 -1.81 -2.83
CA ALA B 306 29.97 -2.35 -4.20
C ALA B 306 30.99 -1.50 -4.97
N LYS B 307 30.74 -1.22 -6.24
CA LYS B 307 31.63 -0.50 -7.20
C LYS B 307 33.09 -0.97 -7.02
N ALA B 308 33.91 -0.18 -6.34
CA ALA B 308 35.37 -0.34 -6.26
C ALA B 308 35.73 -1.66 -5.57
N LEU B 309 34.85 -2.24 -4.76
CA LEU B 309 35.18 -3.49 -4.04
C LEU B 309 35.63 -4.60 -5.02
N GLY B 310 35.19 -4.55 -6.28
CA GLY B 310 35.52 -5.57 -7.30
C GLY B 310 36.80 -5.28 -8.05
N GLY B 311 37.43 -4.15 -7.76
CA GLY B 311 38.79 -3.84 -8.29
C GLY B 311 38.75 -3.34 -9.72
N GLY B 312 37.57 -2.96 -10.24
CA GLY B 312 37.38 -2.57 -11.66
C GLY B 312 37.58 -3.74 -12.59
N VAL B 313 37.41 -4.95 -12.05
CA VAL B 313 37.50 -6.21 -12.83
C VAL B 313 36.18 -6.99 -12.71
N MET B 314 35.69 -7.22 -11.48
CA MET B 314 34.48 -8.06 -11.20
C MET B 314 33.34 -7.22 -10.62
N PRO B 315 32.08 -7.56 -10.99
CA PRO B 315 30.91 -7.06 -10.29
C PRO B 315 30.82 -7.80 -8.95
N ILE B 316 30.72 -7.03 -7.86
CA ILE B 316 30.47 -7.59 -6.50
C ILE B 316 29.76 -6.52 -5.66
N GLY B 317 28.92 -6.97 -4.75
CA GLY B 317 28.41 -6.16 -3.62
C GLY B 317 28.63 -6.89 -2.32
N ALA B 318 28.71 -6.16 -1.22
CA ALA B 318 28.80 -6.74 0.13
C ALA B 318 27.89 -5.96 1.07
N THR B 319 27.16 -6.68 1.90
CA THR B 319 26.40 -6.13 3.03
C THR B 319 27.03 -6.71 4.29
N ILE B 320 27.59 -5.85 5.15
CA ILE B 320 28.21 -6.27 6.43
C ILE B 320 27.37 -5.69 7.56
N ALA B 321 27.21 -6.45 8.63
CA ALA B 321 26.34 -6.09 9.77
C ALA B 321 26.89 -6.71 11.05
N THR B 322 26.39 -6.22 12.19
CA THR B 322 26.65 -6.76 13.55
C THR B 322 26.14 -8.20 13.62
N GLU B 323 26.70 -9.01 14.52
CA GLU B 323 26.17 -10.34 14.86
C GLU B 323 24.72 -10.19 15.32
N GLU B 324 24.45 -9.13 16.09
CA GLU B 324 23.12 -8.82 16.68
C GLU B 324 22.06 -8.81 15.57
N VAL B 325 22.32 -8.11 14.47
CA VAL B 325 21.39 -7.92 13.32
C VAL B 325 21.44 -9.14 12.38
N PHE B 326 22.62 -9.57 11.99
CA PHE B 326 22.82 -10.61 10.96
C PHE B 326 22.26 -11.95 11.46
N SER B 327 22.29 -12.18 12.78
CA SER B 327 21.87 -13.45 13.43
C SER B 327 20.42 -13.81 13.06
N VAL B 328 19.69 -12.89 12.43
CA VAL B 328 18.32 -13.16 11.89
C VAL B 328 18.38 -14.23 10.80
N LEU B 329 19.55 -14.47 10.18
CA LEU B 329 19.73 -15.40 9.05
C LEU B 329 20.28 -16.76 9.50
N PHE B 330 20.53 -16.94 10.80
CA PHE B 330 21.25 -18.12 11.36
C PHE B 330 20.35 -19.36 11.45
N ASP B 331 19.08 -19.20 11.82
CA ASP B 331 18.14 -20.34 12.03
C ASP B 331 17.71 -20.90 10.68
N ASN B 332 17.49 -20.02 9.69
CA ASN B 332 17.19 -20.40 8.28
C ASN B 332 18.16 -19.66 7.37
N PRO B 333 19.30 -20.29 7.02
CA PRO B 333 20.30 -19.65 6.17
C PRO B 333 19.87 -19.49 4.71
N PHE B 334 18.68 -19.94 4.33
CA PHE B 334 18.14 -19.77 2.96
C PHE B 334 17.18 -18.59 2.93
N LEU B 335 17.04 -17.89 4.05
CA LEU B 335 16.09 -16.78 4.14
C LEU B 335 16.44 -15.71 3.11
N HIS B 336 17.72 -15.44 2.94
CA HIS B 336 18.29 -14.55 1.90
C HIS B 336 19.47 -15.25 1.25
N THR B 337 19.43 -15.37 -0.08
CA THR B 337 20.45 -16.04 -0.92
C THR B 337 20.51 -15.33 -2.28
N THR B 338 21.56 -15.60 -3.05
CA THR B 338 21.69 -15.22 -4.49
C THR B 338 22.53 -16.35 -5.09
N THR B 339 22.41 -16.56 -6.40
N THR B 339 22.41 -16.56 -6.41
CA THR B 339 23.07 -17.67 -7.13
CA THR B 339 23.06 -17.66 -7.15
C THR B 339 24.56 -17.32 -7.31
C THR B 339 24.55 -17.32 -7.33
N PHE B 340 24.85 -16.13 -7.82
CA PHE B 340 26.23 -15.70 -8.19
C PHE B 340 26.99 -15.06 -7.01
N GLY B 341 26.31 -14.68 -5.93
CA GLY B 341 26.90 -13.82 -4.87
C GLY B 341 28.00 -14.52 -4.12
N GLY B 342 29.13 -13.85 -3.91
CA GLY B 342 30.29 -14.44 -3.21
C GLY B 342 30.99 -15.48 -4.06
N ASN B 343 30.85 -15.42 -5.39
CA ASN B 343 31.56 -16.33 -6.31
C ASN B 343 33.07 -16.11 -6.16
N PRO B 344 33.86 -17.18 -6.40
CA PRO B 344 35.31 -17.11 -6.29
C PRO B 344 36.04 -16.04 -7.12
N LEU B 345 35.67 -15.79 -8.38
CA LEU B 345 36.26 -14.68 -9.18
C LEU B 345 36.06 -13.36 -8.43
N ALA B 346 34.80 -13.07 -8.07
CA ALA B 346 34.46 -11.81 -7.40
C ALA B 346 35.27 -11.72 -6.11
N CYS B 347 35.32 -12.78 -5.30
CA CYS B 347 36.03 -12.79 -3.97
C CYS B 347 37.52 -12.53 -4.17
N ALA B 348 38.12 -13.26 -5.12
CA ALA B 348 39.51 -13.06 -5.55
C ALA B 348 39.73 -11.57 -5.87
N ALA B 349 38.84 -10.96 -6.66
CA ALA B 349 38.97 -9.56 -7.13
C ALA B 349 38.94 -8.62 -5.93
N ALA B 350 38.01 -8.86 -5.01
CA ALA B 350 37.84 -8.02 -3.81
C ALA B 350 39.06 -8.19 -2.90
N LEU B 351 39.55 -9.42 -2.73
CA LEU B 351 40.65 -9.71 -1.78
C LEU B 351 41.90 -8.99 -2.29
N ALA B 352 42.09 -9.03 -3.60
CA ALA B 352 43.20 -8.33 -4.31
C ALA B 352 43.05 -6.84 -4.07
N THR B 353 41.85 -6.29 -4.27
CA THR B 353 41.56 -4.85 -4.18
C THR B 353 41.92 -4.35 -2.78
N ILE B 354 41.47 -5.04 -1.73
CA ILE B 354 41.81 -4.69 -0.32
C ILE B 354 43.33 -4.75 -0.15
N ASN B 355 43.96 -5.82 -0.62
CA ASN B 355 45.43 -5.94 -0.51
C ASN B 355 46.11 -4.71 -1.14
N VAL B 356 45.67 -4.31 -2.35
CA VAL B 356 46.28 -3.19 -3.13
C VAL B 356 46.08 -1.89 -2.35
N LEU B 357 44.86 -1.60 -1.92
CA LEU B 357 44.52 -0.32 -1.24
C LEU B 357 45.39 -0.15 0.01
N LEU B 358 45.56 -1.22 0.79
CA LEU B 358 46.31 -1.18 2.07
C LEU B 358 47.81 -1.12 1.81
N GLU B 359 48.34 -2.02 0.97
CA GLU B 359 49.79 -2.09 0.62
C GLU B 359 50.30 -0.73 0.14
N GLN B 360 49.56 -0.07 -0.75
CA GLN B 360 49.99 1.19 -1.42
C GLN B 360 49.42 2.44 -0.76
N ASN B 361 48.70 2.31 0.35
CA ASN B 361 48.09 3.45 1.12
C ASN B 361 47.35 4.37 0.15
N LEU B 362 46.55 3.83 -0.76
CA LEU B 362 45.79 4.63 -1.76
C LEU B 362 44.74 5.53 -1.10
N PRO B 363 44.15 5.19 0.08
CA PRO B 363 43.34 6.15 0.82
C PRO B 363 44.09 7.46 1.06
N ALA B 364 45.30 7.37 1.61
CA ALA B 364 46.15 8.55 1.83
C ALA B 364 46.39 9.28 0.49
N GLN B 365 46.60 8.55 -0.62
CA GLN B 365 46.86 9.19 -1.94
C GLN B 365 45.62 9.96 -2.38
N ALA B 366 44.45 9.39 -2.17
CA ALA B 366 43.16 9.99 -2.58
C ALA B 366 43.02 11.33 -1.87
N GLU B 367 43.34 11.37 -0.57
CA GLU B 367 43.34 12.60 0.25
C GLU B 367 44.20 13.66 -0.42
N GLN B 368 45.47 13.33 -0.68
CA GLN B 368 46.48 14.30 -1.19
C GLN B 368 46.04 14.78 -2.56
N LYS B 369 45.69 13.86 -3.44
CA LYS B 369 45.42 14.15 -4.87
C LYS B 369 44.08 14.87 -4.99
N GLY B 370 43.11 14.49 -4.17
CA GLY B 370 41.81 15.16 -4.09
C GLY B 370 41.95 16.58 -3.61
N ASP B 371 42.72 16.79 -2.56
CA ASP B 371 43.01 18.15 -2.04
C ASP B 371 43.61 18.99 -3.17
N MET B 372 44.56 18.42 -3.90
N MET B 372 44.56 18.42 -3.90
CA MET B 372 45.27 19.07 -5.02
CA MET B 372 45.27 19.07 -5.02
C MET B 372 44.26 19.41 -6.12
C MET B 372 44.26 19.42 -6.12
N LEU B 373 43.48 18.43 -6.57
CA LEU B 373 42.49 18.59 -7.67
C LEU B 373 41.38 19.56 -7.27
N LEU B 374 40.86 19.45 -6.05
CA LEU B 374 39.76 20.32 -5.56
C LEU B 374 40.26 21.77 -5.54
N ASP B 375 41.49 22.00 -5.04
CA ASP B 375 42.12 23.34 -5.00
C ASP B 375 42.14 23.85 -6.44
N GLY B 376 42.60 23.03 -7.38
CA GLY B 376 42.64 23.39 -8.81
C GLY B 376 41.28 23.84 -9.29
N PHE B 377 40.24 23.07 -8.98
CA PHE B 377 38.87 23.33 -9.49
C PHE B 377 38.29 24.57 -8.82
N ARG B 378 38.44 24.69 -7.51
N ARG B 378 38.42 24.69 -7.50
CA ARG B 378 37.98 25.87 -6.72
CA ARG B 378 37.98 25.87 -6.72
C ARG B 378 38.60 27.13 -7.33
C ARG B 378 38.59 27.13 -7.33
N GLN B 379 39.86 27.06 -7.75
CA GLN B 379 40.59 28.20 -8.37
C GLN B 379 39.96 28.52 -9.72
N LEU B 380 39.69 27.51 -10.55
CA LEU B 380 39.00 27.69 -11.86
C LEU B 380 37.59 28.26 -11.63
N ALA B 381 36.96 27.93 -10.51
CA ALA B 381 35.64 28.45 -10.13
C ALA B 381 35.74 29.95 -9.87
N ARG B 382 36.76 30.35 -9.10
CA ARG B 382 37.08 31.78 -8.83
C ARG B 382 37.27 32.51 -10.14
N GLU B 383 37.91 31.87 -11.10
CA GLU B 383 38.32 32.50 -12.38
C GLU B 383 37.14 32.53 -13.35
N TYR B 384 36.20 31.59 -13.26
CA TYR B 384 35.09 31.43 -14.23
C TYR B 384 33.77 31.35 -13.49
N PRO B 385 33.38 32.42 -12.78
CA PRO B 385 32.09 32.47 -12.11
C PRO B 385 30.92 32.67 -13.07
N ASP B 386 31.21 33.10 -14.30
CA ASP B 386 30.26 33.23 -15.43
C ASP B 386 29.78 31.83 -15.89
N LEU B 387 30.59 30.79 -15.61
CA LEU B 387 30.36 29.40 -16.07
C LEU B 387 30.16 28.46 -14.89
N VAL B 388 30.92 28.64 -13.82
CA VAL B 388 30.96 27.68 -12.68
C VAL B 388 30.31 28.31 -11.46
N GLN B 389 29.38 27.60 -10.83
CA GLN B 389 28.76 28.01 -9.55
C GLN B 389 29.78 27.70 -8.45
N GLU B 390 30.21 26.44 -8.34
CA GLU B 390 31.12 26.03 -7.25
C GLU B 390 31.72 24.66 -7.58
N ALA B 391 32.85 24.33 -6.94
CA ALA B 391 33.44 22.98 -6.91
C ALA B 391 33.51 22.50 -5.46
N ARG B 392 33.13 21.24 -5.22
CA ARG B 392 33.10 20.57 -3.89
C ARG B 392 33.82 19.24 -4.01
N GLY B 393 34.18 18.65 -2.87
CA GLY B 393 34.69 17.27 -2.81
C GLY B 393 35.18 16.87 -1.44
N LYS B 394 35.58 15.61 -1.34
CA LYS B 394 36.28 15.01 -0.18
C LYS B 394 37.08 13.84 -0.76
N GLY B 395 38.39 13.85 -0.59
CA GLY B 395 39.26 12.90 -1.31
C GLY B 395 39.01 12.99 -2.80
N MET B 396 38.86 11.86 -3.47
CA MET B 396 38.74 11.78 -4.94
C MET B 396 37.26 11.70 -5.34
N LEU B 397 36.37 12.09 -4.44
CA LEU B 397 34.94 12.26 -4.74
C LEU B 397 34.66 13.74 -4.87
N MET B 398 34.52 14.23 -6.11
CA MET B 398 34.46 15.68 -6.41
C MET B 398 33.38 15.94 -7.45
N ALA B 399 32.92 17.18 -7.50
CA ALA B 399 31.93 17.69 -8.46
C ALA B 399 32.22 19.17 -8.73
N ILE B 400 31.95 19.57 -9.97
CA ILE B 400 31.86 20.98 -10.41
C ILE B 400 30.40 21.24 -10.78
N GLU B 401 29.75 22.14 -10.04
CA GLU B 401 28.38 22.65 -10.37
C GLU B 401 28.53 23.85 -11.31
N PHE B 402 27.96 23.78 -12.51
CA PHE B 402 27.95 24.90 -13.48
C PHE B 402 26.70 25.76 -13.25
N VAL B 403 26.65 26.91 -13.91
CA VAL B 403 25.59 27.94 -13.72
C VAL B 403 24.26 27.35 -14.18
N ASP B 404 24.25 26.63 -15.30
CA ASP B 404 23.05 25.98 -15.88
C ASP B 404 23.45 24.64 -16.51
N ASN B 405 22.46 23.83 -16.87
CA ASN B 405 22.67 22.42 -17.32
C ASN B 405 23.47 22.41 -18.61
N GLU B 406 23.13 23.28 -19.58
CA GLU B 406 23.71 23.29 -20.95
C GLU B 406 25.20 23.61 -20.87
N ILE B 407 25.62 24.42 -19.90
CA ILE B 407 27.06 24.77 -19.66
C ILE B 407 27.81 23.53 -19.18
N GLY B 408 27.23 22.78 -18.23
CA GLY B 408 27.74 21.48 -17.73
C GLY B 408 28.03 20.53 -18.87
N TYR B 409 27.13 20.46 -19.84
CA TYR B 409 27.22 19.56 -21.01
C TYR B 409 28.33 20.08 -21.92
N ASN B 410 28.46 21.40 -22.10
CA ASN B 410 29.50 22.00 -22.96
C ASN B 410 30.89 21.66 -22.39
N PHE B 411 31.00 21.60 -21.07
CA PHE B 411 32.25 21.29 -20.35
C PHE B 411 32.61 19.82 -20.56
N ALA B 412 31.68 18.91 -20.31
CA ALA B 412 31.86 17.46 -20.55
C ALA B 412 32.39 17.26 -21.98
N SER B 413 31.84 17.96 -22.99
CA SER B 413 32.20 17.83 -24.43
C SER B 413 33.60 18.35 -24.64
N GLU B 414 33.88 19.56 -24.16
CA GLU B 414 35.21 20.22 -24.30
C GLU B 414 36.26 19.30 -23.70
N MET B 415 36.02 18.75 -22.50
CA MET B 415 36.95 17.82 -21.82
C MET B 415 37.16 16.55 -22.66
N PHE B 416 36.09 16.00 -23.22
CA PHE B 416 36.13 14.80 -24.07
C PHE B 416 36.94 15.12 -25.34
N ARG B 417 36.76 16.32 -25.90
CA ARG B 417 37.51 16.76 -27.11
C ARG B 417 39.00 16.69 -26.79
N GLN B 418 39.35 16.93 -25.53
CA GLN B 418 40.77 16.98 -25.07
C GLN B 418 41.15 15.66 -24.40
N ARG B 419 40.36 14.61 -24.63
CA ARG B 419 40.69 13.22 -24.21
C ARG B 419 40.78 13.15 -22.68
N VAL B 420 39.87 13.84 -21.98
CA VAL B 420 39.65 13.66 -20.52
C VAL B 420 38.19 13.33 -20.29
N LEU B 421 37.97 12.21 -19.60
CA LEU B 421 36.65 11.56 -19.48
C LEU B 421 36.02 11.97 -18.16
N VAL B 422 34.94 12.74 -18.24
CA VAL B 422 34.04 13.12 -17.10
C VAL B 422 32.61 12.86 -17.55
N ALA B 423 31.64 12.92 -16.64
CA ALA B 423 30.21 12.83 -17.03
C ALA B 423 29.37 13.39 -15.91
N GLY B 424 28.06 13.51 -16.14
CA GLY B 424 27.08 14.07 -15.18
C GLY B 424 26.77 13.13 -14.02
N THR B 425 26.15 13.69 -12.98
CA THR B 425 25.57 12.98 -11.80
C THR B 425 24.08 12.66 -12.09
N LEU B 426 23.53 11.66 -11.38
CA LEU B 426 22.13 11.18 -11.57
C LEU B 426 21.16 12.16 -10.88
N ASN B 427 21.16 12.27 -9.55
CA ASN B 427 20.16 13.06 -8.78
C ASN B 427 20.55 14.54 -8.74
N ASN B 428 21.13 15.07 -9.82
CA ASN B 428 21.65 16.48 -9.90
C ASN B 428 22.10 16.79 -11.35
N ALA B 429 21.34 17.63 -12.06
CA ALA B 429 21.68 18.16 -13.40
C ALA B 429 22.78 19.23 -13.26
N LYS B 430 23.43 19.63 -14.37
CA LYS B 430 24.39 20.79 -14.44
C LYS B 430 25.60 20.59 -13.53
N THR B 431 25.77 19.39 -12.97
CA THR B 431 26.84 18.99 -12.03
C THR B 431 27.64 17.86 -12.67
N ILE B 432 28.95 18.05 -12.81
CA ILE B 432 29.88 17.06 -13.42
C ILE B 432 30.69 16.44 -12.29
N ARG B 433 30.65 15.11 -12.17
CA ARG B 433 31.44 14.35 -11.18
C ARG B 433 32.88 14.24 -11.67
N ILE B 434 33.84 14.41 -10.77
CA ILE B 434 35.25 14.07 -11.01
C ILE B 434 35.59 12.96 -10.03
N GLU B 435 35.71 11.74 -10.55
CA GLU B 435 35.90 10.50 -9.77
C GLU B 435 37.02 9.68 -10.40
N PRO B 436 38.27 10.18 -10.43
CA PRO B 436 39.35 9.47 -11.10
C PRO B 436 39.80 8.29 -10.25
N PRO B 437 40.52 7.32 -10.85
CA PRO B 437 41.21 6.30 -10.08
C PRO B 437 42.08 6.94 -8.99
N LEU B 438 42.17 6.32 -7.81
CA LEU B 438 43.02 6.80 -6.69
C LEU B 438 44.47 6.79 -7.17
N THR B 439 44.75 6.00 -8.23
CA THR B 439 46.09 5.77 -8.82
C THR B 439 46.45 6.87 -9.83
N LEU B 440 45.56 7.83 -10.07
CA LEU B 440 45.87 8.96 -10.98
C LEU B 440 47.21 9.58 -10.56
N THR B 441 48.13 9.74 -11.51
CA THR B 441 49.48 10.25 -11.19
C THR B 441 49.40 11.77 -10.99
N ILE B 442 50.39 12.31 -10.29
CA ILE B 442 50.46 13.76 -10.04
C ILE B 442 50.48 14.47 -11.39
N GLU B 443 51.24 13.98 -12.35
CA GLU B 443 51.29 14.62 -13.69
C GLU B 443 49.89 14.59 -14.31
N GLN B 444 49.18 13.46 -14.24
CA GLN B 444 47.80 13.38 -14.80
C GLN B 444 46.92 14.40 -14.08
N CYS B 445 46.95 14.45 -12.75
CA CYS B 445 46.23 15.47 -11.92
C CYS B 445 46.42 16.85 -12.58
N GLU B 446 47.67 17.25 -12.84
CA GLU B 446 48.00 18.56 -13.44
C GLU B 446 47.40 18.67 -14.83
N LEU B 447 47.50 17.63 -15.64
CA LEU B 447 46.94 17.62 -17.03
C LEU B 447 45.43 17.80 -16.97
N VAL B 448 44.78 17.21 -15.96
CA VAL B 448 43.31 17.31 -15.77
C VAL B 448 42.95 18.79 -15.54
N ILE B 449 43.66 19.44 -14.62
CA ILE B 449 43.44 20.87 -14.28
C ILE B 449 43.66 21.73 -15.54
N LYS B 450 44.69 21.43 -16.32
CA LYS B 450 45.03 22.21 -17.55
C LYS B 450 43.91 22.02 -18.57
N ALA B 451 43.43 20.79 -18.73
CA ALA B 451 42.30 20.44 -19.63
C ALA B 451 41.06 21.20 -19.21
N ALA B 452 40.76 21.23 -17.90
CA ALA B 452 39.59 21.95 -17.35
C ALA B 452 39.73 23.43 -17.73
N ARG B 453 40.92 24.01 -17.51
CA ARG B 453 41.19 25.43 -17.79
C ARG B 453 40.93 25.70 -19.26
N LYS B 454 41.54 24.91 -20.15
N LYS B 454 41.54 24.91 -20.15
CA LYS B 454 41.40 25.05 -21.61
CA LYS B 454 41.40 25.04 -21.62
C LYS B 454 39.91 24.97 -21.98
C LYS B 454 39.91 24.97 -21.98
N ALA B 455 39.15 24.07 -21.34
CA ALA B 455 37.72 23.85 -21.62
C ALA B 455 36.92 25.12 -21.30
N LEU B 456 37.12 25.67 -20.09
CA LEU B 456 36.39 26.87 -19.58
C LEU B 456 36.71 28.08 -20.44
N ALA B 457 37.99 28.26 -20.81
CA ALA B 457 38.46 29.38 -21.67
C ALA B 457 37.77 29.30 -23.04
N ALA B 458 37.66 28.10 -23.64
CA ALA B 458 37.00 27.87 -24.95
C ALA B 458 35.51 28.19 -24.83
N MET B 459 34.88 27.75 -23.72
CA MET B 459 33.45 27.99 -23.43
C MET B 459 33.18 29.51 -23.33
N ARG B 460 34.08 30.24 -22.65
CA ARG B 460 33.95 31.70 -22.45
C ARG B 460 33.95 32.39 -23.82
N VAL B 461 34.89 32.02 -24.69
CA VAL B 461 35.03 32.55 -26.08
C VAL B 461 33.71 32.32 -26.83
N SER B 462 33.19 31.09 -26.84
CA SER B 462 31.88 30.74 -27.47
C SER B 462 30.82 31.76 -27.05
N VAL B 463 30.64 31.93 -25.73
CA VAL B 463 29.66 32.88 -25.12
C VAL B 463 29.97 34.29 -25.66
N GLU B 464 31.14 34.85 -25.33
CA GLU B 464 31.60 36.21 -25.77
C GLU B 464 31.36 36.41 -27.27
N GLU B 465 31.69 35.45 -28.12
CA GLU B 465 31.46 35.49 -29.60
C GLU B 465 29.96 35.73 -29.91
N ALA B 466 29.09 34.78 -29.58
CA ALA B 466 27.61 34.89 -29.59
C ALA B 466 27.19 36.35 -29.30
N LEU B 467 27.57 36.87 -28.13
CA LEU B 467 27.19 38.23 -27.62
C LEU B 467 27.59 39.32 -28.64
N GLU B 468 28.84 39.28 -29.12
CA GLU B 468 29.39 40.22 -30.13
C GLU B 468 28.50 40.19 -31.37
N VAL B 469 28.31 39.00 -31.97
CA VAL B 469 27.42 38.76 -33.14
C VAL B 469 26.05 39.44 -32.89
N SER B 470 25.41 39.19 -31.74
CA SER B 470 24.05 39.73 -31.40
C SER B 470 24.07 41.27 -31.46
N ALA B 471 24.91 41.91 -30.65
CA ALA B 471 25.04 43.38 -30.50
C ALA B 471 25.20 44.05 -31.88
N LYS B 472 26.15 43.58 -32.70
CA LYS B 472 26.47 44.19 -34.03
C LYS B 472 25.23 44.11 -34.92
N GLU B 473 24.62 42.92 -35.05
CA GLU B 473 23.37 42.70 -35.83
C GLU B 473 22.36 43.79 -35.42
N GLN B 474 22.20 44.00 -34.11
CA GLN B 474 21.23 44.98 -33.51
C GLN B 474 21.60 46.41 -33.92
N GLN B 475 22.84 46.85 -33.63
CA GLN B 475 23.39 48.18 -34.01
C GLN B 475 23.19 48.40 -35.52
N ASN B 476 23.43 47.36 -36.33
CA ASN B 476 23.39 47.42 -37.81
C ASN B 476 21.99 47.85 -38.27
N ALA B 477 20.93 47.27 -37.69
CA ALA B 477 19.50 47.59 -37.96
C ALA B 477 19.36 48.87 -38.79
N ALA C 15 -34.12 -14.01 29.20
CA ALA C 15 -35.49 -13.87 28.63
C ALA C 15 -35.44 -13.91 27.09
N SER C 16 -36.61 -14.00 26.46
CA SER C 16 -36.76 -13.80 25.00
C SER C 16 -36.42 -12.33 24.66
N ALA C 17 -36.07 -12.07 23.41
CA ALA C 17 -35.90 -10.69 22.88
C ALA C 17 -37.20 -9.90 23.06
N LEU C 18 -38.35 -10.52 22.78
CA LEU C 18 -39.67 -9.84 22.87
C LEU C 18 -39.85 -9.29 24.28
N ALA C 19 -39.55 -10.11 25.29
CA ALA C 19 -39.66 -9.81 26.73
C ALA C 19 -38.76 -8.63 27.10
N CYS C 20 -37.51 -8.62 26.63
CA CYS C 20 -36.53 -7.53 26.89
C CYS C 20 -36.95 -6.27 26.14
N SER C 21 -37.41 -6.36 24.88
CA SER C 21 -37.85 -5.19 24.09
C SER C 21 -39.08 -4.55 24.76
N ALA C 22 -39.93 -5.36 25.38
CA ALA C 22 -41.13 -4.94 26.13
C ALA C 22 -40.72 -4.22 27.42
N HIS C 23 -39.89 -4.86 28.24
CA HIS C 23 -39.42 -4.33 29.55
C HIS C 23 -38.80 -2.94 29.32
N ALA C 24 -38.14 -2.78 28.18
CA ALA C 24 -37.37 -1.56 27.83
C ALA C 24 -38.32 -0.48 27.34
N LEU C 25 -39.31 -0.81 26.52
CA LEU C 25 -40.31 0.20 26.08
C LEU C 25 -41.09 0.71 27.30
N ASN C 26 -41.37 -0.17 28.27
N ASN C 26 -41.36 -0.15 28.27
CA ASN C 26 -42.01 0.16 29.58
CA ASN C 26 -42.05 0.22 29.53
C ASN C 26 -41.14 1.19 30.29
C ASN C 26 -41.15 1.19 30.30
N LEU C 27 -39.82 0.97 30.32
CA LEU C 27 -38.86 1.88 30.98
C LEU C 27 -38.80 3.24 30.25
N ILE C 28 -38.89 3.26 28.93
CA ILE C 28 -38.86 4.51 28.11
C ILE C 28 -40.06 5.40 28.45
N GLU C 29 -41.22 4.81 28.75
CA GLU C 29 -42.48 5.56 29.08
C GLU C 29 -42.37 6.19 30.47
N LYS C 30 -41.82 5.47 31.45
CA LYS C 30 -41.66 5.91 32.87
C LYS C 30 -40.87 7.23 32.87
N ARG C 31 -41.31 8.21 33.68
N ARG C 31 -41.32 8.21 33.68
CA ARG C 31 -40.62 9.52 33.83
CA ARG C 31 -40.63 9.52 33.84
C ARG C 31 -39.86 9.57 35.17
C ARG C 31 -39.87 9.56 35.17
N THR C 32 -40.25 8.69 36.10
CA THR C 32 -39.74 8.67 37.49
C THR C 32 -39.52 7.22 37.90
N LEU C 33 -38.71 7.03 38.93
CA LEU C 33 -38.31 5.72 39.48
C LEU C 33 -38.37 5.84 40.99
N ASP C 34 -39.12 4.99 41.69
CA ASP C 34 -39.03 4.94 43.18
C ASP C 34 -37.70 4.26 43.52
N HIS C 35 -37.31 4.26 44.80
CA HIS C 35 -36.03 3.65 45.28
C HIS C 35 -35.88 2.24 44.69
N GLU C 36 -36.95 1.45 44.63
CA GLU C 36 -36.89 0.01 44.21
C GLU C 36 -36.70 -0.09 42.70
N GLU C 37 -37.37 0.73 41.91
CA GLU C 37 -37.26 0.70 40.43
C GLU C 37 -35.85 1.15 40.04
N MET C 38 -35.36 2.20 40.70
CA MET C 38 -33.99 2.76 40.53
C MET C 38 -32.96 1.67 40.85
N LYS C 39 -33.07 1.02 42.00
CA LYS C 39 -32.08 0.02 42.47
C LYS C 39 -32.03 -1.13 41.48
N ALA C 40 -33.19 -1.54 40.97
CA ALA C 40 -33.35 -2.66 40.01
C ALA C 40 -32.73 -2.29 38.66
N LEU C 41 -32.95 -1.05 38.19
CA LEU C 41 -32.47 -0.58 36.86
C LEU C 41 -30.96 -0.39 36.90
N ASN C 42 -30.45 0.27 37.95
CA ASN C 42 -28.99 0.46 38.14
C ASN C 42 -28.32 -0.93 38.06
N ARG C 43 -28.84 -1.89 38.84
CA ARG C 43 -28.29 -3.26 38.96
C ARG C 43 -28.30 -3.94 37.57
N GLU C 44 -29.37 -3.74 36.79
CA GLU C 44 -29.51 -4.30 35.41
C GLU C 44 -28.46 -3.67 34.49
N VAL C 45 -28.38 -2.34 34.47
CA VAL C 45 -27.51 -1.59 33.50
C VAL C 45 -26.05 -2.02 33.72
N ILE C 46 -25.63 -2.21 34.97
CA ILE C 46 -24.22 -2.61 35.30
C ILE C 46 -23.99 -4.04 34.82
N GLU C 47 -24.91 -4.96 35.14
CA GLU C 47 -24.86 -6.37 34.66
C GLU C 47 -24.77 -6.39 33.13
N TYR C 48 -25.63 -5.62 32.43
CA TYR C 48 -25.71 -5.63 30.95
C TYR C 48 -24.50 -4.93 30.31
N PHE C 49 -23.93 -3.88 30.92
CA PHE C 49 -22.69 -3.24 30.40
C PHE C 49 -21.59 -4.29 30.40
N LYS C 50 -21.50 -5.03 31.50
CA LYS C 50 -20.51 -6.09 31.80
C LYS C 50 -20.69 -7.26 30.81
N GLU C 51 -21.92 -7.65 30.49
CA GLU C 51 -22.20 -8.90 29.73
C GLU C 51 -22.40 -8.64 28.24
N HIS C 52 -22.65 -7.41 27.79
CA HIS C 52 -23.13 -7.16 26.40
C HIS C 52 -22.61 -5.87 25.75
N VAL C 53 -21.93 -4.98 26.49
CA VAL C 53 -21.45 -3.67 25.94
C VAL C 53 -19.92 -3.62 26.05
N ASN C 54 -19.40 -3.57 27.28
CA ASN C 54 -17.94 -3.49 27.53
C ASN C 54 -17.67 -3.44 29.03
N PRO C 55 -17.18 -4.51 29.68
CA PRO C 55 -16.83 -4.45 31.10
C PRO C 55 -15.69 -3.45 31.37
N GLY C 56 -14.94 -3.10 30.32
CA GLY C 56 -13.88 -2.08 30.33
C GLY C 56 -14.40 -0.69 30.70
N PHE C 57 -15.56 -0.30 30.19
CA PHE C 57 -16.18 1.02 30.46
C PHE C 57 -16.43 1.11 31.99
N LEU C 58 -16.78 0.02 32.66
CA LEU C 58 -17.04 0.02 34.13
C LEU C 58 -15.73 0.20 34.91
N GLU C 59 -14.62 -0.34 34.39
CA GLU C 59 -13.28 -0.20 35.03
C GLU C 59 -12.80 1.25 34.91
N TYR C 60 -12.97 1.88 33.74
CA TYR C 60 -12.54 3.28 33.46
C TYR C 60 -13.27 4.25 34.40
N ARG C 61 -14.60 4.16 34.42
CA ARG C 61 -15.50 5.05 35.21
C ARG C 61 -15.15 4.95 36.71
N LYS C 62 -14.63 3.81 37.19
CA LYS C 62 -14.15 3.59 38.59
C LYS C 62 -12.89 4.43 38.87
N SER C 63 -11.93 4.43 37.94
CA SER C 63 -10.63 5.17 37.99
C SER C 63 -10.89 6.68 38.10
N VAL C 64 -12.05 7.12 37.60
CA VAL C 64 -12.45 8.56 37.58
C VAL C 64 -13.63 8.79 38.55
N THR C 65 -13.73 8.02 39.64
CA THR C 65 -14.77 8.17 40.71
C THR C 65 -14.32 7.52 42.03
N ALA C 66 -14.98 7.90 43.13
CA ALA C 66 -14.96 7.19 44.43
C ALA C 66 -16.09 6.14 44.40
N GLY C 67 -15.71 4.86 44.26
CA GLY C 67 -16.59 3.68 44.10
C GLY C 67 -18.01 3.93 44.57
N GLY C 68 -18.99 3.30 43.90
CA GLY C 68 -20.42 3.58 44.10
C GLY C 68 -20.88 4.71 43.20
N ASP C 69 -20.01 5.70 42.99
CA ASP C 69 -20.23 6.84 42.06
C ASP C 69 -20.05 6.41 40.59
N TYR C 70 -19.20 5.42 40.31
CA TYR C 70 -18.96 4.92 38.92
C TYR C 70 -20.27 4.42 38.32
N GLY C 71 -21.15 3.85 39.18
CA GLY C 71 -22.45 3.25 38.86
C GLY C 71 -23.58 4.27 38.88
N ALA C 72 -23.29 5.47 38.38
CA ALA C 72 -24.26 6.52 38.02
C ALA C 72 -24.82 6.22 36.63
N VAL C 73 -26.14 6.21 36.51
CA VAL C 73 -26.90 5.92 35.26
C VAL C 73 -27.65 7.19 34.85
N GLU C 74 -27.37 7.72 33.67
CA GLU C 74 -28.09 8.87 33.06
C GLU C 74 -29.57 8.57 33.02
N TRP C 75 -30.41 9.58 33.24
CA TRP C 75 -31.89 9.42 33.22
C TRP C 75 -32.55 10.50 32.34
N GLN C 76 -32.30 11.78 32.61
CA GLN C 76 -32.91 12.87 31.84
C GLN C 76 -32.10 14.15 31.99
N ALA C 77 -32.33 15.10 31.07
CA ALA C 77 -31.90 16.51 31.16
C ALA C 77 -32.63 17.16 32.36
N GLY C 78 -31.92 17.93 33.18
CA GLY C 78 -32.50 18.73 34.28
C GLY C 78 -32.99 20.07 33.78
N SER C 79 -32.07 21.02 33.59
CA SER C 79 -32.29 22.31 32.92
C SER C 79 -31.42 22.31 31.66
N LEU C 80 -31.27 23.44 30.98
CA LEU C 80 -30.40 23.56 29.78
C LEU C 80 -29.02 22.99 30.07
N ASN C 81 -28.48 23.16 31.28
CA ASN C 81 -27.04 22.95 31.55
C ASN C 81 -26.83 21.87 32.60
N THR C 82 -27.84 21.08 32.93
CA THR C 82 -27.70 20.03 33.96
C THR C 82 -28.23 18.67 33.46
N LEU C 83 -27.68 17.62 34.05
CA LEU C 83 -28.06 16.20 33.83
C LEU C 83 -28.50 15.60 35.16
N VAL C 84 -29.50 14.72 35.09
CA VAL C 84 -30.06 14.05 36.28
C VAL C 84 -29.88 12.54 36.11
N ASP C 85 -29.27 11.89 37.10
CA ASP C 85 -29.13 10.41 37.14
C ASP C 85 -30.42 9.80 37.69
N THR C 86 -30.45 8.46 37.74
CA THR C 86 -31.59 7.63 38.17
C THR C 86 -31.92 7.86 39.65
N GLN C 87 -30.98 8.41 40.43
CA GLN C 87 -31.15 8.65 41.89
C GLN C 87 -31.60 10.10 42.14
N GLY C 88 -31.82 10.87 41.06
CA GLY C 88 -32.30 12.27 41.11
C GLY C 88 -31.19 13.27 41.34
N GLN C 89 -29.93 12.85 41.31
CA GLN C 89 -28.76 13.73 41.55
C GLN C 89 -28.53 14.54 40.27
N GLU C 90 -28.53 15.87 40.39
CA GLU C 90 -28.41 16.85 39.27
C GLU C 90 -26.94 17.24 39.16
N PHE C 91 -26.38 17.21 37.94
CA PHE C 91 -24.97 17.52 37.65
C PHE C 91 -24.97 18.78 36.80
N ILE C 92 -24.09 19.73 37.10
CA ILE C 92 -23.76 20.82 36.14
C ILE C 92 -22.86 20.17 35.09
N ASP C 93 -23.14 20.42 33.81
CA ASP C 93 -22.46 19.74 32.68
C ASP C 93 -21.33 20.61 32.15
N CYS C 94 -20.09 20.30 32.52
CA CYS C 94 -18.84 20.88 31.95
C CYS C 94 -18.13 19.92 30.99
N LEU C 95 -18.74 18.77 30.72
CA LEU C 95 -18.30 17.82 29.68
C LEU C 95 -18.92 18.22 28.34
N GLY C 96 -20.19 18.65 28.35
CA GLY C 96 -20.97 19.02 27.16
C GLY C 96 -21.05 17.89 26.13
N GLY C 97 -21.05 16.64 26.59
CA GLY C 97 -20.96 15.46 25.71
C GLY C 97 -19.82 15.62 24.72
N PHE C 98 -18.69 16.17 25.17
CA PHE C 98 -17.46 16.31 24.35
C PHE C 98 -17.71 17.30 23.20
N GLY C 99 -18.58 18.30 23.41
CA GLY C 99 -18.79 19.43 22.50
C GLY C 99 -20.04 19.29 21.66
N ILE C 100 -21.02 18.52 22.14
CA ILE C 100 -22.31 18.31 21.45
C ILE C 100 -23.32 19.37 21.89
N PHE C 101 -23.40 19.61 23.20
CA PHE C 101 -24.50 20.33 23.87
C PHE C 101 -24.20 21.84 23.92
N ASN C 102 -23.90 22.44 22.76
CA ASN C 102 -23.53 23.87 22.61
C ASN C 102 -24.72 24.73 22.99
N VAL C 103 -25.93 24.29 22.63
CA VAL C 103 -27.17 25.06 22.91
C VAL C 103 -27.93 24.40 24.07
N GLY C 104 -27.24 23.61 24.89
CA GLY C 104 -27.79 23.03 26.12
C GLY C 104 -28.51 21.73 25.84
N HIS C 105 -29.04 21.15 26.92
CA HIS C 105 -29.80 19.87 26.96
C HIS C 105 -31.28 20.16 26.66
N ARG C 106 -31.83 19.46 25.68
CA ARG C 106 -33.24 19.61 25.24
C ARG C 106 -33.51 21.10 25.04
N ASN C 107 -32.71 21.74 24.19
CA ASN C 107 -32.98 23.14 23.83
C ASN C 107 -34.40 23.16 23.23
N PRO C 108 -35.33 23.93 23.82
CA PRO C 108 -36.73 23.84 23.45
C PRO C 108 -36.95 24.10 21.95
N VAL C 109 -36.15 24.99 21.36
CA VAL C 109 -36.29 25.34 19.92
C VAL C 109 -35.88 24.12 19.08
N VAL C 110 -34.84 23.41 19.48
CA VAL C 110 -34.33 22.22 18.73
C VAL C 110 -35.35 21.10 18.97
N VAL C 111 -35.71 20.85 20.23
CA VAL C 111 -36.65 19.75 20.55
C VAL C 111 -37.91 19.97 19.71
N SER C 112 -38.37 21.22 19.65
CA SER C 112 -39.59 21.61 18.90
C SER C 112 -39.47 21.25 17.44
N ALA C 113 -38.36 21.60 16.80
CA ALA C 113 -38.16 21.40 15.35
C ALA C 113 -38.19 19.90 15.05
N VAL C 114 -37.53 19.12 15.92
CA VAL C 114 -37.45 17.64 15.76
C VAL C 114 -38.86 17.04 15.91
N GLN C 115 -39.53 17.36 17.02
N GLN C 115 -39.53 17.36 17.02
CA GLN C 115 -40.94 16.95 17.30
CA GLN C 115 -40.94 16.96 17.31
C GLN C 115 -41.82 17.24 16.09
C GLN C 115 -41.82 17.24 16.09
N ASN C 116 -41.70 18.44 15.51
CA ASN C 116 -42.53 18.92 14.38
C ASN C 116 -42.27 18.06 13.14
N GLN C 117 -41.00 17.79 12.83
CA GLN C 117 -40.63 17.00 11.63
C GLN C 117 -41.00 15.53 11.86
N LEU C 118 -40.81 15.01 13.07
CA LEU C 118 -41.21 13.63 13.44
C LEU C 118 -42.68 13.41 13.11
N ALA C 119 -43.53 14.43 13.26
CA ALA C 119 -44.97 14.35 12.99
C ALA C 119 -45.25 14.23 11.48
N LYS C 120 -44.31 14.62 10.60
CA LYS C 120 -44.49 14.58 9.12
C LYS C 120 -43.71 13.42 8.49
N GLN C 121 -42.39 13.41 8.63
CA GLN C 121 -41.45 12.47 7.95
C GLN C 121 -40.09 12.52 8.63
N PRO C 122 -39.75 11.55 9.52
CA PRO C 122 -38.47 11.55 10.21
C PRO C 122 -37.29 11.11 9.32
N LEU C 123 -37.47 10.05 8.51
CA LEU C 123 -36.45 9.61 7.51
C LEU C 123 -37.04 9.70 6.10
N HIS C 124 -36.17 9.97 5.13
CA HIS C 124 -36.51 10.28 3.71
C HIS C 124 -36.34 9.00 2.85
N SER C 125 -36.84 9.06 1.62
CA SER C 125 -36.88 7.94 0.62
C SER C 125 -35.51 7.76 -0.02
N GLN C 126 -34.79 8.88 -0.17
CA GLN C 126 -33.51 9.02 -0.91
C GLN C 126 -33.78 9.02 -2.43
N GLU C 127 -35.02 9.21 -2.87
CA GLU C 127 -35.30 9.36 -4.31
C GLU C 127 -35.95 10.71 -4.56
N LEU C 128 -37.02 11.05 -3.83
CA LEU C 128 -37.67 12.38 -3.96
C LEU C 128 -36.76 13.42 -3.33
N LEU C 129 -36.77 14.63 -3.88
CA LEU C 129 -35.94 15.74 -3.36
C LEU C 129 -36.43 16.01 -1.94
N ASP C 130 -35.58 15.90 -0.92
CA ASP C 130 -35.97 16.17 0.49
C ASP C 130 -35.66 17.64 0.78
N PRO C 131 -36.68 18.44 1.17
CA PRO C 131 -36.55 19.89 1.18
C PRO C 131 -35.70 20.47 2.31
N LEU C 132 -35.64 19.83 3.48
CA LEU C 132 -34.78 20.30 4.61
C LEU C 132 -33.30 20.18 4.23
N ARG C 133 -32.90 19.18 3.44
CA ARG C 133 -31.51 19.02 2.92
C ARG C 133 -31.14 20.30 2.18
N ALA C 134 -31.94 20.66 1.19
CA ALA C 134 -31.80 21.87 0.36
C ALA C 134 -31.73 23.13 1.25
N MET C 135 -32.62 23.22 2.24
CA MET C 135 -32.69 24.39 3.16
C MET C 135 -31.45 24.45 4.05
N LEU C 136 -31.01 23.33 4.61
CA LEU C 136 -29.85 23.34 5.53
C LEU C 136 -28.58 23.63 4.72
N ALA C 137 -28.52 23.13 3.48
CA ALA C 137 -27.38 23.35 2.58
C ALA C 137 -27.30 24.85 2.26
N LYS C 138 -28.43 25.47 1.92
CA LYS C 138 -28.51 26.91 1.62
C LYS C 138 -28.04 27.68 2.84
N THR C 139 -28.56 27.31 4.00
CA THR C 139 -28.25 27.92 5.31
C THR C 139 -26.74 27.81 5.56
N LEU C 140 -26.18 26.62 5.46
CA LEU C 140 -24.75 26.39 5.75
C LEU C 140 -23.88 27.16 4.74
N ALA C 141 -24.32 27.34 3.49
CA ALA C 141 -23.59 28.12 2.47
C ALA C 141 -23.52 29.59 2.91
N ALA C 142 -24.65 30.17 3.34
CA ALA C 142 -24.73 31.55 3.85
C ALA C 142 -23.91 31.71 5.14
N LEU C 143 -23.91 30.70 6.00
CA LEU C 143 -23.23 30.76 7.32
C LEU C 143 -21.73 30.63 7.16
N THR C 144 -21.25 29.93 6.13
CA THR C 144 -19.80 29.62 5.96
C THR C 144 -19.09 30.71 5.18
N PRO C 145 -17.76 30.85 5.43
CA PRO C 145 -16.95 31.85 4.76
C PRO C 145 -16.73 31.57 3.26
N GLY C 146 -16.68 32.65 2.49
CA GLY C 146 -16.12 32.72 1.12
C GLY C 146 -16.82 31.76 0.18
N LYS C 147 -16.02 30.89 -0.44
CA LYS C 147 -16.41 30.09 -1.62
C LYS C 147 -16.88 28.70 -1.15
N LEU C 148 -16.93 28.43 0.16
CA LEU C 148 -17.62 27.24 0.74
C LEU C 148 -19.11 27.31 0.37
N LYS C 149 -19.60 26.36 -0.43
CA LYS C 149 -20.90 26.47 -1.14
C LYS C 149 -21.67 25.16 -1.14
N TYR C 150 -21.01 24.00 -1.24
CA TYR C 150 -21.73 22.70 -1.37
C TYR C 150 -21.53 21.91 -0.09
N SER C 151 -22.61 21.26 0.32
CA SER C 151 -22.72 20.49 1.58
C SER C 151 -23.12 19.05 1.24
N PHE C 152 -22.42 18.13 1.88
CA PHE C 152 -22.74 16.69 1.93
C PHE C 152 -22.99 16.32 3.39
N PHE C 153 -24.14 15.72 3.68
CA PHE C 153 -24.61 15.38 5.05
C PHE C 153 -24.42 13.90 5.32
N CYS C 154 -23.88 13.62 6.49
CA CYS C 154 -23.62 12.26 7.02
C CYS C 154 -24.09 12.26 8.48
N ASN C 155 -23.64 11.30 9.28
CA ASN C 155 -24.23 11.01 10.60
C ASN C 155 -23.22 11.19 11.73
N SER C 156 -21.95 11.54 11.47
CA SER C 156 -20.92 11.65 12.54
C SER C 156 -19.70 12.46 12.09
N GLY C 157 -18.85 12.83 13.04
CA GLY C 157 -17.58 13.52 12.73
C GLY C 157 -16.73 12.66 11.81
N THR C 158 -16.55 11.40 12.18
CA THR C 158 -15.67 10.48 11.42
C THR C 158 -16.20 10.34 9.99
N GLU C 159 -17.52 10.31 9.78
CA GLU C 159 -18.10 10.22 8.42
C GLU C 159 -17.82 11.52 7.66
N SER C 160 -17.90 12.67 8.34
N SER C 160 -17.90 12.68 8.33
CA SER C 160 -17.65 14.01 7.71
CA SER C 160 -17.66 14.00 7.71
C SER C 160 -16.21 14.09 7.25
C SER C 160 -16.21 14.09 7.25
N VAL C 161 -15.29 13.50 8.02
CA VAL C 161 -13.83 13.47 7.68
C VAL C 161 -13.64 12.50 6.50
N GLU C 162 -14.30 11.33 6.51
CA GLU C 162 -14.20 10.35 5.40
C GLU C 162 -14.60 11.06 4.11
N ALA C 163 -15.71 11.81 4.15
CA ALA C 163 -16.24 12.55 2.98
C ALA C 163 -15.20 13.57 2.50
N ALA C 164 -14.54 14.26 3.42
CA ALA C 164 -13.52 15.27 3.10
C ALA C 164 -12.35 14.59 2.38
N LEU C 165 -11.78 13.57 3.03
CA LEU C 165 -10.65 12.78 2.47
C LEU C 165 -11.08 12.32 1.07
N LYS C 166 -12.33 11.90 0.89
CA LYS C 166 -12.81 11.37 -0.39
C LYS C 166 -12.90 12.51 -1.41
N LEU C 167 -13.45 13.67 -1.04
CA LEU C 167 -13.49 14.84 -1.95
C LEU C 167 -12.07 15.14 -2.43
N ALA C 168 -11.11 15.15 -1.51
CA ALA C 168 -9.71 15.48 -1.82
C ALA C 168 -9.15 14.43 -2.80
N LYS C 169 -9.37 13.16 -2.48
CA LYS C 169 -8.86 12.02 -3.29
C LYS C 169 -9.40 12.17 -4.72
N ALA C 170 -10.67 12.46 -4.88
CA ALA C 170 -11.33 12.51 -6.20
C ALA C 170 -10.81 13.73 -6.97
N TYR C 171 -10.53 14.82 -6.27
CA TYR C 171 -10.02 16.05 -6.90
C TYR C 171 -8.59 15.85 -7.37
N GLN C 172 -7.78 15.18 -6.54
CA GLN C 172 -6.30 15.24 -6.62
C GLN C 172 -5.69 14.03 -7.36
N SER C 173 -6.34 12.86 -7.37
CA SER C 173 -5.80 11.64 -8.03
C SER C 173 -5.65 11.87 -9.53
N PRO C 174 -6.62 12.51 -10.22
CA PRO C 174 -6.44 12.87 -11.63
C PRO C 174 -5.35 13.92 -11.82
N ARG C 175 -4.97 14.63 -10.74
CA ARG C 175 -3.84 15.60 -10.74
C ARG C 175 -2.56 14.91 -10.28
N GLY C 176 -2.60 13.59 -10.01
CA GLY C 176 -1.40 12.81 -9.66
C GLY C 176 -0.94 13.00 -8.23
N LYS C 177 -1.81 13.43 -7.31
CA LYS C 177 -1.43 13.64 -5.89
C LYS C 177 -2.25 12.71 -4.98
N PHE C 178 -1.55 12.04 -4.07
CA PHE C 178 -2.13 10.94 -3.25
C PHE C 178 -1.71 11.03 -1.79
N THR C 179 -0.68 11.80 -1.47
CA THR C 179 -0.19 11.90 -0.08
C THR C 179 -1.10 12.87 0.72
N PHE C 180 -1.34 12.56 2.00
CA PHE C 180 -2.07 13.42 2.95
C PHE C 180 -1.17 13.70 4.15
N ILE C 181 -1.20 14.95 4.63
N ILE C 181 -1.18 14.95 4.62
CA ILE C 181 -0.47 15.39 5.85
CA ILE C 181 -0.47 15.40 5.84
C ILE C 181 -1.50 15.69 6.94
C ILE C 181 -1.49 15.69 6.94
N ALA C 182 -1.29 15.12 8.12
CA ALA C 182 -2.02 15.44 9.36
C ALA C 182 -0.99 15.86 10.39
N THR C 183 -1.41 16.16 11.61
CA THR C 183 -0.52 16.63 12.70
C THR C 183 -0.58 15.63 13.84
N SER C 184 0.52 15.44 14.56
CA SER C 184 0.55 14.64 15.81
C SER C 184 -0.35 15.31 16.83
N GLY C 185 -0.94 14.51 17.72
CA GLY C 185 -2.00 14.92 18.67
C GLY C 185 -3.37 15.06 18.01
N ALA C 186 -3.45 14.98 16.67
CA ALA C 186 -4.69 15.23 15.89
C ALA C 186 -5.68 14.08 16.10
N PHE C 187 -6.96 14.41 16.17
CA PHE C 187 -8.06 13.43 16.31
C PHE C 187 -9.11 13.77 15.26
N HIS C 188 -9.32 12.87 14.30
CA HIS C 188 -10.24 13.11 13.15
C HIS C 188 -11.31 12.00 13.06
N GLY C 189 -11.39 11.15 14.09
CA GLY C 189 -12.31 10.00 14.12
C GLY C 189 -11.62 8.65 14.06
N LYS C 190 -12.42 7.59 14.05
CA LYS C 190 -11.99 6.21 14.31
C LYS C 190 -12.46 5.24 13.20
N SER C 191 -13.24 5.69 12.23
CA SER C 191 -13.45 4.93 10.98
C SER C 191 -12.09 4.87 10.26
N LEU C 192 -11.83 3.82 9.50
CA LEU C 192 -10.43 3.50 9.09
C LEU C 192 -9.86 4.57 8.15
N GLY C 193 -10.67 5.29 7.38
CA GLY C 193 -10.18 6.44 6.59
C GLY C 193 -9.77 7.60 7.49
N ALA C 194 -10.66 7.96 8.40
CA ALA C 194 -10.45 9.02 9.40
C ALA C 194 -9.28 8.65 10.29
N LEU C 195 -9.15 7.39 10.70
CA LEU C 195 -8.14 6.97 11.72
C LEU C 195 -6.74 7.05 11.09
N SER C 196 -6.64 7.01 9.75
CA SER C 196 -5.39 7.24 9.00
C SER C 196 -4.85 8.64 9.26
N ALA C 197 -5.72 9.61 9.53
CA ALA C 197 -5.35 11.01 9.88
C ALA C 197 -5.22 11.17 11.40
N THR C 198 -6.10 10.56 12.19
CA THR C 198 -5.97 10.50 13.67
C THR C 198 -4.52 10.09 13.99
N ALA C 199 -3.90 10.62 15.04
CA ALA C 199 -2.45 10.56 15.23
C ALA C 199 -2.07 9.75 16.46
N LYS C 200 -2.97 9.40 17.34
CA LYS C 200 -2.54 8.72 18.60
C LYS C 200 -2.22 7.25 18.25
N SER C 201 -1.04 6.80 18.69
CA SER C 201 -0.48 5.45 18.44
C SER C 201 -1.46 4.37 18.90
N THR C 202 -1.88 4.42 20.16
CA THR C 202 -2.73 3.37 20.81
C THR C 202 -4.06 3.20 20.06
N PHE C 203 -4.49 4.22 19.30
CA PHE C 203 -5.74 4.17 18.51
C PHE C 203 -5.49 3.58 17.12
N ARG C 204 -4.24 3.52 16.66
CA ARG C 204 -3.89 3.19 15.25
C ARG C 204 -3.22 1.83 15.11
N LYS C 205 -2.29 1.50 16.02
CA LYS C 205 -1.34 0.35 15.87
C LYS C 205 -2.12 -0.94 15.67
N PRO C 206 -3.16 -1.27 16.47
CA PRO C 206 -3.90 -2.52 16.29
C PRO C 206 -4.50 -2.71 14.88
N PHE C 207 -4.74 -1.60 14.18
CA PHE C 207 -5.58 -1.55 12.94
C PHE C 207 -4.72 -1.33 11.70
N MET C 208 -3.42 -1.21 11.88
CA MET C 208 -2.51 -1.08 10.72
C MET C 208 -2.43 -2.42 10.00
N PRO C 209 -2.20 -2.44 8.67
CA PRO C 209 -1.98 -1.22 7.88
C PRO C 209 -3.23 -0.39 7.58
N LEU C 210 -3.09 0.93 7.78
CA LEU C 210 -4.14 1.94 7.50
C LEU C 210 -3.97 2.44 6.08
N LEU C 211 -4.71 3.47 5.68
CA LEU C 211 -4.61 4.01 4.30
C LEU C 211 -3.16 4.36 4.07
N PRO C 212 -2.59 4.00 2.90
CA PRO C 212 -1.23 4.42 2.59
C PRO C 212 -1.18 5.93 2.28
N GLY C 213 0.00 6.52 2.46
CA GLY C 213 0.30 7.88 2.01
C GLY C 213 -0.11 8.93 3.01
N PHE C 214 -0.27 8.55 4.28
CA PHE C 214 -0.62 9.45 5.41
C PHE C 214 0.62 9.67 6.28
N ARG C 215 0.99 10.95 6.44
N ARG C 215 0.97 10.95 6.47
CA ARG C 215 2.24 11.40 7.12
CA ARG C 215 2.22 11.42 7.12
C ARG C 215 1.86 12.50 8.12
C ARG C 215 1.86 12.50 8.12
N HIS C 216 2.56 12.55 9.25
CA HIS C 216 2.24 13.46 10.38
C HIS C 216 3.42 14.40 10.65
N VAL C 217 3.11 15.68 10.79
CA VAL C 217 4.06 16.75 11.20
C VAL C 217 3.59 17.27 12.56
N PRO C 218 4.46 17.96 13.35
CA PRO C 218 4.04 18.61 14.58
C PRO C 218 3.01 19.71 14.31
N PHE C 219 2.01 19.82 15.20
CA PHE C 219 0.95 20.85 15.15
C PHE C 219 1.57 22.18 15.55
N GLY C 220 1.27 23.24 14.79
CA GLY C 220 1.66 24.63 15.12
C GLY C 220 3.09 24.94 14.71
N ASN C 221 3.68 24.11 13.84
CA ASN C 221 5.08 24.20 13.33
C ASN C 221 5.04 24.30 11.80
N ILE C 222 4.91 25.52 11.26
CA ILE C 222 4.74 25.75 9.79
C ILE C 222 6.01 25.27 9.07
N GLU C 223 7.18 25.36 9.69
CA GLU C 223 8.42 25.00 8.98
C GLU C 223 8.48 23.48 8.76
N ALA C 224 8.09 22.69 9.77
CA ALA C 224 8.02 21.20 9.71
C ALA C 224 7.08 20.77 8.59
N MET C 225 5.98 21.49 8.44
CA MET C 225 4.96 21.20 7.41
C MET C 225 5.52 21.57 6.04
N ARG C 226 6.15 22.73 5.89
CA ARG C 226 6.80 23.14 4.61
C ARG C 226 7.76 22.02 4.16
N THR C 227 8.62 21.59 5.08
CA THR C 227 9.61 20.52 4.86
C THR C 227 8.89 19.30 4.27
N ALA C 228 7.81 18.86 4.92
CA ALA C 228 7.09 17.61 4.57
C ALA C 228 6.55 17.74 3.15
N LEU C 229 5.97 18.89 2.80
N LEU C 229 5.96 18.89 2.81
CA LEU C 229 5.36 19.15 1.47
CA LEU C 229 5.36 19.15 1.47
C LEU C 229 6.47 19.17 0.43
C LEU C 229 6.47 19.17 0.43
N ASN C 230 7.59 19.81 0.78
CA ASN C 230 8.73 19.99 -0.14
C ASN C 230 9.37 18.64 -0.43
N GLU C 231 9.62 17.82 0.60
CA GLU C 231 10.27 16.48 0.51
C GLU C 231 9.36 15.56 -0.30
N CYS C 232 8.05 15.64 -0.09
CA CYS C 232 7.05 14.85 -0.84
C CYS C 232 7.10 15.24 -2.33
N LYS C 233 7.28 16.53 -2.62
CA LYS C 233 7.39 17.05 -4.01
C LYS C 233 8.67 16.54 -4.67
N LYS C 234 9.78 16.61 -3.95
CA LYS C 234 11.12 16.12 -4.42
C LYS C 234 11.04 14.64 -4.84
N THR C 235 10.35 13.78 -4.08
CA THR C 235 10.38 12.30 -4.23
C THR C 235 9.25 11.83 -5.13
N GLY C 236 8.45 12.75 -5.66
CA GLY C 236 7.30 12.43 -6.52
C GLY C 236 6.09 11.89 -5.78
N ASP C 237 6.00 12.12 -4.45
CA ASP C 237 4.89 11.68 -3.56
C ASP C 237 4.09 12.92 -3.11
N ASP C 238 3.71 13.74 -4.09
CA ASP C 238 3.12 15.09 -3.88
C ASP C 238 1.87 15.00 -3.01
N VAL C 239 1.66 16.02 -2.20
CA VAL C 239 0.61 16.07 -1.14
C VAL C 239 -0.69 16.51 -1.78
N ALA C 240 -1.74 15.68 -1.63
CA ALA C 240 -3.11 15.97 -2.10
C ALA C 240 -3.75 17.01 -1.15
N ALA C 241 -3.58 16.83 0.16
CA ALA C 241 -4.30 17.66 1.15
C ALA C 241 -3.52 17.70 2.47
N VAL C 242 -3.68 18.81 3.17
CA VAL C 242 -3.39 18.91 4.62
C VAL C 242 -4.73 18.91 5.36
N ILE C 243 -4.82 18.10 6.41
CA ILE C 243 -5.99 18.09 7.32
C ILE C 243 -5.50 18.43 8.72
N LEU C 244 -6.19 19.31 9.43
CA LEU C 244 -5.87 19.70 10.82
C LEU C 244 -7.11 20.28 11.49
N GLU C 245 -7.16 20.15 12.82
CA GLU C 245 -8.10 20.89 13.68
C GLU C 245 -7.51 22.28 13.87
N PRO C 246 -8.32 23.36 13.83
CA PRO C 246 -7.80 24.70 14.10
C PRO C 246 -7.22 24.81 15.52
N ILE C 247 -7.77 24.04 16.44
CA ILE C 247 -7.33 23.85 17.86
C ILE C 247 -7.59 22.39 18.16
N GLN C 248 -6.61 21.68 18.69
CA GLN C 248 -6.72 20.23 18.90
C GLN C 248 -7.52 20.04 20.18
N GLY C 249 -8.66 19.37 20.08
CA GLY C 249 -9.51 19.01 21.22
C GLY C 249 -8.91 17.85 21.99
N GLU C 250 -8.90 16.67 21.40
CA GLU C 250 -8.49 15.42 22.11
C GLU C 250 -7.00 15.53 22.45
N GLY C 251 -6.27 16.34 21.66
CA GLY C 251 -4.86 16.72 21.89
C GLY C 251 -4.64 17.41 23.22
N GLY C 252 -5.71 17.97 23.84
CA GLY C 252 -5.72 18.61 25.17
C GLY C 252 -5.88 20.13 25.08
N VAL C 253 -6.67 20.62 24.11
CA VAL C 253 -6.88 22.06 23.80
C VAL C 253 -5.53 22.71 23.48
N ILE C 254 -4.99 22.35 22.33
CA ILE C 254 -3.67 22.81 21.86
C ILE C 254 -3.93 23.95 20.89
N LEU C 255 -3.58 25.14 21.30
CA LEU C 255 -3.75 26.37 20.48
C LEU C 255 -2.50 26.53 19.63
N PRO C 256 -2.69 26.74 18.31
CA PRO C 256 -1.57 27.00 17.42
C PRO C 256 -1.01 28.39 17.67
N PRO C 257 0.25 28.69 17.26
CA PRO C 257 0.79 30.03 17.39
C PRO C 257 -0.04 30.91 16.46
N PRO C 258 -0.18 32.20 16.80
CA PRO C 258 -1.03 33.08 15.98
C PRO C 258 -0.51 33.16 14.53
N GLY C 259 -1.41 33.21 13.55
CA GLY C 259 -1.08 33.30 12.11
C GLY C 259 -0.81 31.95 11.46
N TYR C 260 -0.65 30.88 12.26
CA TYR C 260 -0.37 29.48 11.81
C TYR C 260 -1.35 29.02 10.74
N LEU C 261 -2.63 29.14 11.05
CA LEU C 261 -3.72 28.69 10.13
C LEU C 261 -3.58 29.43 8.79
N THR C 262 -3.31 30.74 8.84
CA THR C 262 -3.20 31.60 7.65
C THR C 262 -2.03 31.12 6.82
N ALA C 263 -0.94 30.75 7.49
CA ALA C 263 0.32 30.28 6.86
C ALA C 263 0.06 28.92 6.20
N VAL C 264 -0.63 28.02 6.89
CA VAL C 264 -1.00 26.68 6.34
C VAL C 264 -1.79 26.87 5.05
N ARG C 265 -2.69 27.86 5.01
CA ARG C 265 -3.52 28.19 3.83
C ARG C 265 -2.60 28.63 2.67
N LYS C 266 -1.68 29.56 2.91
CA LYS C 266 -0.74 30.02 1.86
C LYS C 266 0.14 28.86 1.40
N LEU C 267 0.58 28.04 2.35
CA LEU C 267 1.47 26.87 2.11
C LEU C 267 0.73 25.87 1.21
N CYS C 268 -0.50 25.53 1.54
CA CYS C 268 -1.39 24.69 0.68
C CYS C 268 -1.56 25.34 -0.69
N ASP C 269 -1.82 26.64 -0.75
CA ASP C 269 -2.00 27.36 -2.03
C ASP C 269 -0.74 27.21 -2.90
N GLU C 270 0.42 27.28 -2.27
CA GLU C 270 1.73 27.31 -2.99
C GLU C 270 2.01 25.95 -3.63
N PHE C 271 1.79 24.85 -2.89
CA PHE C 271 2.11 23.45 -3.31
C PHE C 271 0.94 22.82 -4.09
N GLY C 272 -0.20 23.53 -4.22
CA GLY C 272 -1.42 23.02 -4.87
C GLY C 272 -2.08 21.88 -4.10
N ALA C 273 -1.96 21.86 -2.76
CA ALA C 273 -2.63 20.91 -1.84
C ALA C 273 -3.96 21.51 -1.36
N LEU C 274 -4.97 20.67 -1.12
CA LEU C 274 -6.26 21.12 -0.55
C LEU C 274 -6.12 21.24 0.96
N MET C 275 -6.73 22.29 1.51
CA MET C 275 -6.76 22.53 2.96
C MET C 275 -8.07 22.00 3.55
N ILE C 276 -7.96 21.01 4.42
CA ILE C 276 -9.12 20.42 5.13
C ILE C 276 -9.08 20.87 6.58
N LEU C 277 -10.09 21.61 7.03
CA LEU C 277 -10.27 21.98 8.44
C LEU C 277 -11.34 21.10 9.10
N ASP C 278 -10.92 20.36 10.13
CA ASP C 278 -11.77 19.53 11.01
C ASP C 278 -12.32 20.40 12.15
N GLU C 279 -13.48 21.01 11.94
CA GLU C 279 -14.18 21.84 12.97
C GLU C 279 -15.31 21.03 13.62
N VAL C 280 -15.21 19.71 13.58
CA VAL C 280 -16.16 18.81 14.29
C VAL C 280 -16.31 19.29 15.73
N GLN C 281 -15.21 19.63 16.39
CA GLN C 281 -15.30 19.94 17.85
C GLN C 281 -15.19 21.45 18.12
N THR C 282 -14.62 22.23 17.21
CA THR C 282 -14.46 23.70 17.37
C THR C 282 -15.59 24.47 16.68
N GLY C 283 -16.53 23.79 16.02
CA GLY C 283 -17.61 24.44 15.26
C GLY C 283 -18.82 24.79 16.11
N MET C 284 -19.75 25.51 15.49
CA MET C 284 -21.05 25.90 16.09
C MET C 284 -20.80 26.75 17.36
N GLY C 285 -19.90 27.73 17.27
CA GLY C 285 -19.78 28.83 18.23
C GLY C 285 -18.87 28.53 19.41
N ARG C 286 -18.36 27.29 19.56
CA ARG C 286 -17.72 26.87 20.83
C ARG C 286 -16.48 27.73 21.20
N THR C 287 -15.74 28.27 20.22
CA THR C 287 -14.47 29.00 20.51
C THR C 287 -14.70 30.50 20.58
N GLY C 288 -15.93 30.96 20.44
CA GLY C 288 -16.26 32.39 20.49
C GLY C 288 -16.63 32.91 19.12
N LYS C 289 -16.45 32.10 18.07
CA LYS C 289 -17.03 32.39 16.74
C LYS C 289 -17.76 31.15 16.27
N MET C 290 -18.58 31.28 15.23
CA MET C 290 -19.39 30.17 14.69
C MET C 290 -18.42 29.06 14.28
N PHE C 291 -17.28 29.40 13.67
CA PHE C 291 -16.16 28.47 13.34
C PHE C 291 -14.83 29.10 13.80
N ALA C 292 -13.92 28.28 14.32
CA ALA C 292 -12.60 28.74 14.77
C ALA C 292 -11.81 29.33 13.59
N CYS C 293 -12.11 28.99 12.35
CA CYS C 293 -11.40 29.52 11.16
C CYS C 293 -11.74 31.00 10.96
N GLU C 294 -12.76 31.52 11.65
CA GLU C 294 -13.19 32.94 11.53
C GLU C 294 -12.27 33.85 12.34
N HIS C 295 -11.61 33.34 13.38
CA HIS C 295 -10.62 34.11 14.18
C HIS C 295 -9.55 34.70 13.26
N GLU C 296 -9.07 33.96 12.26
CA GLU C 296 -8.02 34.44 11.33
C GLU C 296 -8.60 34.76 9.94
N ASN C 297 -9.92 34.61 9.76
N ASN C 297 -9.92 34.61 9.76
CA ASN C 297 -10.59 34.73 8.44
CA ASN C 297 -10.58 34.76 8.43
C ASN C 297 -9.89 33.80 7.44
C ASN C 297 -9.91 33.80 7.44
N VAL C 298 -9.71 32.53 7.84
CA VAL C 298 -9.12 31.45 7.00
C VAL C 298 -10.26 30.68 6.31
N GLN C 299 -10.19 30.58 4.99
CA GLN C 299 -11.11 29.76 4.18
C GLN C 299 -10.40 28.49 3.74
N PRO C 300 -10.71 27.31 4.34
CA PRO C 300 -10.22 26.04 3.86
C PRO C 300 -10.98 25.66 2.57
N ASP C 301 -10.49 24.65 1.87
CA ASP C 301 -11.15 24.09 0.66
C ASP C 301 -12.36 23.27 1.11
N ILE C 302 -12.19 22.58 2.24
CA ILE C 302 -13.16 21.61 2.80
C ILE C 302 -13.23 21.82 4.30
N LEU C 303 -14.47 21.94 4.80
CA LEU C 303 -14.80 22.14 6.22
C LEU C 303 -15.63 20.96 6.72
N CYS C 304 -15.24 20.39 7.86
CA CYS C 304 -15.92 19.24 8.51
C CYS C 304 -16.62 19.71 9.80
N LEU C 305 -17.88 19.33 9.94
CA LEU C 305 -18.75 19.66 11.10
C LEU C 305 -19.49 18.41 11.56
N ALA C 306 -19.70 18.32 12.87
CA ALA C 306 -20.61 17.36 13.52
C ALA C 306 -20.87 17.86 14.95
N LYS C 307 -20.96 16.96 15.93
CA LYS C 307 -21.27 17.21 17.35
C LYS C 307 -22.40 18.25 17.47
N ALA C 308 -22.07 19.50 17.78
CA ALA C 308 -23.04 20.55 18.16
C ALA C 308 -23.98 20.87 17.00
N LEU C 309 -23.62 20.56 15.75
CA LEU C 309 -24.49 20.84 14.58
C LEU C 309 -25.88 20.20 14.75
N GLY C 310 -25.99 19.11 15.51
CA GLY C 310 -27.29 18.41 15.71
C GLY C 310 -28.07 18.93 16.91
N GLY C 311 -27.51 19.88 17.64
CA GLY C 311 -28.23 20.61 18.70
C GLY C 311 -28.33 19.82 20.00
N GLY C 312 -27.56 18.75 20.15
CA GLY C 312 -27.62 17.86 21.33
C GLY C 312 -28.91 17.05 21.30
N VAL C 313 -29.51 16.91 20.12
CA VAL C 313 -30.73 16.09 19.94
C VAL C 313 -30.47 14.99 18.90
N MET C 314 -29.94 15.36 17.72
CA MET C 314 -29.72 14.44 16.57
C MET C 314 -28.23 14.26 16.27
N PRO C 315 -27.83 13.03 15.88
CA PRO C 315 -26.53 12.81 15.27
C PRO C 315 -26.60 13.33 13.83
N ILE C 316 -25.65 14.19 13.47
CA ILE C 316 -25.46 14.69 12.08
C ILE C 316 -23.99 15.05 11.89
N GLY C 317 -23.51 14.90 10.66
CA GLY C 317 -22.24 15.50 10.20
C GLY C 317 -22.47 16.27 8.92
N ALA C 318 -21.61 17.23 8.63
CA ALA C 318 -21.63 17.98 7.36
C ALA C 318 -20.20 18.17 6.86
N THR C 319 -20.02 17.97 5.56
CA THR C 319 -18.78 18.28 4.85
C THR C 319 -19.13 19.34 3.82
N ILE C 320 -18.55 20.52 3.95
CA ILE C 320 -18.79 21.67 3.04
C ILE C 320 -17.50 21.94 2.29
N ALA C 321 -17.61 22.29 1.01
CA ALA C 321 -16.46 22.49 0.12
C ALA C 321 -16.80 23.52 -0.95
N THR C 322 -15.77 24.01 -1.63
CA THR C 322 -15.86 24.90 -2.81
C THR C 322 -16.57 24.15 -3.93
N GLU C 323 -17.18 24.89 -4.86
CA GLU C 323 -17.74 24.32 -6.11
C GLU C 323 -16.62 23.62 -6.88
N GLU C 324 -15.42 24.20 -6.85
CA GLU C 324 -14.20 23.71 -7.56
C GLU C 324 -13.94 22.26 -7.16
N VAL C 325 -13.96 21.97 -5.86
CA VAL C 325 -13.64 20.64 -5.27
C VAL C 325 -14.88 19.72 -5.34
N PHE C 326 -16.04 20.21 -4.89
CA PHE C 326 -17.25 19.37 -4.71
C PHE C 326 -17.74 18.90 -6.09
N SER C 327 -17.49 19.68 -7.15
CA SER C 327 -17.97 19.40 -8.52
C SER C 327 -17.52 18.01 -8.99
N VAL C 328 -16.62 17.36 -8.24
CA VAL C 328 -16.18 15.96 -8.53
C VAL C 328 -17.36 15.01 -8.40
N LEU C 329 -18.44 15.40 -7.69
CA LEU C 329 -19.61 14.55 -7.40
C LEU C 329 -20.77 14.83 -8.36
N PHE C 330 -20.63 15.78 -9.29
CA PHE C 330 -21.73 16.29 -10.15
C PHE C 330 -22.09 15.34 -11.29
N ASP C 331 -21.10 14.68 -11.94
CA ASP C 331 -21.34 13.83 -13.13
C ASP C 331 -21.97 12.51 -12.69
N ASN C 332 -21.51 11.96 -11.56
CA ASN C 332 -22.06 10.76 -10.90
C ASN C 332 -22.35 11.10 -9.45
N PRO C 333 -23.60 11.53 -9.15
CA PRO C 333 -23.97 11.90 -7.78
C PRO C 333 -24.05 10.71 -6.81
N PHE C 334 -23.83 9.49 -7.27
CA PHE C 334 -23.83 8.28 -6.40
C PHE C 334 -22.39 7.91 -6.04
N LEU C 335 -21.42 8.70 -6.47
CA LEU C 335 -20.00 8.40 -6.21
C LEU C 335 -19.78 8.29 -4.70
N HIS C 336 -20.37 9.22 -3.95
CA HIS C 336 -20.40 9.22 -2.47
C HIS C 336 -21.85 9.41 -2.02
N THR C 337 -22.32 8.46 -1.20
CA THR C 337 -23.68 8.45 -0.63
C THR C 337 -23.62 7.87 0.78
N THR C 338 -24.71 8.06 1.53
CA THR C 338 -25.01 7.36 2.80
C THR C 338 -26.53 7.22 2.81
N THR C 339 -27.07 6.28 3.57
N THR C 339 -27.07 6.27 3.56
CA THR C 339 -28.54 6.02 3.60
CA THR C 339 -28.54 6.00 3.61
C THR C 339 -29.23 7.09 4.46
C THR C 339 -29.23 7.08 4.46
N PHE C 340 -28.73 7.34 5.67
CA PHE C 340 -29.40 8.22 6.66
C PHE C 340 -28.99 9.70 6.54
N GLY C 341 -27.95 10.03 5.79
CA GLY C 341 -27.32 11.36 5.80
C GLY C 341 -28.23 12.43 5.24
N GLY C 342 -28.35 13.55 5.93
CA GLY C 342 -29.25 14.65 5.50
C GLY C 342 -30.71 14.30 5.70
N ASN C 343 -31.01 13.35 6.60
CA ASN C 343 -32.41 12.99 6.95
C ASN C 343 -33.11 14.21 7.54
N PRO C 344 -34.44 14.30 7.34
CA PRO C 344 -35.23 15.42 7.85
C PRO C 344 -35.13 15.73 9.36
N LEU C 345 -35.12 14.74 10.25
CA LEU C 345 -34.95 14.99 11.73
C LEU C 345 -33.61 15.70 11.93
N ALA C 346 -32.54 15.14 11.40
CA ALA C 346 -31.20 15.70 11.60
C ALA C 346 -31.19 17.13 11.05
N CYS C 347 -31.73 17.37 9.83
CA CYS C 347 -31.72 18.70 9.16
C CYS C 347 -32.51 19.70 10.02
N ALA C 348 -33.70 19.30 10.45
CA ALA C 348 -34.56 20.07 11.38
C ALA C 348 -33.71 20.47 12.59
N ALA C 349 -32.98 19.53 13.20
CA ALA C 349 -32.20 19.74 14.46
C ALA C 349 -31.10 20.76 14.18
N ALA C 350 -30.40 20.63 13.05
CA ALA C 350 -29.30 21.51 12.66
C ALA C 350 -29.86 22.91 12.36
N LEU C 351 -31.00 23.00 11.66
CA LEU C 351 -31.56 24.29 11.23
C LEU C 351 -31.97 25.06 12.48
N ALA C 352 -32.55 24.34 13.44
CA ALA C 352 -32.92 24.89 14.77
C ALA C 352 -31.66 25.40 15.47
N THR C 353 -30.60 24.58 15.49
CA THR C 353 -29.35 24.87 16.22
C THR C 353 -28.75 26.18 15.69
N ILE C 354 -28.64 26.31 14.37
CA ILE C 354 -28.12 27.55 13.73
C ILE C 354 -29.02 28.71 14.12
N ASN C 355 -30.33 28.54 14.02
CA ASN C 355 -31.28 29.61 14.38
C ASN C 355 -31.02 30.07 15.82
N VAL C 356 -30.85 29.13 16.76
CA VAL C 356 -30.65 29.42 18.22
C VAL C 356 -29.32 30.16 18.40
N LEU C 357 -28.22 29.66 17.82
CA LEU C 357 -26.88 30.24 18.04
C LEU C 357 -26.88 31.70 17.57
N LEU C 358 -27.51 31.99 16.43
CA LEU C 358 -27.53 33.35 15.82
C LEU C 358 -28.48 34.26 16.61
N GLU C 359 -29.74 33.82 16.83
CA GLU C 359 -30.79 34.56 17.59
C GLU C 359 -30.23 35.06 18.93
N GLN C 360 -29.56 34.19 19.69
CA GLN C 360 -29.13 34.46 21.09
C GLN C 360 -27.66 34.88 21.18
N ASN C 361 -26.97 35.04 20.05
N ASN C 361 -26.96 35.03 20.04
CA ASN C 361 -25.52 35.42 19.97
CA ASN C 361 -25.54 35.48 20.01
C ASN C 361 -24.70 34.58 20.96
C ASN C 361 -24.70 34.59 20.95
N LEU C 362 -24.90 33.27 20.95
CA LEU C 362 -24.18 32.34 21.86
C LEU C 362 -22.68 32.28 21.55
N PRO C 363 -22.22 32.51 20.30
CA PRO C 363 -20.78 32.67 20.06
C PRO C 363 -20.18 33.76 20.96
N ALA C 364 -20.82 34.94 20.97
CA ALA C 364 -20.37 36.04 21.84
C ALA C 364 -20.40 35.58 23.31
N GLN C 365 -21.40 34.80 23.74
CA GLN C 365 -21.51 34.36 25.15
C GLN C 365 -20.34 33.44 25.49
N ALA C 366 -20.01 32.56 24.56
CA ALA C 366 -18.93 31.56 24.75
C ALA C 366 -17.62 32.32 25.01
N GLU C 367 -17.38 33.38 24.23
CA GLU C 367 -16.19 34.25 24.38
C GLU C 367 -16.14 34.80 25.81
N GLN C 368 -17.23 35.44 26.26
N GLN C 368 -17.22 35.45 26.26
N GLN C 368 -17.23 35.44 26.27
CA GLN C 368 -17.28 36.13 27.58
CA GLN C 368 -17.28 36.13 27.58
CA GLN C 368 -17.28 36.13 27.58
C GLN C 368 -17.11 35.10 28.69
C GLN C 368 -17.11 35.10 28.69
C GLN C 368 -17.11 35.10 28.69
N LYS C 369 -17.87 34.00 28.61
CA LYS C 369 -17.93 33.00 29.69
C LYS C 369 -16.62 32.20 29.73
N GLY C 370 -16.06 31.90 28.56
CA GLY C 370 -14.75 31.24 28.44
C GLY C 370 -13.65 32.09 29.05
N ASP C 371 -13.63 33.38 28.72
CA ASP C 371 -12.65 34.34 29.29
C ASP C 371 -12.77 34.31 30.82
N MET C 372 -14.00 34.33 31.32
N MET C 372 -14.01 34.33 31.32
CA MET C 372 -14.32 34.34 32.77
CA MET C 372 -14.32 34.33 32.78
C MET C 372 -13.80 33.04 33.40
C MET C 372 -13.80 33.04 33.40
N LEU C 373 -14.18 31.90 32.82
CA LEU C 373 -13.82 30.55 33.33
C LEU C 373 -12.30 30.33 33.26
N LEU C 374 -11.68 30.69 32.14
CA LEU C 374 -10.22 30.49 31.94
C LEU C 374 -9.45 31.31 32.98
N ASP C 375 -9.88 32.56 33.21
CA ASP C 375 -9.27 33.44 34.25
C ASP C 375 -9.35 32.71 35.59
N GLY C 376 -10.53 32.21 35.92
CA GLY C 376 -10.73 31.43 37.15
C GLY C 376 -9.74 30.29 37.25
N PHE C 377 -9.59 29.52 36.20
CA PHE C 377 -8.74 28.29 36.19
C PHE C 377 -7.26 28.68 36.28
N ARG C 378 -6.84 29.66 35.48
CA ARG C 378 -5.45 30.20 35.50
C ARG C 378 -5.09 30.61 36.94
N GLN C 379 -6.03 31.21 37.66
CA GLN C 379 -5.84 31.64 39.07
C GLN C 379 -5.63 30.41 39.97
N LEU C 380 -6.48 29.39 39.82
CA LEU C 380 -6.35 28.13 40.59
C LEU C 380 -5.02 27.43 40.22
N ALA C 381 -4.54 27.62 38.99
CA ALA C 381 -3.27 27.04 38.52
C ALA C 381 -2.13 27.72 39.29
N ARG C 382 -2.17 29.06 39.39
CA ARG C 382 -1.20 29.86 40.18
C ARG C 382 -1.19 29.36 41.62
N GLU C 383 -2.35 29.02 42.16
CA GLU C 383 -2.52 28.67 43.59
C GLU C 383 -2.10 27.21 43.83
N TYR C 384 -2.24 26.34 42.83
CA TYR C 384 -2.02 24.88 42.98
C TYR C 384 -1.08 24.39 41.90
N PRO C 385 0.18 24.88 41.87
CA PRO C 385 1.19 24.40 40.93
C PRO C 385 1.71 22.99 41.27
N ASP C 386 1.47 22.54 42.51
CA ASP C 386 1.78 21.18 42.99
C ASP C 386 0.86 20.16 42.30
N LEU C 387 -0.30 20.61 41.80
CA LEU C 387 -1.35 19.74 41.21
C LEU C 387 -1.55 20.07 39.74
N VAL C 388 -1.53 21.35 39.39
CA VAL C 388 -1.91 21.84 38.03
C VAL C 388 -0.66 22.35 37.32
N GLN C 389 -0.42 21.84 36.11
N GLN C 389 -0.41 21.85 36.11
CA GLN C 389 0.68 22.32 35.25
CA GLN C 389 0.70 22.36 35.27
C GLN C 389 0.21 23.63 34.63
C GLN C 389 0.21 23.66 34.63
N GLU C 390 -0.93 23.64 33.93
CA GLU C 390 -1.43 24.84 33.23
C GLU C 390 -2.92 24.69 32.90
N ALA C 391 -3.61 25.81 32.70
CA ALA C 391 -4.97 25.86 32.12
C ALA C 391 -4.91 26.65 30.81
N ARG C 392 -5.55 26.12 29.75
CA ARG C 392 -5.61 26.73 28.40
C ARG C 392 -7.05 26.80 27.95
N GLY C 393 -7.32 27.59 26.91
CA GLY C 393 -8.61 27.58 26.23
C GLY C 393 -8.76 28.69 25.21
N LYS C 394 -9.89 28.64 24.52
CA LYS C 394 -10.38 29.67 23.58
C LYS C 394 -11.90 29.52 23.59
N GLY C 395 -12.62 30.57 23.95
CA GLY C 395 -14.06 30.45 24.19
C GLY C 395 -14.33 29.37 25.21
N MET C 396 -15.29 28.49 24.92
CA MET C 396 -15.77 27.45 25.88
C MET C 396 -15.08 26.13 25.60
N LEU C 397 -13.98 26.17 24.87
CA LEU C 397 -13.09 24.99 24.66
C LEU C 397 -11.87 25.20 25.57
N MET C 398 -11.83 24.48 26.68
CA MET C 398 -10.82 24.68 27.74
C MET C 398 -10.33 23.33 28.25
N ALA C 399 -9.12 23.34 28.80
CA ALA C 399 -8.47 22.19 29.46
C ALA C 399 -7.66 22.68 30.67
N ILE C 400 -7.60 21.82 31.68
CA ILE C 400 -6.63 21.88 32.81
C ILE C 400 -5.70 20.69 32.66
N GLU C 401 -4.40 20.95 32.43
CA GLU C 401 -3.33 19.94 32.46
C GLU C 401 -2.84 19.80 33.90
N PHE C 402 -2.92 18.61 34.48
CA PHE C 402 -2.39 18.31 35.84
C PHE C 402 -0.95 17.81 35.70
N VAL C 403 -0.27 17.72 36.83
CA VAL C 403 1.17 17.38 36.92
C VAL C 403 1.38 15.96 36.40
N ASP C 404 0.49 15.03 36.76
CA ASP C 404 0.53 13.60 36.34
C ASP C 404 -0.90 13.08 36.14
N ASN C 405 -1.01 11.89 35.53
N ASN C 405 -1.01 11.90 35.53
CA ASN C 405 -2.30 11.33 35.09
CA ASN C 405 -2.30 11.30 35.08
C ASN C 405 -3.21 11.07 36.30
C ASN C 405 -3.21 11.06 36.29
N GLU C 406 -2.66 10.47 37.36
CA GLU C 406 -3.44 10.03 38.55
C GLU C 406 -4.11 11.24 39.24
N ILE C 407 -3.44 12.39 39.23
CA ILE C 407 -3.98 13.67 39.80
C ILE C 407 -5.18 14.13 38.96
N GLY C 408 -5.07 14.11 37.62
CA GLY C 408 -6.17 14.42 36.67
C GLY C 408 -7.42 13.59 36.98
N TYR C 409 -7.24 12.30 37.28
CA TYR C 409 -8.34 11.35 37.60
C TYR C 409 -8.94 11.73 38.96
N ASN C 410 -8.10 12.11 39.92
CA ASN C 410 -8.58 12.50 41.28
C ASN C 410 -9.46 13.74 41.19
N PHE C 411 -9.12 14.66 40.27
CA PHE C 411 -9.87 15.92 40.03
C PHE C 411 -11.24 15.60 39.42
N ALA C 412 -11.28 14.81 38.35
CA ALA C 412 -12.53 14.35 37.71
C ALA C 412 -13.46 13.79 38.78
N SER C 413 -12.95 12.96 39.71
CA SER C 413 -13.73 12.28 40.79
C SER C 413 -14.24 13.31 41.78
N GLU C 414 -13.35 14.17 42.27
CA GLU C 414 -13.69 15.23 43.25
C GLU C 414 -14.79 16.12 42.66
N MET C 415 -14.67 16.53 41.41
CA MET C 415 -15.69 17.34 40.70
C MET C 415 -17.03 16.58 40.63
N PHE C 416 -16.98 15.29 40.27
CA PHE C 416 -18.18 14.42 40.18
C PHE C 416 -18.82 14.30 41.57
N ARG C 417 -18.01 14.19 42.63
CA ARG C 417 -18.49 14.08 44.02
C ARG C 417 -19.33 15.33 44.31
N GLN C 418 -18.97 16.45 43.70
CA GLN C 418 -19.63 17.77 43.91
C GLN C 418 -20.65 18.05 42.80
N ARG C 419 -21.03 17.02 42.03
CA ARG C 419 -22.09 17.09 40.99
C ARG C 419 -21.72 18.11 39.92
N VAL C 420 -20.46 18.13 39.52
CA VAL C 420 -19.98 18.85 38.30
C VAL C 420 -19.30 17.82 37.39
N LEU C 421 -19.75 17.78 36.16
CA LEU C 421 -19.41 16.74 35.18
C LEU C 421 -18.29 17.27 34.28
N VAL C 422 -17.11 16.68 34.40
CA VAL C 422 -15.94 16.87 33.51
C VAL C 422 -15.43 15.48 33.14
N ALA C 423 -14.54 15.37 32.16
CA ALA C 423 -13.88 14.08 31.87
C ALA C 423 -12.58 14.35 31.16
N GLY C 424 -11.80 13.28 30.95
CA GLY C 424 -10.49 13.34 30.26
C GLY C 424 -10.62 13.56 28.76
N THR C 425 -9.51 13.95 28.14
CA THR C 425 -9.31 14.06 26.67
C THR C 425 -8.76 12.72 26.14
N LEU C 426 -8.94 12.45 24.84
CA LEU C 426 -8.53 11.19 24.18
C LEU C 426 -7.00 11.22 23.91
N ASN C 427 -6.51 12.12 23.03
CA ASN C 427 -5.08 12.12 22.60
C ASN C 427 -4.22 12.91 23.60
N ASN C 428 -4.53 12.81 24.90
CA ASN C 428 -3.82 13.55 25.98
C ASN C 428 -4.28 13.05 27.34
N ALA C 429 -3.41 12.31 28.04
CA ALA C 429 -3.60 11.84 29.43
C ALA C 429 -3.48 13.04 30.39
N LYS C 430 -3.92 12.92 31.64
CA LYS C 430 -3.63 13.90 32.74
C LYS C 430 -4.24 15.29 32.44
N THR C 431 -5.05 15.40 31.37
CA THR C 431 -5.68 16.67 30.90
C THR C 431 -7.20 16.50 30.97
N ILE C 432 -7.86 17.43 31.66
CA ILE C 432 -9.35 17.44 31.84
C ILE C 432 -9.92 18.53 30.95
N ARG C 433 -10.84 18.18 30.06
CA ARG C 433 -11.59 19.13 29.20
C ARG C 433 -12.65 19.83 30.04
N ILE C 434 -12.80 21.13 29.85
CA ILE C 434 -13.98 21.89 30.32
C ILE C 434 -14.68 22.42 29.07
N GLU C 435 -15.82 21.81 28.74
CA GLU C 435 -16.57 22.04 27.50
C GLU C 435 -18.05 22.18 27.84
N PRO C 436 -18.45 23.19 28.61
CA PRO C 436 -19.85 23.32 29.03
C PRO C 436 -20.71 23.79 27.87
N PRO C 437 -22.04 23.64 27.98
CA PRO C 437 -22.95 24.31 27.05
C PRO C 437 -22.65 25.81 26.98
N LEU C 438 -22.77 26.42 25.81
CA LEU C 438 -22.55 27.89 25.64
C LEU C 438 -23.59 28.62 26.50
N THR C 439 -24.67 27.93 26.87
CA THR C 439 -25.83 28.43 27.64
C THR C 439 -25.55 28.37 29.15
N LEU C 440 -24.38 27.87 29.58
CA LEU C 440 -24.01 27.84 31.02
C LEU C 440 -24.21 29.24 31.60
N THR C 441 -24.91 29.38 32.71
CA THR C 441 -25.23 30.70 33.29
C THR C 441 -24.00 31.23 34.02
N ILE C 442 -23.94 32.54 34.21
CA ILE C 442 -22.82 33.20 34.92
C ILE C 442 -22.74 32.60 36.32
N GLU C 443 -23.87 32.39 36.97
CA GLU C 443 -23.90 31.79 38.33
C GLU C 443 -23.27 30.39 38.24
N GLN C 444 -23.65 29.58 37.27
CA GLN C 444 -23.08 28.21 37.13
C GLN C 444 -21.57 28.33 36.91
N CYS C 445 -21.13 29.22 36.01
CA CYS C 445 -19.69 29.49 35.78
C CYS C 445 -18.98 29.65 37.13
N GLU C 446 -19.49 30.53 38.00
CA GLU C 446 -18.92 30.79 39.35
C GLU C 446 -18.92 29.51 40.19
N LEU C 447 -20.02 28.76 40.17
CA LEU C 447 -20.16 27.49 40.95
C LEU C 447 -19.10 26.51 40.47
N VAL C 448 -18.82 26.48 39.16
CA VAL C 448 -17.83 25.56 38.54
C VAL C 448 -16.45 25.87 39.14
N ILE C 449 -16.08 27.14 39.16
CA ILE C 449 -14.77 27.61 39.70
C ILE C 449 -14.68 27.26 41.18
N LYS C 450 -15.76 27.41 41.93
CA LYS C 450 -15.76 27.11 43.40
C LYS C 450 -15.60 25.61 43.61
N ALA C 451 -16.29 24.81 42.79
CA ALA C 451 -16.18 23.32 42.78
C ALA C 451 -14.73 22.93 42.49
N ALA C 452 -14.11 23.55 41.49
CA ALA C 452 -12.71 23.27 41.10
C ALA C 452 -11.82 23.56 42.32
N ARG C 453 -12.01 24.71 42.97
CA ARG C 453 -11.21 25.12 44.14
C ARG C 453 -11.35 24.06 45.24
N LYS C 454 -12.59 23.70 45.59
CA LYS C 454 -12.88 22.70 46.65
C LYS C 454 -12.17 21.39 46.29
N ALA C 455 -12.20 21.01 45.01
CA ALA C 455 -11.60 19.75 44.51
C ALA C 455 -10.08 19.75 44.73
N LEU C 456 -9.40 20.83 44.31
CA LEU C 456 -7.92 20.98 44.41
C LEU C 456 -7.48 20.96 45.87
N ALA C 457 -8.20 21.65 46.75
CA ALA C 457 -7.90 21.70 48.20
C ALA C 457 -7.98 20.29 48.80
N ALA C 458 -9.01 19.52 48.45
CA ALA C 458 -9.22 18.13 48.91
C ALA C 458 -8.09 17.23 48.38
N MET C 459 -7.73 17.40 47.10
CA MET C 459 -6.62 16.68 46.43
C MET C 459 -5.29 16.96 47.14
N ARG C 460 -5.03 18.22 47.53
CA ARG C 460 -3.76 18.62 48.19
C ARG C 460 -3.65 17.84 49.50
N VAL C 461 -4.73 17.77 50.28
CA VAL C 461 -4.81 17.02 51.57
C VAL C 461 -4.45 15.55 51.30
N SER C 462 -5.14 14.91 50.36
CA SER C 462 -4.90 13.50 49.93
C SER C 462 -3.40 13.29 49.72
N VAL C 463 -2.79 14.11 48.85
CA VAL C 463 -1.34 14.05 48.51
C VAL C 463 -0.53 14.17 49.80
N GLU C 464 -0.62 15.31 50.50
CA GLU C 464 0.14 15.58 51.77
C GLU C 464 0.02 14.38 52.72
N GLU C 465 -1.20 13.86 52.93
CA GLU C 465 -1.46 12.67 53.80
C GLU C 465 -0.60 11.47 53.36
N ALA C 466 -0.91 10.90 52.18
CA ALA C 466 -0.15 9.82 51.49
C ALA C 466 1.35 9.99 51.74
N LEU C 467 1.90 11.16 51.36
CA LEU C 467 3.35 11.46 51.37
C LEU C 467 3.94 11.24 52.76
N GLU C 468 3.30 11.74 53.83
CA GLU C 468 3.67 11.41 55.24
C GLU C 468 3.65 9.88 55.41
N VAL C 469 2.50 9.26 55.12
CA VAL C 469 2.27 7.78 55.31
C VAL C 469 3.25 6.98 54.43
N SER C 470 4.16 7.59 53.64
CA SER C 470 5.17 6.91 52.79
C SER C 470 6.60 7.12 53.34
N ALA C 471 7.03 8.39 53.47
CA ALA C 471 8.38 8.82 53.91
C ALA C 471 8.82 8.01 55.14
N LYS C 472 7.85 7.61 55.98
CA LYS C 472 8.01 6.72 57.18
C LYS C 472 8.98 5.56 56.85
N GLU C 473 8.77 4.87 55.73
CA GLU C 473 9.67 3.77 55.28
C GLU C 473 11.11 4.29 55.22
N GLN C 474 12.08 3.51 55.71
CA GLN C 474 13.54 3.83 55.72
C GLN C 474 14.37 2.59 56.10
N GLN C 475 15.68 2.75 56.34
CA GLN C 475 16.69 1.66 56.46
C GLN C 475 16.25 0.52 55.53
N ALA D 15 -29.85 35.78 1.35
CA ALA D 15 -30.27 36.24 2.71
C ALA D 15 -29.18 35.89 3.73
N SER D 16 -29.34 36.36 4.97
CA SER D 16 -28.55 35.90 6.13
C SER D 16 -28.91 34.43 6.40
N ALA D 17 -28.03 33.71 7.09
CA ALA D 17 -28.28 32.36 7.62
C ALA D 17 -29.48 32.40 8.57
N LEU D 18 -29.55 33.42 9.42
CA LEU D 18 -30.64 33.53 10.43
C LEU D 18 -31.99 33.52 9.71
N ALA D 19 -32.10 34.30 8.64
CA ALA D 19 -33.30 34.46 7.78
C ALA D 19 -33.72 33.13 7.17
N CYS D 20 -32.77 32.36 6.63
CA CYS D 20 -33.02 31.04 6.01
C CYS D 20 -33.37 30.02 7.10
N SER D 21 -32.69 30.03 8.26
CA SER D 21 -32.98 29.09 9.37
C SER D 21 -34.39 29.34 9.91
N ALA D 22 -34.85 30.60 9.88
CA ALA D 22 -36.19 31.03 10.29
C ALA D 22 -37.23 30.53 9.28
N HIS D 23 -37.04 30.84 8.00
CA HIS D 23 -37.95 30.47 6.89
C HIS D 23 -38.19 28.95 6.91
N ALA D 24 -37.14 28.20 7.29
CA ALA D 24 -37.12 26.73 7.27
C ALA D 24 -37.85 26.20 8.51
N LEU D 25 -37.64 26.79 9.68
CA LEU D 25 -38.40 26.35 10.89
C LEU D 25 -39.90 26.60 10.69
N ASN D 26 -40.26 27.68 10.00
N ASN D 26 -40.28 27.72 10.08
CA ASN D 26 -41.65 28.03 9.59
CA ASN D 26 -41.69 28.05 9.73
C ASN D 26 -42.19 26.88 8.72
C ASN D 26 -42.27 26.89 8.93
N LEU D 27 -41.38 26.40 7.76
N LEU D 27 -41.48 26.44 7.94
CA LEU D 27 -41.77 25.29 6.85
CA LEU D 27 -41.87 25.37 6.97
C LEU D 27 -41.94 23.97 7.62
C LEU D 27 -42.00 24.01 7.69
N ILE D 28 -41.10 23.71 8.62
CA ILE D 28 -41.16 22.47 9.46
C ILE D 28 -42.49 22.41 10.22
N GLU D 29 -43.02 23.55 10.68
CA GLU D 29 -44.30 23.63 11.44
C GLU D 29 -45.50 23.36 10.53
N LYS D 30 -45.50 23.92 9.31
CA LYS D 30 -46.58 23.80 8.31
C LYS D 30 -46.85 22.31 8.04
N ARG D 31 -48.11 21.90 7.99
CA ARG D 31 -48.54 20.53 7.63
C ARG D 31 -49.19 20.56 6.26
N THR D 32 -49.53 21.74 5.74
CA THR D 32 -50.26 21.92 4.46
C THR D 32 -49.62 23.02 3.64
N LEU D 33 -49.80 22.94 2.33
CA LEU D 33 -49.30 23.93 1.34
C LEU D 33 -50.43 24.20 0.36
N ASP D 34 -50.85 25.44 0.18
CA ASP D 34 -51.77 25.80 -0.93
C ASP D 34 -50.91 25.78 -2.20
N HIS D 35 -51.55 25.88 -3.36
CA HIS D 35 -50.87 25.88 -4.69
C HIS D 35 -49.68 26.86 -4.68
N GLU D 36 -49.83 28.04 -4.06
CA GLU D 36 -48.80 29.11 -4.09
C GLU D 36 -47.62 28.76 -3.18
N GLU D 37 -47.88 28.21 -1.99
CA GLU D 37 -46.82 27.84 -1.03
C GLU D 37 -46.01 26.69 -1.64
N MET D 38 -46.71 25.71 -2.22
CA MET D 38 -46.13 24.53 -2.92
C MET D 38 -45.24 25.00 -4.06
N LYS D 39 -45.75 25.87 -4.94
CA LYS D 39 -45.02 26.33 -6.15
C LYS D 39 -43.74 27.03 -5.72
N ALA D 40 -43.82 27.81 -4.65
CA ALA D 40 -42.69 28.60 -4.12
C ALA D 40 -41.65 27.66 -3.50
N LEU D 41 -42.08 26.64 -2.77
CA LEU D 41 -41.18 25.70 -2.06
C LEU D 41 -40.49 24.77 -3.07
N ASN D 42 -41.25 24.23 -4.01
CA ASN D 42 -40.69 23.38 -5.08
C ASN D 42 -39.58 24.17 -5.79
N ARG D 43 -39.87 25.41 -6.19
CA ARG D 43 -38.96 26.30 -6.95
C ARG D 43 -37.69 26.53 -6.12
N GLU D 44 -37.83 26.70 -4.80
CA GLU D 44 -36.69 26.92 -3.87
C GLU D 44 -35.84 25.65 -3.80
N VAL D 45 -36.47 24.51 -3.54
CA VAL D 45 -35.75 23.22 -3.29
C VAL D 45 -34.91 22.88 -4.53
N ILE D 46 -35.44 23.11 -5.74
CA ILE D 46 -34.73 22.79 -7.00
C ILE D 46 -33.53 23.74 -7.14
N GLU D 47 -33.75 25.04 -6.95
CA GLU D 47 -32.67 26.06 -6.99
C GLU D 47 -31.58 25.66 -5.98
N TYR D 48 -31.95 25.31 -4.74
CA TYR D 48 -30.98 25.01 -3.65
C TYR D 48 -30.29 23.65 -3.88
N PHE D 49 -30.95 22.64 -4.46
CA PHE D 49 -30.28 21.35 -4.80
C PHE D 49 -29.16 21.64 -5.80
N LYS D 50 -29.49 22.46 -6.79
CA LYS D 50 -28.62 22.89 -7.91
C LYS D 50 -27.45 23.72 -7.36
N GLU D 51 -27.67 24.60 -6.39
CA GLU D 51 -26.65 25.59 -5.98
C GLU D 51 -25.88 25.12 -4.73
N HIS D 52 -26.36 24.12 -3.98
CA HIS D 52 -25.79 23.84 -2.63
C HIS D 52 -25.72 22.35 -2.25
N VAL D 53 -26.32 21.45 -3.02
CA VAL D 53 -26.35 19.99 -2.70
C VAL D 53 -25.63 19.22 -3.81
N ASN D 54 -26.23 19.19 -5.01
CA ASN D 54 -25.69 18.43 -6.16
C ASN D 54 -26.59 18.61 -7.37
N PRO D 55 -26.23 19.40 -8.39
CA PRO D 55 -27.04 19.51 -9.60
C PRO D 55 -27.15 18.19 -10.36
N GLY D 56 -26.21 17.26 -10.07
CA GLY D 56 -26.21 15.88 -10.58
C GLY D 56 -27.44 15.09 -10.19
N PHE D 57 -27.91 15.24 -8.94
CA PHE D 57 -29.11 14.52 -8.44
C PHE D 57 -30.31 14.95 -9.29
N LEU D 58 -30.41 16.21 -9.73
CA LEU D 58 -31.54 16.69 -10.59
C LEU D 58 -31.46 16.07 -11.99
N GLU D 59 -30.26 15.83 -12.50
CA GLU D 59 -30.08 15.21 -13.85
C GLU D 59 -30.49 13.73 -13.78
N TYR D 60 -30.10 13.01 -12.72
CA TYR D 60 -30.39 11.56 -12.51
C TYR D 60 -31.91 11.34 -12.42
N ARG D 61 -32.57 12.10 -11.54
CA ARG D 61 -34.02 12.01 -11.28
C ARG D 61 -34.82 12.26 -12.58
N LYS D 62 -34.28 13.05 -13.52
CA LYS D 62 -34.88 13.33 -14.86
C LYS D 62 -34.84 12.08 -15.75
N SER D 63 -33.69 11.37 -15.77
CA SER D 63 -33.41 10.10 -16.52
C SER D 63 -34.42 9.01 -16.11
N VAL D 64 -34.94 9.11 -14.90
CA VAL D 64 -35.82 8.10 -14.27
C VAL D 64 -37.22 8.74 -14.03
N THR D 65 -37.65 9.69 -14.89
CA THR D 65 -38.99 10.35 -14.86
C THR D 65 -39.34 10.98 -16.22
N ALA D 66 -40.62 11.31 -16.44
CA ALA D 66 -41.08 12.24 -17.51
C ALA D 66 -41.08 13.65 -16.92
N GLY D 67 -40.11 14.48 -17.31
CA GLY D 67 -39.92 15.90 -16.92
C GLY D 67 -41.12 16.49 -16.19
N GLY D 68 -40.87 17.35 -15.20
CA GLY D 68 -41.90 17.87 -14.28
C GLY D 68 -42.12 16.92 -13.12
N ASP D 69 -42.03 15.61 -13.36
CA ASP D 69 -42.08 14.54 -12.33
C ASP D 69 -40.75 14.46 -11.54
N TYR D 70 -39.61 14.81 -12.15
CA TYR D 70 -38.29 14.77 -11.48
C TYR D 70 -38.29 15.71 -10.28
N GLY D 71 -39.05 16.82 -10.42
CA GLY D 71 -39.19 17.92 -9.43
C GLY D 71 -40.33 17.67 -8.46
N ALA D 72 -40.48 16.41 -8.04
CA ALA D 72 -41.33 15.97 -6.93
C ALA D 72 -40.51 16.12 -5.64
N VAL D 73 -41.11 16.78 -4.64
CA VAL D 73 -40.48 17.11 -3.34
C VAL D 73 -41.24 16.36 -2.24
N GLU D 74 -40.54 15.53 -1.49
CA GLU D 74 -41.07 14.81 -0.29
C GLU D 74 -41.68 15.82 0.66
N TRP D 75 -42.80 15.46 1.30
CA TRP D 75 -43.50 16.34 2.27
C TRP D 75 -43.80 15.58 3.58
N GLN D 76 -44.50 14.45 3.52
CA GLN D 76 -44.79 13.66 4.74
C GLN D 76 -45.20 12.24 4.36
N ALA D 77 -45.13 11.34 5.34
CA ALA D 77 -45.73 10.00 5.36
C ALA D 77 -47.25 10.13 5.20
N GLY D 78 -47.85 9.33 4.33
CA GLY D 78 -49.31 9.22 4.16
C GLY D 78 -49.91 8.25 5.16
N SER D 79 -49.80 6.96 4.87
CA SER D 79 -50.13 5.84 5.79
C SER D 79 -48.82 5.10 6.08
N LEU D 80 -48.87 3.91 6.70
CA LEU D 80 -47.67 3.08 6.96
C LEU D 80 -46.83 2.94 5.69
N ASN D 81 -47.47 2.80 4.53
CA ASN D 81 -46.80 2.30 3.30
C ASN D 81 -46.82 3.34 2.19
N THR D 82 -47.19 4.59 2.47
CA THR D 82 -47.26 5.64 1.42
C THR D 82 -46.50 6.90 1.81
N LEU D 83 -46.07 7.63 0.78
CA LEU D 83 -45.38 8.94 0.85
C LEU D 83 -46.21 9.96 0.07
N VAL D 84 -46.22 11.19 0.57
CA VAL D 84 -47.00 12.30 -0.04
C VAL D 84 -46.02 13.41 -0.38
N ASP D 85 -46.04 13.86 -1.64
CA ASP D 85 -45.23 15.02 -2.12
C ASP D 85 -45.97 16.31 -1.76
N THR D 86 -45.33 17.43 -2.08
CA THR D 86 -45.77 18.81 -1.81
C THR D 86 -47.05 19.14 -2.58
N GLN D 87 -47.39 18.37 -3.63
CA GLN D 87 -48.61 18.61 -4.46
C GLN D 87 -49.75 17.71 -3.97
N GLY D 88 -49.53 16.92 -2.92
CA GLY D 88 -50.53 16.03 -2.30
C GLY D 88 -50.64 14.69 -3.02
N GLN D 89 -49.75 14.39 -3.96
CA GLN D 89 -49.75 13.09 -4.68
C GLN D 89 -49.18 12.02 -3.73
N GLU D 90 -49.94 10.96 -3.49
CA GLU D 90 -49.61 9.84 -2.55
C GLU D 90 -48.96 8.72 -3.38
N PHE D 91 -47.82 8.21 -2.93
CA PHE D 91 -47.05 7.14 -3.59
C PHE D 91 -47.11 5.91 -2.71
N ILE D 92 -47.35 4.74 -3.30
CA ILE D 92 -47.08 3.45 -2.63
C ILE D 92 -45.56 3.27 -2.65
N ASP D 93 -44.96 2.92 -1.51
CA ASP D 93 -43.48 2.86 -1.34
C ASP D 93 -42.98 1.43 -1.55
N CYS D 94 -42.43 1.14 -2.72
CA CYS D 94 -41.70 -0.11 -3.05
C CYS D 94 -40.18 0.10 -3.09
N LEU D 95 -39.72 1.30 -2.76
CA LEU D 95 -38.28 1.61 -2.57
C LEU D 95 -37.88 1.28 -1.13
N GLY D 96 -38.76 1.59 -0.16
CA GLY D 96 -38.55 1.38 1.28
C GLY D 96 -37.30 2.07 1.80
N GLY D 97 -36.96 3.22 1.22
CA GLY D 97 -35.69 3.90 1.53
C GLY D 97 -34.51 2.94 1.44
N PHE D 98 -34.52 2.02 0.47
CA PHE D 98 -33.40 1.08 0.23
C PHE D 98 -33.26 0.12 1.42
N GLY D 99 -34.40 -0.21 2.07
CA GLY D 99 -34.48 -1.26 3.11
C GLY D 99 -34.50 -0.70 4.52
N ILE D 100 -34.92 0.55 4.68
CA ILE D 100 -35.01 1.23 5.99
C ILE D 100 -36.39 1.00 6.61
N PHE D 101 -37.45 1.16 5.81
CA PHE D 101 -38.85 1.29 6.27
C PHE D 101 -39.51 -0.09 6.36
N ASN D 102 -38.88 -1.03 7.08
CA ASN D 102 -39.33 -2.42 7.29
C ASN D 102 -40.67 -2.40 8.03
N VAL D 103 -40.82 -1.51 9.00
CA VAL D 103 -42.05 -1.43 9.84
C VAL D 103 -42.89 -0.22 9.42
N GLY D 104 -42.68 0.26 8.19
CA GLY D 104 -43.49 1.32 7.56
C GLY D 104 -43.03 2.71 7.97
N HIS D 105 -43.76 3.72 7.49
CA HIS D 105 -43.53 5.18 7.70
C HIS D 105 -44.24 5.59 8.98
N ARG D 106 -43.52 6.23 9.91
CA ARG D 106 -44.04 6.72 11.21
C ARG D 106 -44.79 5.57 11.87
N ASN D 107 -44.12 4.43 12.05
CA ASN D 107 -44.73 3.32 12.81
C ASN D 107 -45.06 3.87 14.19
N PRO D 108 -46.34 3.84 14.59
CA PRO D 108 -46.75 4.57 15.80
C PRO D 108 -45.99 4.09 17.04
N VAL D 109 -45.62 2.80 17.09
CA VAL D 109 -44.90 2.22 18.25
C VAL D 109 -43.48 2.81 18.31
N VAL D 110 -42.85 2.96 17.15
CA VAL D 110 -41.48 3.51 17.06
C VAL D 110 -41.59 5.02 17.35
N VAL D 111 -42.50 5.70 16.67
CA VAL D 111 -42.65 7.18 16.84
C VAL D 111 -42.85 7.43 18.34
N SER D 112 -43.68 6.62 18.97
CA SER D 112 -44.01 6.75 20.42
C SER D 112 -42.74 6.63 21.28
N ALA D 113 -41.92 5.63 21.04
CA ALA D 113 -40.73 5.35 21.86
C ALA D 113 -39.76 6.52 21.74
N VAL D 114 -39.59 7.02 20.51
CA VAL D 114 -38.68 8.15 20.22
C VAL D 114 -39.21 9.41 20.92
N GLN D 115 -40.48 9.76 20.69
N GLN D 115 -40.49 9.74 20.67
CA GLN D 115 -41.18 10.89 21.35
CA GLN D 115 -41.22 10.87 21.32
C GLN D 115 -40.96 10.83 22.86
C GLN D 115 -40.99 10.82 22.84
N ASN D 116 -41.13 9.64 23.46
CA ASN D 116 -41.02 9.43 24.92
C ASN D 116 -39.60 9.72 25.40
N GLN D 117 -38.60 9.21 24.69
CA GLN D 117 -37.18 9.39 25.07
C GLN D 117 -36.76 10.84 24.81
N LEU D 118 -37.23 11.45 23.71
CA LEU D 118 -36.97 12.89 23.41
C LEU D 118 -37.40 13.75 24.61
N ALA D 119 -38.46 13.38 25.31
CA ALA D 119 -38.98 14.14 26.47
C ALA D 119 -38.04 14.02 27.69
N LYS D 120 -37.15 13.01 27.74
CA LYS D 120 -36.20 12.80 28.86
C LYS D 120 -34.77 13.22 28.51
N GLN D 121 -34.18 12.56 27.49
CA GLN D 121 -32.76 12.70 27.10
C GLN D 121 -32.56 12.12 25.70
N PRO D 122 -32.48 12.97 24.64
CA PRO D 122 -32.30 12.47 23.26
C PRO D 122 -30.87 12.01 22.96
N LEU D 123 -29.87 12.80 23.36
CA LEU D 123 -28.42 12.42 23.25
C LEU D 123 -27.82 12.35 24.64
N HIS D 124 -26.85 11.45 24.78
CA HIS D 124 -26.19 11.08 26.06
C HIS D 124 -24.89 11.88 26.23
N SER D 125 -24.34 11.83 27.46
CA SER D 125 -23.12 12.56 27.90
C SER D 125 -21.87 11.84 27.40
N GLN D 126 -21.96 10.51 27.28
CA GLN D 126 -20.84 9.58 26.99
C GLN D 126 -19.95 9.42 28.23
N GLU D 127 -20.40 9.80 29.42
CA GLU D 127 -19.63 9.53 30.67
C GLU D 127 -20.48 8.71 31.62
N LEU D 128 -21.72 9.11 31.89
CA LEU D 128 -22.66 8.29 32.70
C LEU D 128 -23.09 7.08 31.87
N LEU D 129 -23.32 5.95 32.53
CA LEU D 129 -23.88 4.73 31.90
C LEU D 129 -25.22 5.12 31.30
N ASP D 130 -25.41 4.97 29.99
CA ASP D 130 -26.73 5.22 29.34
C ASP D 130 -27.50 3.91 29.29
N PRO D 131 -28.69 3.86 29.91
CA PRO D 131 -29.38 2.59 30.15
C PRO D 131 -30.01 1.94 28.91
N LEU D 132 -30.43 2.71 27.90
CA LEU D 132 -31.01 2.12 26.66
C LEU D 132 -29.93 1.36 25.87
N ARG D 133 -28.67 1.81 25.92
CA ARG D 133 -27.52 1.10 25.30
C ARG D 133 -27.49 -0.32 25.87
N ALA D 134 -27.42 -0.43 27.19
CA ALA D 134 -27.42 -1.71 27.95
C ALA D 134 -28.63 -2.58 27.57
N MET D 135 -29.82 -1.97 27.50
CA MET D 135 -31.09 -2.68 27.18
C MET D 135 -31.06 -3.17 25.73
N LEU D 136 -30.63 -2.33 24.78
CA LEU D 136 -30.66 -2.73 23.35
C LEU D 136 -29.60 -3.81 23.12
N ALA D 137 -28.47 -3.71 23.81
CA ALA D 137 -27.36 -4.70 23.71
C ALA D 137 -27.86 -6.05 24.23
N LYS D 138 -28.54 -6.05 25.37
CA LYS D 138 -29.11 -7.28 25.97
C LYS D 138 -30.11 -7.89 24.99
N THR D 139 -30.99 -7.04 24.46
CA THR D 139 -32.04 -7.40 23.48
C THR D 139 -31.36 -8.02 22.25
N LEU D 140 -30.39 -7.34 21.66
CA LEU D 140 -29.74 -7.83 20.43
C LEU D 140 -29.01 -9.16 20.69
N ALA D 141 -28.45 -9.35 21.89
CA ALA D 141 -27.79 -10.62 22.28
C ALA D 141 -28.81 -11.78 22.27
N ALA D 142 -29.98 -11.57 22.87
CA ALA D 142 -31.09 -12.55 22.90
C ALA D 142 -31.62 -12.80 21.48
N LEU D 143 -31.70 -11.77 20.65
CA LEU D 143 -32.31 -11.85 19.30
C LEU D 143 -31.35 -12.56 18.35
N THR D 144 -30.04 -12.47 18.57
CA THR D 144 -29.03 -13.00 17.63
C THR D 144 -28.72 -14.45 17.92
N PRO D 145 -28.26 -15.18 16.87
CA PRO D 145 -27.88 -16.59 17.00
C PRO D 145 -26.61 -16.82 17.82
N GLY D 146 -26.62 -17.93 18.57
CA GLY D 146 -25.46 -18.56 19.19
C GLY D 146 -24.70 -17.62 20.10
N LYS D 147 -23.41 -17.49 19.82
CA LYS D 147 -22.42 -16.91 20.74
C LYS D 147 -22.23 -15.41 20.44
N LEU D 148 -22.99 -14.85 19.49
CA LEU D 148 -23.10 -13.38 19.31
C LEU D 148 -23.65 -12.75 20.59
N LYS D 149 -22.86 -11.91 21.26
CA LYS D 149 -23.08 -11.49 22.67
C LYS D 149 -22.84 -10.00 22.88
N TYR D 150 -21.84 -9.39 22.23
CA TYR D 150 -21.47 -7.99 22.50
C TYR D 150 -21.86 -7.14 21.30
N SER D 151 -22.36 -5.95 21.57
CA SER D 151 -22.85 -4.96 20.59
C SER D 151 -22.09 -3.65 20.74
N PHE D 152 -21.68 -3.09 19.62
CA PHE D 152 -21.14 -1.73 19.45
C PHE D 152 -22.09 -0.98 18.52
N PHE D 153 -22.59 0.18 18.96
CA PHE D 153 -23.59 0.99 18.23
C PHE D 153 -22.92 2.19 17.58
N CYS D 154 -23.31 2.43 16.33
CA CYS D 154 -22.81 3.52 15.48
C CYS D 154 -24.04 4.11 14.78
N ASN D 155 -23.83 4.86 13.70
CA ASN D 155 -24.90 5.70 13.10
C ASN D 155 -25.20 5.28 11.66
N SER D 156 -24.53 4.28 11.07
CA SER D 156 -24.76 3.91 9.66
C SER D 156 -24.26 2.48 9.34
N GLY D 157 -24.67 1.95 8.19
CA GLY D 157 -24.16 0.66 7.71
C GLY D 157 -22.64 0.72 7.55
N THR D 158 -22.14 1.76 6.89
CA THR D 158 -20.70 1.91 6.61
C THR D 158 -19.93 1.96 7.93
N GLU D 159 -20.45 2.60 8.96
CA GLU D 159 -19.79 2.66 10.29
C GLU D 159 -19.79 1.26 10.91
N SER D 160 -20.89 0.51 10.77
N SER D 160 -20.86 0.48 10.72
CA SER D 160 -21.02 -0.86 11.34
CA SER D 160 -21.00 -0.88 11.32
C SER D 160 -20.00 -1.78 10.69
C SER D 160 -20.00 -1.82 10.66
N VAL D 161 -19.74 -1.60 9.38
CA VAL D 161 -18.74 -2.38 8.62
C VAL D 161 -17.34 -1.98 9.10
N GLU D 162 -17.09 -0.68 9.27
CA GLU D 162 -15.77 -0.18 9.77
C GLU D 162 -15.47 -0.86 11.10
N ALA D 163 -16.46 -0.89 12.00
CA ALA D 163 -16.33 -1.49 13.35
C ALA D 163 -15.99 -2.98 13.21
N ALA D 164 -16.63 -3.68 12.27
CA ALA D 164 -16.40 -5.12 12.03
C ALA D 164 -14.96 -5.34 11.57
N LEU D 165 -14.57 -4.63 10.51
CA LEU D 165 -13.20 -4.68 9.97
C LEU D 165 -12.23 -4.43 11.12
N LYS D 166 -12.55 -3.48 12.00
CA LYS D 166 -11.64 -3.10 13.11
C LYS D 166 -11.58 -4.22 14.14
N LEU D 167 -12.71 -4.80 14.51
CA LEU D 167 -12.72 -5.97 15.44
C LEU D 167 -11.83 -7.07 14.86
N ALA D 168 -11.98 -7.36 13.58
CA ALA D 168 -11.21 -8.43 12.90
C ALA D 168 -9.72 -8.10 12.94
N LYS D 169 -9.37 -6.86 12.61
CA LYS D 169 -7.98 -6.40 12.54
C LYS D 169 -7.36 -6.60 13.92
N ALA D 170 -8.05 -6.20 14.97
CA ALA D 170 -7.50 -6.20 16.36
C ALA D 170 -7.36 -7.65 16.81
N TYR D 171 -8.29 -8.52 16.41
CA TYR D 171 -8.25 -9.94 16.79
C TYR D 171 -7.10 -10.64 16.08
N GLN D 172 -6.90 -10.34 14.80
CA GLN D 172 -6.12 -11.19 13.87
C GLN D 172 -4.67 -10.69 13.68
N SER D 173 -4.38 -9.40 13.84
CA SER D 173 -3.01 -8.84 13.61
C SER D 173 -2.03 -9.46 14.63
N PRO D 174 -2.39 -9.62 15.92
CA PRO D 174 -1.52 -10.32 16.86
C PRO D 174 -1.40 -11.81 16.52
N ARG D 175 -2.32 -12.34 15.70
CA ARG D 175 -2.25 -13.72 15.18
C ARG D 175 -1.55 -13.74 13.80
N GLY D 176 -1.05 -12.58 13.32
CA GLY D 176 -0.26 -12.49 12.09
C GLY D 176 -1.10 -12.57 10.82
N LYS D 177 -2.39 -12.23 10.88
CA LYS D 177 -3.28 -12.27 9.69
C LYS D 177 -3.82 -10.87 9.41
N PHE D 178 -3.72 -10.44 8.15
CA PHE D 178 -3.99 -9.04 7.73
C PHE D 178 -4.82 -8.98 6.44
N THR D 179 -4.93 -10.08 5.70
CA THR D 179 -5.66 -10.10 4.43
C THR D 179 -7.18 -10.22 4.71
N PHE D 180 -8.00 -9.55 3.91
CA PHE D 180 -9.48 -9.62 3.95
C PHE D 180 -9.97 -10.03 2.58
N ILE D 181 -10.97 -10.92 2.54
CA ILE D 181 -11.63 -11.36 1.29
C ILE D 181 -13.06 -10.81 1.30
N ALA D 182 -13.43 -10.16 0.20
CA ALA D 182 -14.82 -9.76 -0.10
C ALA D 182 -15.21 -10.41 -1.42
N THR D 183 -16.40 -10.12 -1.92
CA THR D 183 -16.92 -10.71 -3.17
C THR D 183 -17.17 -9.59 -4.17
N SER D 184 -16.98 -9.84 -5.47
CA SER D 184 -17.36 -8.90 -6.55
C SER D 184 -18.88 -8.73 -6.52
N GLY D 185 -19.35 -7.55 -6.93
CA GLY D 185 -20.76 -7.12 -6.80
C GLY D 185 -21.12 -6.67 -5.39
N ALA D 186 -20.22 -6.89 -4.40
CA ALA D 186 -20.48 -6.64 -2.96
C ALA D 186 -20.55 -5.13 -2.69
N PHE D 187 -21.45 -4.74 -1.78
CA PHE D 187 -21.61 -3.35 -1.35
C PHE D 187 -21.61 -3.35 0.18
N HIS D 188 -20.60 -2.72 0.80
CA HIS D 188 -20.41 -2.71 2.28
C HIS D 188 -20.34 -1.27 2.82
N GLY D 189 -20.64 -0.29 1.96
CA GLY D 189 -20.53 1.13 2.32
C GLY D 189 -19.46 1.89 1.56
N LYS D 190 -19.34 3.18 1.89
CA LYS D 190 -18.59 4.19 1.10
C LYS D 190 -17.55 4.92 1.94
N SER D 191 -17.52 4.72 3.25
CA SER D 191 -16.38 5.16 4.09
C SER D 191 -15.17 4.35 3.66
N LEU D 192 -13.97 4.90 3.76
CA LEU D 192 -12.79 4.35 3.06
C LEU D 192 -12.43 2.93 3.56
N GLY D 193 -12.72 2.58 4.80
CA GLY D 193 -12.49 1.20 5.29
C GLY D 193 -13.49 0.24 4.66
N ALA D 194 -14.76 0.63 4.71
CA ALA D 194 -15.88 -0.11 4.11
C ALA D 194 -15.68 -0.22 2.60
N LEU D 195 -15.25 0.86 1.93
CA LEU D 195 -15.17 0.92 0.46
C LEU D 195 -14.06 -0.01 -0.03
N SER D 196 -13.09 -0.35 0.83
CA SER D 196 -12.03 -1.35 0.55
C SER D 196 -12.64 -2.73 0.31
N ALA D 197 -13.79 -3.01 0.93
CA ALA D 197 -14.56 -4.27 0.76
C ALA D 197 -15.60 -4.12 -0.37
N THR D 198 -16.28 -2.98 -0.46
CA THR D 198 -17.17 -2.65 -1.59
C THR D 198 -16.42 -2.97 -2.89
N ALA D 199 -17.10 -3.48 -3.91
CA ALA D 199 -16.43 -4.11 -5.06
C ALA D 199 -16.66 -3.35 -6.35
N LYS D 200 -17.54 -2.37 -6.42
CA LYS D 200 -17.81 -1.74 -7.75
C LYS D 200 -16.65 -0.80 -8.06
N SER D 201 -16.11 -0.92 -9.28
CA SER D 201 -14.94 -0.17 -9.80
C SER D 201 -15.17 1.33 -9.68
N THR D 202 -16.28 1.81 -10.24
CA THR D 202 -16.63 3.26 -10.35
C THR D 202 -16.72 3.90 -8.96
N PHE D 203 -16.96 3.12 -7.91
CA PHE D 203 -17.06 3.60 -6.52
C PHE D 203 -15.68 3.65 -5.85
N ARG D 204 -14.68 2.95 -6.40
CA ARG D 204 -13.38 2.71 -5.72
C ARG D 204 -12.24 3.48 -6.38
N LYS D 205 -12.21 3.53 -7.72
CA LYS D 205 -11.01 3.96 -8.51
C LYS D 205 -10.59 5.36 -8.11
N PRO D 206 -11.50 6.36 -8.03
CA PRO D 206 -11.10 7.72 -7.67
C PRO D 206 -10.38 7.85 -6.32
N PHE D 207 -10.61 6.89 -5.42
CA PHE D 207 -10.25 6.96 -3.97
C PHE D 207 -9.11 6.02 -3.65
N MET D 208 -8.61 5.29 -4.64
CA MET D 208 -7.42 4.44 -4.44
C MET D 208 -6.20 5.34 -4.29
N PRO D 209 -5.16 4.90 -3.55
CA PRO D 209 -5.15 3.60 -2.89
C PRO D 209 -6.00 3.46 -1.63
N LEU D 210 -6.74 2.36 -1.56
CA LEU D 210 -7.62 2.01 -0.41
C LEU D 210 -6.83 1.20 0.60
N LEU D 211 -7.49 0.62 1.60
CA LEU D 211 -6.78 -0.21 2.60
C LEU D 211 -6.04 -1.30 1.83
N PRO D 212 -4.78 -1.58 2.18
CA PRO D 212 -4.09 -2.71 1.59
C PRO D 212 -4.66 -4.04 2.13
N GLY D 213 -4.46 -5.11 1.38
CA GLY D 213 -4.71 -6.48 1.85
C GLY D 213 -6.13 -6.92 1.60
N PHE D 214 -6.86 -6.24 0.70
CA PHE D 214 -8.27 -6.55 0.35
C PHE D 214 -8.29 -7.19 -1.04
N ARG D 215 -8.85 -8.41 -1.11
N ARG D 215 -8.87 -8.39 -1.11
CA ARG D 215 -8.98 -9.21 -2.34
CA ARG D 215 -8.97 -9.23 -2.33
C ARG D 215 -10.43 -9.64 -2.52
C ARG D 215 -10.42 -9.67 -2.52
N HIS D 216 -10.86 -9.81 -3.77
CA HIS D 216 -12.25 -10.13 -4.14
C HIS D 216 -12.32 -11.46 -4.90
N VAL D 217 -13.28 -12.30 -4.53
CA VAL D 217 -13.63 -13.58 -5.22
C VAL D 217 -15.06 -13.43 -5.74
N PRO D 218 -15.50 -14.26 -6.72
CA PRO D 218 -16.90 -14.30 -7.15
C PRO D 218 -17.81 -14.72 -6.00
N PHE D 219 -18.97 -14.07 -5.92
CA PHE D 219 -20.04 -14.36 -4.94
C PHE D 219 -20.70 -15.68 -5.33
N GLY D 220 -20.92 -16.56 -4.35
CA GLY D 220 -21.66 -17.83 -4.52
C GLY D 220 -20.80 -18.92 -5.12
N ASN D 221 -19.46 -18.76 -5.09
CA ASN D 221 -18.45 -19.69 -5.65
C ASN D 221 -17.49 -20.12 -4.55
N ILE D 222 -17.84 -21.17 -3.81
CA ILE D 222 -17.06 -21.67 -2.64
C ILE D 222 -15.67 -22.10 -3.10
N GLU D 223 -15.52 -22.61 -4.32
CA GLU D 223 -14.20 -23.15 -4.75
C GLU D 223 -13.23 -21.98 -4.99
N ALA D 224 -13.71 -20.90 -5.62
CA ALA D 224 -12.92 -19.66 -5.85
C ALA D 224 -12.43 -19.10 -4.51
N MET D 225 -13.29 -19.15 -3.50
CA MET D 225 -12.98 -18.63 -2.15
C MET D 225 -11.95 -19.56 -1.49
N ARG D 226 -12.12 -20.87 -1.54
CA ARG D 226 -11.15 -21.85 -0.99
C ARG D 226 -9.77 -21.54 -1.57
N THR D 227 -9.71 -21.42 -2.89
CA THR D 227 -8.48 -21.11 -3.66
C THR D 227 -7.81 -19.87 -3.04
N ALA D 228 -8.57 -18.80 -2.86
CA ALA D 228 -8.07 -17.49 -2.41
C ALA D 228 -7.47 -17.64 -1.01
N LEU D 229 -8.16 -18.37 -0.12
CA LEU D 229 -7.69 -18.59 1.27
C LEU D 229 -6.42 -19.43 1.26
N ASN D 230 -6.42 -20.45 0.41
CA ASN D 230 -5.31 -21.42 0.31
C ASN D 230 -4.06 -20.74 -0.24
N GLU D 231 -4.21 -19.96 -1.32
CA GLU D 231 -3.11 -19.23 -2.01
C GLU D 231 -2.55 -18.19 -1.04
N CYS D 232 -3.41 -17.49 -0.29
CA CYS D 232 -2.99 -16.51 0.73
C CYS D 232 -2.17 -17.20 1.83
N LYS D 233 -2.56 -18.41 2.23
CA LYS D 233 -1.83 -19.23 3.24
C LYS D 233 -0.44 -19.63 2.70
N LYS D 234 -0.39 -20.11 1.45
CA LYS D 234 0.88 -20.51 0.79
C LYS D 234 1.89 -19.35 0.77
N THR D 235 1.44 -18.12 0.48
CA THR D 235 2.33 -16.94 0.22
C THR D 235 2.58 -16.15 1.50
N GLY D 236 2.05 -16.62 2.63
CA GLY D 236 2.25 -15.96 3.93
C GLY D 236 1.38 -14.70 4.12
N ASP D 237 0.31 -14.53 3.33
CA ASP D 237 -0.64 -13.39 3.37
C ASP D 237 -1.98 -13.90 3.88
N ASP D 238 -1.95 -14.60 5.01
CA ASP D 238 -3.10 -15.36 5.58
C ASP D 238 -4.30 -14.44 5.79
N VAL D 239 -5.49 -14.98 5.61
CA VAL D 239 -6.76 -14.21 5.58
C VAL D 239 -7.24 -14.02 7.04
N ALA D 240 -7.44 -12.77 7.43
CA ALA D 240 -7.97 -12.36 8.76
C ALA D 240 -9.47 -12.65 8.79
N ALA D 241 -10.19 -12.28 7.72
CA ALA D 241 -11.66 -12.36 7.68
C ALA D 241 -12.15 -12.48 6.26
N VAL D 242 -13.28 -13.15 6.13
CA VAL D 242 -14.19 -13.04 4.95
C VAL D 242 -15.37 -12.17 5.35
N ILE D 243 -15.68 -11.20 4.50
CA ILE D 243 -16.90 -10.36 4.65
C ILE D 243 -17.77 -10.58 3.41
N LEU D 244 -19.07 -10.81 3.62
CA LEU D 244 -20.04 -10.96 2.51
C LEU D 244 -21.44 -10.60 3.00
N GLU D 245 -22.26 -10.14 2.06
CA GLU D 245 -23.72 -10.06 2.26
C GLU D 245 -24.28 -11.46 2.04
N PRO D 246 -25.25 -11.94 2.85
CA PRO D 246 -25.88 -13.24 2.60
C PRO D 246 -26.58 -13.28 1.23
N ILE D 247 -27.08 -12.11 0.80
CA ILE D 247 -27.70 -11.84 -0.53
C ILE D 247 -27.23 -10.45 -0.92
N GLN D 248 -26.72 -10.27 -2.13
CA GLN D 248 -26.18 -8.97 -2.54
C GLN D 248 -27.36 -8.09 -2.93
N GLY D 249 -27.56 -6.98 -2.21
CA GLY D 249 -28.58 -5.98 -2.53
C GLY D 249 -28.18 -5.16 -3.74
N GLU D 250 -27.14 -4.34 -3.61
CA GLU D 250 -26.76 -3.34 -4.66
C GLU D 250 -26.28 -4.11 -5.89
N GLY D 251 -25.79 -5.33 -5.68
CA GLY D 251 -25.43 -6.31 -6.73
C GLY D 251 -26.61 -6.66 -7.64
N GLY D 252 -27.85 -6.43 -7.19
CA GLY D 252 -29.10 -6.63 -7.95
C GLY D 252 -29.94 -7.80 -7.42
N VAL D 253 -29.92 -8.05 -6.11
CA VAL D 253 -30.58 -9.20 -5.42
C VAL D 253 -30.02 -10.50 -5.97
N ILE D 254 -28.77 -10.75 -5.62
CA ILE D 254 -28.01 -11.93 -6.11
C ILE D 254 -28.07 -12.95 -4.99
N LEU D 255 -28.79 -14.03 -5.25
CA LEU D 255 -28.96 -15.13 -4.29
C LEU D 255 -27.82 -16.13 -4.51
N PRO D 256 -27.11 -16.50 -3.43
CA PRO D 256 -26.07 -17.53 -3.53
C PRO D 256 -26.71 -18.90 -3.72
N PRO D 257 -25.98 -19.94 -4.17
CA PRO D 257 -26.58 -21.28 -4.23
C PRO D 257 -26.84 -21.70 -2.80
N PRO D 258 -27.87 -22.52 -2.56
CA PRO D 258 -28.20 -22.94 -1.21
C PRO D 258 -27.01 -23.71 -0.60
N GLY D 259 -26.77 -23.54 0.70
CA GLY D 259 -25.66 -24.15 1.46
C GLY D 259 -24.35 -23.35 1.39
N TYR D 260 -24.25 -22.36 0.48
CA TYR D 260 -23.05 -21.50 0.28
C TYR D 260 -22.56 -20.87 1.60
N LEU D 261 -23.46 -20.21 2.29
CA LEU D 261 -23.17 -19.53 3.57
C LEU D 261 -22.60 -20.54 4.58
N THR D 262 -23.19 -21.72 4.67
CA THR D 262 -22.81 -22.80 5.59
C THR D 262 -21.38 -23.21 5.27
N ALA D 263 -21.07 -23.32 3.96
CA ALA D 263 -19.77 -23.76 3.43
C ALA D 263 -18.71 -22.68 3.75
N VAL D 264 -19.05 -21.40 3.56
CA VAL D 264 -18.16 -20.26 3.88
C VAL D 264 -17.79 -20.31 5.36
N ARG D 265 -18.74 -20.66 6.22
CA ARG D 265 -18.55 -20.77 7.69
C ARG D 265 -17.57 -21.89 7.98
N LYS D 266 -17.76 -23.08 7.41
CA LYS D 266 -16.81 -24.21 7.63
C LYS D 266 -15.43 -23.83 7.08
N LEU D 267 -15.39 -23.18 5.92
CA LEU D 267 -14.15 -22.75 5.23
C LEU D 267 -13.40 -21.75 6.12
N CYS D 268 -14.08 -20.72 6.64
CA CYS D 268 -13.52 -19.77 7.64
C CYS D 268 -13.04 -20.55 8.88
N ASP D 269 -13.84 -21.49 9.40
CA ASP D 269 -13.44 -22.28 10.59
C ASP D 269 -12.14 -23.04 10.32
N GLU D 270 -11.98 -23.57 9.11
CA GLU D 270 -10.84 -24.45 8.73
C GLU D 270 -9.56 -23.62 8.69
N PHE D 271 -9.59 -22.44 8.07
CA PHE D 271 -8.41 -21.55 7.84
C PHE D 271 -8.16 -20.62 9.03
N GLY D 272 -9.03 -20.63 10.05
CA GLY D 272 -8.96 -19.73 11.22
C GLY D 272 -9.21 -18.27 10.87
N ALA D 273 -10.03 -18.00 9.84
CA ALA D 273 -10.47 -16.64 9.43
C ALA D 273 -11.80 -16.31 10.11
N LEU D 274 -12.02 -15.03 10.43
CA LEU D 274 -13.32 -14.58 11.02
C LEU D 274 -14.34 -14.41 9.90
N MET D 275 -15.57 -14.80 10.19
CA MET D 275 -16.70 -14.62 9.26
C MET D 275 -17.47 -13.35 9.64
N ILE D 276 -17.48 -12.38 8.73
CA ILE D 276 -18.26 -11.13 8.88
C ILE D 276 -19.45 -11.20 7.93
N LEU D 277 -20.66 -11.15 8.49
CA LEU D 277 -21.90 -11.04 7.69
C LEU D 277 -22.42 -9.61 7.74
N ASP D 278 -22.52 -9.00 6.56
CA ASP D 278 -23.13 -7.65 6.34
C ASP D 278 -24.63 -7.82 6.10
N GLU D 279 -25.42 -7.78 7.17
CA GLU D 279 -26.90 -7.87 7.12
C GLU D 279 -27.52 -6.48 7.26
N VAL D 280 -26.75 -5.45 6.94
CA VAL D 280 -27.26 -4.06 6.89
C VAL D 280 -28.55 -4.04 6.06
N GLN D 281 -28.59 -4.74 4.94
CA GLN D 281 -29.75 -4.64 4.02
C GLN D 281 -30.67 -5.86 4.09
N THR D 282 -30.19 -7.01 4.54
CA THR D 282 -31.00 -8.25 4.66
C THR D 282 -31.55 -8.46 6.08
N GLY D 283 -31.24 -7.57 7.02
CA GLY D 283 -31.59 -7.75 8.44
C GLY D 283 -32.95 -7.18 8.79
N MET D 284 -33.37 -7.42 10.03
CA MET D 284 -34.67 -6.94 10.58
C MET D 284 -35.84 -7.45 9.73
N GLY D 285 -35.83 -8.75 9.39
CA GLY D 285 -37.01 -9.48 8.89
C GLY D 285 -37.19 -9.43 7.38
N ARG D 286 -36.40 -8.64 6.65
CA ARG D 286 -36.69 -8.33 5.21
C ARG D 286 -36.74 -9.58 4.31
N THR D 287 -35.97 -10.65 4.60
CA THR D 287 -35.87 -11.82 3.70
C THR D 287 -36.82 -12.93 4.14
N GLY D 288 -37.61 -12.69 5.19
CA GLY D 288 -38.55 -13.70 5.71
C GLY D 288 -38.09 -14.27 7.04
N LYS D 289 -36.88 -13.94 7.48
CA LYS D 289 -36.44 -14.20 8.86
C LYS D 289 -35.85 -12.90 9.40
N MET D 290 -35.64 -12.84 10.72
CA MET D 290 -35.09 -11.64 11.39
C MET D 290 -33.73 -11.33 10.74
N PHE D 291 -32.90 -12.34 10.47
CA PHE D 291 -31.63 -12.22 9.72
C PHE D 291 -31.57 -13.32 8.64
N ALA D 292 -31.04 -13.00 7.47
CA ALA D 292 -30.89 -13.97 6.36
C ALA D 292 -29.96 -15.13 6.78
N CYS D 293 -29.10 -14.98 7.77
CA CYS D 293 -28.20 -16.07 8.25
C CYS D 293 -29.02 -17.14 8.97
N GLU D 294 -30.28 -16.86 9.31
CA GLU D 294 -31.16 -17.84 10.00
C GLU D 294 -31.73 -18.86 9.02
N HIS D 295 -31.82 -18.56 7.72
CA HIS D 295 -32.27 -19.51 6.67
C HIS D 295 -31.45 -20.81 6.77
N GLU D 296 -30.13 -20.69 6.95
CA GLU D 296 -29.21 -21.85 7.01
C GLU D 296 -28.71 -22.11 8.44
N ASN D 297 -29.20 -21.35 9.42
CA ASN D 297 -28.71 -21.40 10.82
C ASN D 297 -27.17 -21.24 10.84
N VAL D 298 -26.68 -20.20 10.15
CA VAL D 298 -25.22 -19.82 10.12
C VAL D 298 -24.98 -18.75 11.19
N GLN D 299 -24.02 -18.99 12.08
CA GLN D 299 -23.51 -18.01 13.07
C GLN D 299 -22.20 -17.41 12.57
N PRO D 300 -22.18 -16.15 12.11
CA PRO D 300 -20.93 -15.45 11.81
C PRO D 300 -20.24 -15.07 13.12
N ASP D 301 -18.98 -14.68 13.05
CA ASP D 301 -18.19 -14.19 14.22
C ASP D 301 -18.65 -12.78 14.53
N ILE D 302 -18.97 -12.02 13.48
CA ILE D 302 -19.34 -10.59 13.53
C ILE D 302 -20.51 -10.37 12.57
N LEU D 303 -21.54 -9.69 13.05
CA LEU D 303 -22.77 -9.36 12.32
C LEU D 303 -22.95 -7.84 12.27
N CYS D 304 -23.23 -7.31 11.08
CA CYS D 304 -23.43 -5.86 10.83
C CYS D 304 -24.90 -5.59 10.54
N LEU D 305 -25.44 -4.58 11.23
CA LEU D 305 -26.85 -4.14 11.10
C LEU D 305 -26.89 -2.63 10.97
N ALA D 306 -27.83 -2.15 10.18
CA ALA D 306 -28.25 -0.73 10.10
C ALA D 306 -29.62 -0.68 9.41
N LYS D 307 -29.86 0.34 8.58
CA LYS D 307 -31.12 0.63 7.86
C LYS D 307 -32.33 0.39 8.79
N ALA D 308 -33.02 -0.75 8.63
CA ALA D 308 -34.32 -1.01 9.28
C ALA D 308 -34.17 -1.06 10.81
N LEU D 309 -32.98 -1.30 11.36
CA LEU D 309 -32.82 -1.39 12.83
C LEU D 309 -33.33 -0.10 13.51
N GLY D 310 -33.34 1.05 12.82
CA GLY D 310 -33.77 2.35 13.39
C GLY D 310 -35.26 2.60 13.21
N GLY D 311 -35.96 1.69 12.54
CA GLY D 311 -37.43 1.72 12.47
C GLY D 311 -37.95 2.73 11.46
N GLY D 312 -37.09 3.25 10.58
CA GLY D 312 -37.43 4.32 9.61
C GLY D 312 -37.71 5.63 10.33
N VAL D 313 -37.17 5.76 11.53
CA VAL D 313 -37.27 7.02 12.33
C VAL D 313 -35.86 7.55 12.63
N MET D 314 -34.97 6.70 13.17
CA MET D 314 -33.59 7.08 13.59
C MET D 314 -32.51 6.42 12.72
N PRO D 315 -31.40 7.14 12.44
CA PRO D 315 -30.19 6.52 11.92
C PRO D 315 -29.52 5.76 13.07
N ILE D 316 -29.22 4.48 12.84
CA ILE D 316 -28.44 3.63 13.79
C ILE D 316 -27.71 2.55 12.98
N GLY D 317 -26.55 2.13 13.48
CA GLY D 317 -25.87 0.89 13.08
C GLY D 317 -25.52 0.08 14.31
N ALA D 318 -25.38 -1.23 14.15
CA ALA D 318 -24.92 -2.13 15.24
C ALA D 318 -23.93 -3.13 14.65
N THR D 319 -22.85 -3.35 15.38
CA THR D 319 -21.88 -4.42 15.10
C THR D 319 -21.92 -5.35 16.31
N ILE D 320 -22.34 -6.59 16.10
CA ILE D 320 -22.44 -7.60 17.19
C ILE D 320 -21.41 -8.69 16.88
N ALA D 321 -20.77 -9.21 17.91
CA ALA D 321 -19.68 -10.20 17.79
C ALA D 321 -19.66 -11.11 19.01
N THR D 322 -18.96 -12.22 18.91
CA THR D 322 -18.65 -13.17 20.01
C THR D 322 -17.87 -12.44 21.10
N GLU D 323 -17.93 -12.93 22.34
CA GLU D 323 -17.07 -12.47 23.45
C GLU D 323 -15.61 -12.66 23.04
N GLU D 324 -15.32 -13.77 22.36
CA GLU D 324 -13.96 -14.17 21.91
C GLU D 324 -13.34 -13.02 21.11
N VAL D 325 -14.07 -12.46 20.14
CA VAL D 325 -13.61 -11.39 19.20
C VAL D 325 -13.71 -10.02 19.87
N PHE D 326 -14.86 -9.71 20.47
CA PHE D 326 -15.16 -8.35 21.00
C PHE D 326 -14.22 -8.04 22.15
N SER D 327 -13.77 -9.06 22.90
CA SER D 327 -12.93 -8.91 24.12
C SER D 327 -11.64 -8.13 23.82
N VAL D 328 -11.36 -7.89 22.53
CA VAL D 328 -10.21 -7.03 22.10
C VAL D 328 -10.41 -5.59 22.60
N LEU D 329 -11.66 -5.19 22.92
CA LEU D 329 -12.02 -3.80 23.33
C LEU D 329 -12.11 -3.66 24.86
N PHE D 330 -11.88 -4.72 25.63
CA PHE D 330 -12.12 -4.78 27.09
C PHE D 330 -11.04 -4.06 27.89
N ASP D 331 -9.75 -4.20 27.51
CA ASP D 331 -8.61 -3.65 28.28
C ASP D 331 -8.53 -2.14 28.05
N ASN D 332 -8.81 -1.68 26.83
CA ASN D 332 -8.92 -0.24 26.48
C ASN D 332 -10.26 -0.02 25.79
N PRO D 333 -11.30 0.35 26.55
CA PRO D 333 -12.63 0.56 25.97
C PRO D 333 -12.74 1.82 25.09
N PHE D 334 -11.68 2.60 24.94
CA PHE D 334 -11.66 3.78 24.04
C PHE D 334 -10.99 3.42 22.72
N LEU D 335 -10.63 2.16 22.54
CA LEU D 335 -9.90 1.73 21.33
C LEU D 335 -10.75 2.01 20.09
N HIS D 336 -12.05 1.76 20.19
CA HIS D 336 -13.07 2.15 19.18
C HIS D 336 -14.23 2.84 19.91
N THR D 337 -14.57 4.04 19.47
CA THR D 337 -15.66 4.88 20.02
C THR D 337 -16.30 5.69 18.90
N THR D 338 -17.48 6.27 19.19
CA THR D 338 -18.16 7.27 18.33
C THR D 338 -18.89 8.18 19.31
N THR D 339 -19.17 9.42 18.90
N THR D 339 -19.22 9.39 18.85
CA THR D 339 -19.81 10.45 19.75
CA THR D 339 -19.79 10.48 19.68
C THR D 339 -21.31 10.14 19.88
C THR D 339 -21.30 10.23 19.85
N PHE D 340 -21.98 9.93 18.76
CA PHE D 340 -23.46 9.78 18.70
C PHE D 340 -23.92 8.32 18.88
N GLY D 341 -23.03 7.34 18.78
CA GLY D 341 -23.40 5.91 18.65
C GLY D 341 -24.04 5.39 19.91
N GLY D 342 -25.16 4.67 19.78
CA GLY D 342 -25.88 4.11 20.94
C GLY D 342 -26.59 5.22 21.72
N ASN D 343 -26.89 6.35 21.08
CA ASN D 343 -27.68 7.44 21.71
C ASN D 343 -29.08 6.91 22.06
N PRO D 344 -29.67 7.46 23.13
CA PRO D 344 -31.01 7.05 23.58
C PRO D 344 -32.15 7.12 22.56
N LEU D 345 -32.26 8.16 21.72
CA LEU D 345 -33.28 8.19 20.63
C LEU D 345 -33.11 6.95 19.73
N ALA D 346 -31.90 6.76 19.23
CA ALA D 346 -31.62 5.64 18.31
C ALA D 346 -31.97 4.33 19.01
N CYS D 347 -31.55 4.13 20.27
CA CYS D 347 -31.78 2.87 21.05
C CYS D 347 -33.29 2.64 21.21
N ALA D 348 -34.01 3.68 21.64
CA ALA D 348 -35.47 3.68 21.75
C ALA D 348 -36.08 3.20 20.43
N ALA D 349 -35.62 3.76 19.30
CA ALA D 349 -36.17 3.46 17.95
C ALA D 349 -35.93 1.98 17.62
N ALA D 350 -34.74 1.49 17.91
CA ALA D 350 -34.35 0.10 17.62
C ALA D 350 -35.16 -0.83 18.53
N LEU D 351 -35.30 -0.49 19.81
CA LEU D 351 -35.97 -1.38 20.79
C LEU D 351 -37.43 -1.53 20.38
N ALA D 352 -38.02 -0.43 19.93
CA ALA D 352 -39.41 -0.38 19.40
C ALA D 352 -39.48 -1.27 18.17
N THR D 353 -38.54 -1.11 17.25
CA THR D 353 -38.53 -1.83 15.94
C THR D 353 -38.51 -3.33 16.19
N ILE D 354 -37.63 -3.82 17.06
CA ILE D 354 -37.56 -5.26 17.45
C ILE D 354 -38.89 -5.67 18.05
N ASN D 355 -39.42 -4.89 18.98
CA ASN D 355 -40.72 -5.20 19.61
C ASN D 355 -41.79 -5.38 18.52
N VAL D 356 -41.85 -4.45 17.56
CA VAL D 356 -42.88 -4.43 16.48
C VAL D 356 -42.72 -5.68 15.61
N LEU D 357 -41.50 -5.96 15.14
CA LEU D 357 -41.22 -7.08 14.20
C LEU D 357 -41.66 -8.41 14.84
N LEU D 358 -41.38 -8.60 16.12
CA LEU D 358 -41.66 -9.86 16.85
C LEU D 358 -43.17 -9.94 17.17
N GLU D 359 -43.75 -8.90 17.77
CA GLU D 359 -45.18 -8.85 18.15
C GLU D 359 -46.07 -9.18 16.96
N GLN D 360 -45.80 -8.59 15.79
CA GLN D 360 -46.67 -8.69 14.59
C GLN D 360 -46.17 -9.74 13.60
N ASN D 361 -45.13 -10.49 13.92
CA ASN D 361 -44.58 -11.59 13.07
C ASN D 361 -44.35 -11.06 11.65
N LEU D 362 -43.77 -9.87 11.49
CA LEU D 362 -43.54 -9.24 10.16
C LEU D 362 -42.53 -10.04 9.33
N PRO D 363 -41.55 -10.78 9.92
CA PRO D 363 -40.73 -11.71 9.14
C PRO D 363 -41.61 -12.69 8.36
N ALA D 364 -42.54 -13.34 9.03
CA ALA D 364 -43.49 -14.26 8.39
C ALA D 364 -44.27 -13.51 7.29
N GLN D 365 -44.67 -12.27 7.52
CA GLN D 365 -45.46 -11.50 6.53
C GLN D 365 -44.59 -11.25 5.28
N ALA D 366 -43.32 -10.93 5.49
CA ALA D 366 -42.37 -10.62 4.40
C ALA D 366 -42.27 -11.84 3.49
N GLU D 367 -42.16 -13.02 4.09
CA GLU D 367 -42.13 -14.32 3.37
C GLU D 367 -43.37 -14.43 2.47
N GLN D 368 -44.56 -14.28 3.05
CA GLN D 368 -45.84 -14.50 2.34
C GLN D 368 -45.97 -13.47 1.23
N LYS D 369 -45.73 -12.20 1.55
CA LYS D 369 -45.98 -11.06 0.63
C LYS D 369 -44.92 -11.06 -0.45
N GLY D 370 -43.68 -11.39 -0.10
CA GLY D 370 -42.57 -11.54 -1.06
C GLY D 370 -42.85 -12.66 -2.04
N ASP D 371 -43.28 -13.81 -1.55
CA ASP D 371 -43.67 -14.95 -2.41
C ASP D 371 -44.75 -14.49 -3.40
N MET D 372 -45.74 -13.76 -2.89
N MET D 372 -45.75 -13.77 -2.91
CA MET D 372 -46.89 -13.25 -3.68
CA MET D 372 -46.85 -13.31 -3.79
C MET D 372 -46.36 -12.28 -4.75
C MET D 372 -46.27 -12.33 -4.80
N LEU D 373 -45.59 -11.29 -4.33
CA LEU D 373 -45.04 -10.23 -5.23
C LEU D 373 -44.07 -10.83 -6.27
N LEU D 374 -43.18 -11.72 -5.85
CA LEU D 374 -42.19 -12.36 -6.75
C LEU D 374 -42.94 -13.17 -7.81
N ASP D 375 -43.97 -13.94 -7.41
CA ASP D 375 -44.83 -14.71 -8.35
C ASP D 375 -45.40 -13.74 -9.37
N GLY D 376 -45.96 -12.64 -8.89
CA GLY D 376 -46.50 -11.58 -9.77
C GLY D 376 -45.48 -11.12 -10.78
N PHE D 377 -44.25 -10.82 -10.34
CA PHE D 377 -43.20 -10.26 -11.19
C PHE D 377 -42.71 -11.31 -12.18
N ARG D 378 -42.45 -12.53 -11.71
N ARG D 378 -42.47 -12.54 -11.71
CA ARG D 378 -42.02 -13.67 -12.56
CA ARG D 378 -42.03 -13.67 -12.57
C ARG D 378 -43.05 -13.85 -13.69
C ARG D 378 -43.05 -13.88 -13.69
N GLN D 379 -44.34 -13.69 -13.39
CA GLN D 379 -45.42 -13.84 -14.40
C GLN D 379 -45.33 -12.70 -15.42
N LEU D 380 -45.14 -11.47 -14.97
CA LEU D 380 -44.95 -10.30 -15.88
C LEU D 380 -43.67 -10.47 -16.72
N ALA D 381 -42.68 -11.17 -16.17
CA ALA D 381 -41.42 -11.48 -16.89
C ALA D 381 -41.75 -12.43 -18.05
N ARG D 382 -42.53 -13.48 -17.76
CA ARG D 382 -43.02 -14.45 -18.78
C ARG D 382 -43.75 -13.68 -19.87
N GLU D 383 -44.53 -12.68 -19.51
CA GLU D 383 -45.42 -11.95 -20.44
C GLU D 383 -44.62 -10.93 -21.25
N TYR D 384 -43.54 -10.39 -20.69
CA TYR D 384 -42.77 -9.28 -21.31
C TYR D 384 -41.29 -9.63 -21.34
N PRO D 385 -40.92 -10.69 -22.08
CA PRO D 385 -39.51 -11.06 -22.26
C PRO D 385 -38.74 -10.11 -23.16
N ASP D 386 -39.46 -9.30 -23.95
CA ASP D 386 -38.92 -8.22 -24.81
C ASP D 386 -38.35 -7.08 -23.94
N LEU D 387 -38.82 -6.96 -22.70
CA LEU D 387 -38.49 -5.86 -21.76
C LEU D 387 -37.77 -6.39 -20.53
N VAL D 388 -38.20 -7.54 -20.02
CA VAL D 388 -37.68 -8.08 -18.73
C VAL D 388 -36.82 -9.31 -18.97
N GLN D 389 -35.60 -9.30 -18.42
CA GLN D 389 -34.70 -10.47 -18.45
C GLN D 389 -35.21 -11.46 -17.39
N GLU D 390 -35.34 -11.04 -16.14
CA GLU D 390 -35.73 -11.95 -15.04
C GLU D 390 -36.16 -11.14 -13.81
N ALA D 391 -36.92 -11.75 -12.91
CA ALA D 391 -37.25 -11.25 -11.56
C ALA D 391 -36.76 -12.27 -10.53
N ARG D 392 -36.11 -11.78 -9.47
CA ARG D 392 -35.52 -12.60 -8.37
C ARG D 392 -35.97 -12.00 -7.05
N GLY D 393 -35.81 -12.76 -5.96
CA GLY D 393 -35.99 -12.24 -4.60
C GLY D 393 -35.93 -13.32 -3.54
N LYS D 394 -35.96 -12.88 -2.30
CA LYS D 394 -36.15 -13.70 -1.10
C LYS D 394 -36.86 -12.80 -0.07
N GLY D 395 -38.03 -13.21 0.39
CA GLY D 395 -38.89 -12.32 1.19
C GLY D 395 -39.16 -11.04 0.42
N MET D 396 -39.03 -9.90 1.08
CA MET D 396 -39.39 -8.58 0.51
C MET D 396 -38.14 -7.89 -0.05
N LEU D 397 -37.09 -8.68 -0.29
CA LEU D 397 -35.90 -8.23 -1.04
C LEU D 397 -35.99 -8.79 -2.45
N MET D 398 -36.35 -7.93 -3.39
CA MET D 398 -36.65 -8.35 -4.78
C MET D 398 -36.05 -7.36 -5.77
N ALA D 399 -35.85 -7.84 -7.01
CA ALA D 399 -35.34 -7.07 -8.14
C ALA D 399 -35.95 -7.60 -9.44
N ILE D 400 -36.17 -6.66 -10.37
CA ILE D 400 -36.49 -6.95 -11.78
C ILE D 400 -35.31 -6.50 -12.62
N GLU D 401 -34.64 -7.44 -13.30
CA GLU D 401 -33.58 -7.13 -14.31
C GLU D 401 -34.25 -6.93 -15.67
N PHE D 402 -34.07 -5.76 -16.27
CA PHE D 402 -34.58 -5.46 -17.63
C PHE D 402 -33.52 -5.81 -18.66
N VAL D 403 -33.91 -5.80 -19.93
CA VAL D 403 -33.05 -6.24 -21.07
C VAL D 403 -31.86 -5.28 -21.17
N ASP D 404 -32.09 -3.97 -21.02
CA ASP D 404 -31.02 -2.94 -21.07
C ASP D 404 -31.34 -1.83 -20.07
N ASN D 405 -30.38 -0.93 -19.82
CA ASN D 405 -30.44 0.09 -18.75
C ASN D 405 -31.60 1.05 -19.02
N GLU D 406 -31.75 1.52 -20.25
CA GLU D 406 -32.74 2.58 -20.62
C GLU D 406 -34.16 2.07 -20.39
N ILE D 407 -34.41 0.77 -20.59
CA ILE D 407 -35.72 0.11 -20.32
C ILE D 407 -36.01 0.14 -18.81
N GLY D 408 -35.03 -0.20 -17.96
CA GLY D 408 -35.09 -0.12 -16.49
C GLY D 408 -35.54 1.26 -16.02
N TYR D 409 -34.99 2.31 -16.65
CA TYR D 409 -35.28 3.72 -16.33
C TYR D 409 -36.70 4.04 -16.79
N ASN D 410 -37.13 3.51 -17.94
CA ASN D 410 -38.50 3.76 -18.47
C ASN D 410 -39.52 3.16 -17.51
N PHE D 411 -39.18 2.03 -16.90
CA PHE D 411 -40.06 1.31 -15.93
C PHE D 411 -40.18 2.14 -14.65
N ALA D 412 -39.06 2.55 -14.07
CA ALA D 412 -39.04 3.43 -12.87
C ALA D 412 -39.95 4.63 -13.10
N SER D 413 -39.90 5.26 -14.29
CA SER D 413 -40.67 6.49 -14.65
C SER D 413 -42.14 6.13 -14.75
N GLU D 414 -42.47 5.08 -15.49
CA GLU D 414 -43.87 4.62 -15.70
C GLU D 414 -44.48 4.33 -14.33
N MET D 415 -43.77 3.63 -13.45
CA MET D 415 -44.23 3.32 -12.06
C MET D 415 -44.48 4.60 -11.27
N PHE D 416 -43.56 5.55 -11.37
CA PHE D 416 -43.66 6.87 -10.69
C PHE D 416 -44.88 7.63 -11.22
N ARG D 417 -45.12 7.55 -12.54
CA ARG D 417 -46.28 8.22 -13.18
C ARG D 417 -47.55 7.68 -12.53
N GLN D 418 -47.52 6.42 -12.10
CA GLN D 418 -48.68 5.72 -11.50
C GLN D 418 -48.58 5.71 -9.98
N ARG D 419 -47.73 6.57 -9.42
CA ARG D 419 -47.65 6.81 -7.95
C ARG D 419 -47.23 5.53 -7.23
N VAL D 420 -46.29 4.79 -7.82
CA VAL D 420 -45.57 3.68 -7.13
C VAL D 420 -44.07 3.96 -7.21
N LEU D 421 -43.43 3.95 -6.04
CA LEU D 421 -42.05 4.39 -5.84
C LEU D 421 -41.13 3.17 -5.87
N VAL D 422 -40.29 3.08 -6.90
CA VAL D 422 -39.17 2.12 -7.03
C VAL D 422 -37.92 2.91 -7.42
N ALA D 423 -36.75 2.29 -7.43
CA ALA D 423 -35.54 2.94 -7.97
C ALA D 423 -34.52 1.87 -8.31
N GLY D 424 -33.42 2.27 -8.95
CA GLY D 424 -32.30 1.38 -9.35
C GLY D 424 -31.46 0.91 -8.17
N THR D 425 -30.67 -0.14 -8.42
CA THR D 425 -29.61 -0.69 -7.51
C THR D 425 -28.27 0.01 -7.83
N LEU D 426 -27.33 0.00 -6.87
CA LEU D 426 -26.00 0.67 -6.98
C LEU D 426 -25.06 -0.21 -7.85
N ASN D 427 -24.65 -1.40 -7.39
CA ASN D 427 -23.63 -2.24 -8.09
C ASN D 427 -24.27 -3.07 -9.20
N ASN D 428 -25.27 -2.52 -9.91
CA ASN D 428 -26.04 -3.22 -10.97
C ASN D 428 -26.98 -2.22 -11.68
N ALA D 429 -26.65 -1.87 -12.92
CA ALA D 429 -27.49 -1.03 -13.82
C ALA D 429 -28.69 -1.85 -14.31
N LYS D 430 -29.73 -1.22 -14.88
CA LYS D 430 -30.87 -1.88 -15.60
C LYS D 430 -31.65 -2.84 -14.68
N THR D 431 -31.40 -2.77 -13.37
CA THR D 431 -32.03 -3.61 -12.32
C THR D 431 -32.77 -2.68 -11.35
N ILE D 432 -34.06 -2.93 -11.16
CA ILE D 432 -34.95 -2.13 -10.28
C ILE D 432 -35.21 -2.95 -9.02
N ARG D 433 -34.87 -2.40 -7.86
CA ARG D 433 -35.14 -3.04 -6.53
C ARG D 433 -36.62 -2.84 -6.18
N ILE D 434 -37.24 -3.89 -5.65
CA ILE D 434 -38.57 -3.80 -5.01
C ILE D 434 -38.34 -4.17 -3.55
N GLU D 435 -38.38 -3.17 -2.69
CA GLU D 435 -38.05 -3.28 -1.24
C GLU D 435 -39.14 -2.55 -0.44
N PRO D 436 -40.40 -3.01 -0.50
CA PRO D 436 -41.48 -2.32 0.20
C PRO D 436 -41.39 -2.57 1.70
N PRO D 437 -42.07 -1.73 2.51
CA PRO D 437 -42.26 -2.05 3.92
C PRO D 437 -42.85 -3.46 4.08
N LEU D 438 -42.43 -4.19 5.11
CA LEU D 438 -42.97 -5.54 5.43
C LEU D 438 -44.47 -5.39 5.72
N THR D 439 -44.90 -4.16 6.04
CA THR D 439 -46.29 -3.79 6.42
C THR D 439 -47.15 -3.52 5.17
N LEU D 440 -46.58 -3.60 3.98
CA LEU D 440 -47.37 -3.43 2.73
C LEU D 440 -48.61 -4.35 2.80
N THR D 441 -49.80 -3.83 2.56
CA THR D 441 -51.06 -4.61 2.69
C THR D 441 -51.20 -5.50 1.47
N ILE D 442 -52.00 -6.57 1.59
CA ILE D 442 -52.24 -7.51 0.47
C ILE D 442 -52.84 -6.71 -0.69
N GLU D 443 -53.76 -5.79 -0.41
CA GLU D 443 -54.37 -4.96 -1.47
C GLU D 443 -53.27 -4.13 -2.14
N GLN D 444 -52.36 -3.51 -1.39
CA GLN D 444 -51.27 -2.72 -1.99
C GLN D 444 -50.40 -3.64 -2.84
N CYS D 445 -50.02 -4.81 -2.33
CA CYS D 445 -49.28 -5.85 -3.10
C CYS D 445 -49.92 -6.00 -4.49
N GLU D 446 -51.23 -6.23 -4.53
CA GLU D 446 -52.00 -6.42 -5.80
C GLU D 446 -51.91 -5.15 -6.65
N LEU D 447 -52.06 -3.97 -6.06
CA LEU D 447 -52.00 -2.67 -6.78
C LEU D 447 -50.61 -2.51 -7.41
N VAL D 448 -49.57 -2.95 -6.69
CA VAL D 448 -48.15 -2.88 -7.17
C VAL D 448 -48.03 -3.71 -8.46
N ILE D 449 -48.52 -4.93 -8.43
CA ILE D 449 -48.48 -5.87 -9.59
C ILE D 449 -49.25 -5.25 -10.77
N LYS D 450 -50.41 -4.64 -10.50
CA LYS D 450 -51.25 -4.01 -11.57
C LYS D 450 -50.50 -2.82 -12.15
N ALA D 451 -49.85 -2.00 -11.31
CA ALA D 451 -49.02 -0.85 -11.73
C ALA D 451 -47.87 -1.34 -12.61
N ALA D 452 -47.20 -2.41 -12.20
CA ALA D 452 -46.07 -3.00 -12.97
C ALA D 452 -46.60 -3.40 -14.35
N ARG D 453 -47.74 -4.09 -14.39
N ARG D 453 -47.74 -4.10 -14.38
CA ARG D 453 -48.36 -4.59 -15.65
CA ARG D 453 -48.38 -4.61 -15.61
C ARG D 453 -48.64 -3.40 -16.56
C ARG D 453 -48.64 -3.41 -16.54
N LYS D 454 -49.31 -2.37 -16.03
CA LYS D 454 -49.68 -1.16 -16.79
C LYS D 454 -48.39 -0.52 -17.34
N ALA D 455 -47.32 -0.50 -16.54
CA ALA D 455 -46.03 0.12 -16.91
C ALA D 455 -45.43 -0.61 -18.11
N LEU D 456 -45.35 -1.94 -18.05
CA LEU D 456 -44.74 -2.79 -19.10
C LEU D 456 -45.53 -2.66 -20.41
N ALA D 457 -46.87 -2.66 -20.33
CA ALA D 457 -47.77 -2.51 -21.50
C ALA D 457 -47.50 -1.17 -22.19
N ALA D 458 -47.37 -0.08 -21.42
CA ALA D 458 -47.09 1.28 -21.93
C ALA D 458 -45.69 1.31 -22.58
N MET D 459 -44.71 0.67 -21.93
CA MET D 459 -43.31 0.57 -22.43
C MET D 459 -43.28 -0.16 -23.78
N ARG D 460 -44.06 -1.23 -23.91
CA ARG D 460 -44.11 -2.04 -25.17
C ARG D 460 -44.59 -1.13 -26.31
N VAL D 461 -45.66 -0.37 -26.06
CA VAL D 461 -46.26 0.61 -27.03
C VAL D 461 -45.16 1.59 -27.45
N SER D 462 -44.49 2.25 -26.50
CA SER D 462 -43.37 3.19 -26.75
C SER D 462 -42.40 2.59 -27.76
N VAL D 463 -41.88 1.39 -27.47
CA VAL D 463 -40.93 0.66 -28.35
C VAL D 463 -41.60 0.46 -29.73
N GLU D 464 -42.69 -0.31 -29.78
CA GLU D 464 -43.48 -0.62 -31.02
C GLU D 464 -43.93 0.66 -31.77
N GLU D 465 -43.88 1.87 -31.20
CA GLU D 465 -44.10 3.16 -31.92
C GLU D 465 -43.19 3.19 -33.17
N ALA D 466 -43.62 2.53 -34.25
CA ALA D 466 -42.88 2.26 -35.51
C ALA D 466 -41.37 2.16 -35.21
N LEU D 467 -40.98 1.19 -34.37
CA LEU D 467 -39.57 0.82 -34.07
C LEU D 467 -39.56 -0.40 -33.14
N GLU D 468 -38.45 -1.13 -33.09
CA GLU D 468 -38.24 -2.34 -32.22
C GLU D 468 -37.10 -3.19 -32.80
N VAL D 469 -37.32 -3.85 -33.95
CA VAL D 469 -36.29 -4.67 -34.65
C VAL D 469 -35.09 -3.75 -34.98
N SER D 470 -33.90 -4.34 -35.04
CA SER D 470 -32.59 -3.65 -35.18
C SER D 470 -31.49 -4.71 -35.19
N ALA D 471 -31.86 -6.00 -35.29
CA ALA D 471 -30.97 -7.19 -35.19
C ALA D 471 -29.75 -7.02 -36.11
N LYS D 472 -29.92 -7.17 -37.43
CA LYS D 472 -28.83 -7.04 -38.44
C LYS D 472 -28.13 -5.68 -38.27
N GLU D 473 -28.91 -4.62 -38.07
CA GLU D 473 -28.42 -3.26 -37.68
C GLU D 473 -27.33 -3.39 -36.60
N GLN D 474 -27.48 -4.32 -35.64
CA GLN D 474 -26.51 -4.63 -34.55
C GLN D 474 -25.39 -5.58 -35.02
N GLN D 475 -25.76 -6.74 -35.58
CA GLN D 475 -24.85 -7.77 -36.17
C GLN D 475 -23.81 -7.12 -37.10
N ASN D 476 -24.23 -6.16 -37.92
CA ASN D 476 -23.37 -5.33 -38.82
C ASN D 476 -22.26 -4.68 -37.98
N ALA D 477 -22.63 -4.06 -36.85
CA ALA D 477 -21.71 -3.35 -35.94
C ALA D 477 -20.71 -4.33 -35.31
N PHE D 478 -21.16 -5.51 -34.88
CA PHE D 478 -20.32 -6.59 -34.29
C PHE D 478 -19.14 -6.89 -35.23
N TYR D 479 -19.43 -7.09 -36.52
CA TYR D 479 -18.46 -7.57 -37.55
C TYR D 479 -17.57 -6.41 -38.00
N GLU D 480 -18.13 -5.22 -38.23
CA GLU D 480 -17.36 -4.00 -38.61
C GLU D 480 -16.31 -3.68 -37.52
N ILE D 481 -16.75 -3.70 -36.24
CA ILE D 481 -15.92 -3.45 -35.00
C ILE D 481 -14.77 -4.46 -34.94
N LEU D 482 -15.03 -5.70 -35.33
CA LEU D 482 -14.10 -6.86 -35.22
C LEU D 482 -13.01 -6.78 -36.31
N HIS D 483 -13.23 -6.00 -37.39
CA HIS D 483 -12.38 -5.93 -38.61
C HIS D 483 -11.50 -4.67 -38.63
N LEU D 484 -11.91 -3.60 -37.94
CA LEU D 484 -11.14 -2.34 -37.80
C LEU D 484 -9.70 -2.69 -37.43
N PRO D 485 -8.71 -2.46 -38.32
CA PRO D 485 -7.38 -3.09 -38.19
C PRO D 485 -6.43 -2.53 -37.11
N ASN D 486 -6.72 -1.37 -36.50
CA ASN D 486 -5.77 -0.64 -35.60
C ASN D 486 -6.16 -0.71 -34.11
N LEU D 487 -7.21 -1.46 -33.72
CA LEU D 487 -7.56 -1.73 -32.29
C LEU D 487 -6.70 -2.90 -31.76
N ASN D 488 -6.29 -2.85 -30.48
CA ASN D 488 -5.72 -4.01 -29.72
C ASN D 488 -6.86 -4.92 -29.26
N GLU D 489 -6.56 -6.09 -28.67
CA GLU D 489 -7.57 -7.15 -28.38
C GLU D 489 -8.37 -6.82 -27.12
N GLU D 490 -7.81 -6.07 -26.16
CA GLU D 490 -8.56 -5.59 -24.96
C GLU D 490 -9.66 -4.59 -25.40
N GLN D 491 -9.36 -3.73 -26.38
CA GLN D 491 -10.24 -2.62 -26.88
C GLN D 491 -11.41 -3.17 -27.70
N ARG D 492 -11.12 -4.03 -28.68
CA ARG D 492 -12.10 -4.76 -29.52
C ARG D 492 -13.05 -5.54 -28.61
N ASN D 493 -12.46 -6.24 -27.61
CA ASN D 493 -13.16 -7.07 -26.59
C ASN D 493 -14.06 -6.18 -25.71
N ALA D 494 -13.60 -4.99 -25.30
CA ALA D 494 -14.37 -4.00 -24.50
C ALA D 494 -15.58 -3.47 -25.28
N PHE D 495 -15.46 -3.26 -26.60
CA PHE D 495 -16.52 -2.69 -27.50
C PHE D 495 -17.58 -3.76 -27.85
N ILE D 496 -17.15 -5.02 -27.98
CA ILE D 496 -18.04 -6.17 -28.30
C ILE D 496 -18.80 -6.61 -27.02
N GLN D 497 -18.20 -6.52 -25.82
CA GLN D 497 -18.88 -6.77 -24.50
C GLN D 497 -19.97 -5.71 -24.27
N SER D 498 -19.67 -4.43 -24.56
CA SER D 498 -20.62 -3.28 -24.57
C SER D 498 -21.82 -3.58 -25.50
N LEU D 499 -21.54 -4.04 -26.73
CA LEU D 499 -22.53 -4.25 -27.82
C LEU D 499 -23.53 -5.38 -27.47
N LYS D 500 -23.06 -6.55 -26.99
CA LYS D 500 -23.90 -7.73 -26.65
C LYS D 500 -24.63 -7.46 -25.32
N ASP D 501 -23.95 -6.81 -24.38
CA ASP D 501 -24.49 -6.40 -23.05
C ASP D 501 -25.64 -5.37 -23.23
N ASP D 502 -25.59 -4.52 -24.26
CA ASP D 502 -26.61 -3.47 -24.55
C ASP D 502 -26.72 -3.21 -26.05
N PRO D 503 -27.48 -4.02 -26.83
CA PRO D 503 -27.51 -3.92 -28.30
C PRO D 503 -28.08 -2.59 -28.84
N SER D 504 -28.75 -1.81 -27.99
CA SER D 504 -29.47 -0.55 -28.35
C SER D 504 -28.50 0.64 -28.47
N GLN D 505 -27.19 0.43 -28.32
CA GLN D 505 -26.16 1.50 -28.43
C GLN D 505 -25.15 1.20 -29.54
N SER D 506 -25.56 0.41 -30.55
CA SER D 506 -24.68 -0.10 -31.64
C SER D 506 -24.18 1.06 -32.53
N ALA D 507 -25.03 2.04 -32.83
CA ALA D 507 -24.70 3.25 -33.63
C ALA D 507 -23.60 4.06 -32.91
N ASN D 508 -23.77 4.26 -31.60
CA ASN D 508 -22.90 5.08 -30.71
C ASN D 508 -21.53 4.42 -30.55
N LEU D 509 -21.51 3.12 -30.20
CA LEU D 509 -20.31 2.28 -29.95
C LEU D 509 -19.49 2.11 -31.25
N LEU D 510 -20.17 2.00 -32.40
CA LEU D 510 -19.53 1.89 -33.74
C LEU D 510 -18.75 3.18 -34.04
N ALA D 511 -19.42 4.33 -33.90
CA ALA D 511 -18.85 5.71 -34.06
C ALA D 511 -17.55 5.84 -33.24
N GLU D 512 -17.62 5.44 -31.96
CA GLU D 512 -16.52 5.55 -30.95
C GLU D 512 -15.31 4.73 -31.41
N ALA D 513 -15.55 3.49 -31.85
CA ALA D 513 -14.51 2.50 -32.24
C ALA D 513 -13.80 2.96 -33.52
N LYS D 514 -14.56 3.55 -34.47
CA LYS D 514 -14.04 4.11 -35.75
C LYS D 514 -13.03 5.23 -35.44
N LYS D 515 -13.36 6.08 -34.45
CA LYS D 515 -12.50 7.21 -33.97
C LYS D 515 -11.13 6.71 -33.46
N LEU D 516 -11.12 5.71 -32.57
CA LEU D 516 -9.89 5.20 -31.89
C LEU D 516 -9.05 4.35 -32.86
N ASN D 517 -9.71 3.72 -33.86
CA ASN D 517 -9.04 2.97 -34.96
C ASN D 517 -8.25 3.95 -35.85
N ASP D 518 -8.88 5.05 -36.30
CA ASP D 518 -8.22 6.16 -37.06
C ASP D 518 -7.00 6.67 -36.29
N ALA D 519 -7.10 6.75 -34.95
CA ALA D 519 -6.17 7.44 -34.03
C ALA D 519 -4.89 6.61 -33.76
N GLN D 520 -4.81 5.33 -34.17
CA GLN D 520 -3.63 4.44 -33.91
C GLN D 520 -3.06 3.91 -35.23
N ALA D 521 -3.25 4.62 -36.35
CA ALA D 521 -2.98 4.17 -37.74
C ALA D 521 -1.51 3.75 -37.90
N1 PLP E . 14.04 -16.73 -10.90
C2 PLP E . 14.10 -18.06 -10.97
C2A PLP E . 13.06 -18.81 -11.76
C3 PLP E . 15.16 -18.77 -10.38
O3 PLP E . 15.16 -20.14 -10.52
C4 PLP E . 16.15 -18.06 -9.67
C4A PLP E . 17.24 -18.79 -9.02
O4A PLP E . 17.23 -19.97 -8.67
C5 PLP E . 16.06 -16.64 -9.60
C6 PLP E . 14.99 -16.05 -10.22
C5A PLP E . 17.05 -15.80 -8.83
O4P PLP E . 18.36 -15.65 -9.46
P PLP E . 19.54 -14.96 -8.62
O1P PLP E . 19.06 -13.61 -8.19
O2P PLP E . 20.74 -14.83 -9.52
O3P PLP E . 19.75 -15.90 -7.47
N1 PLP F . 24.20 3.29 -4.05
C2 PLP F . 25.02 4.26 -4.47
C2A PLP F . 25.54 5.27 -3.49
C3 PLP F . 25.41 4.33 -5.83
O3 PLP F . 26.22 5.33 -6.21
C4 PLP F . 24.91 3.36 -6.73
C4A PLP F . 25.28 3.43 -8.16
O4A PLP F . 25.57 4.42 -8.79
C5 PLP F . 24.05 2.35 -6.24
C6 PLP F . 23.73 2.36 -4.91
C5A PLP F . 23.49 1.29 -7.15
O4P PLP F . 24.51 0.30 -7.48
P PLP F . 24.46 -0.58 -8.80
O1P PLP F . 23.14 -1.35 -8.75
O2P PLP F . 25.67 -1.47 -8.67
O3P PLP F . 24.54 0.40 -9.95
N1 PLP G . -12.83 15.01 14.75
C2 PLP G . -12.68 15.63 15.93
C2A PLP G . -11.81 16.84 16.03
C3 PLP G . -13.35 15.16 17.07
O3 PLP G . -13.16 15.83 18.24
C4 PLP G . -14.18 14.02 16.97
C4A PLP G . -14.85 13.52 18.18
O4A PLP G . -14.39 13.52 19.32
C5 PLP G . -14.32 13.39 15.71
C6 PLP G . -13.64 13.94 14.64
C5A PLP G . -15.19 12.17 15.49
O4P PLP G . -16.62 12.46 15.52
P PLP G . -17.64 11.21 15.61
O1P PLP G . -19.04 11.75 15.53
O2P PLP G . -17.29 10.58 16.93
O3P PLP G . -17.37 10.34 14.44
N1 PLP H . -23.95 -2.38 3.56
C2 PLP H . -24.98 -2.74 2.77
C2A PLP H . -25.22 -4.19 2.52
C3 PLP H . -25.83 -1.74 2.22
O3 PLP H . -26.87 -2.15 1.45
C4 PLP H . -25.56 -0.37 2.47
C4A PLP H . -26.42 0.69 1.90
O4A PLP H . -27.17 0.61 0.94
C5 PLP H . -24.47 -0.04 3.30
C6 PLP H . -23.70 -1.07 3.80
C5A PLP H . -24.12 1.38 3.64
O4P PLP H . -24.88 1.87 4.79
P PLP H . -24.95 3.44 5.08
O1P PLP H . -25.84 3.56 6.29
O2P PLP H . -25.55 3.99 3.81
O3P PLP H . -23.52 3.96 5.35
#